data_4JZA
#
_entry.id   4JZA
#
_cell.length_a   89.280
_cell.length_b   119.653
_cell.length_c   133.533
_cell.angle_alpha   90.00
_cell.angle_beta   101.33
_cell.angle_gamma   90.00
#
_symmetry.space_group_name_H-M   'P 1 21 1'
#
loop_
_entity.id
_entity.type
_entity.pdbx_description
1 polymer 'Uncharacterized protein'
2 water water
#
_entity_poly.entity_id   1
_entity_poly.type   'polypeptide(L)'
_entity_poly.pdbx_seq_one_letter_code
;(MSE)GKGIIVRVPHGIELSSELLSALEVRFPGYILETYYQKPDYHRSFARRVDSLHKAFYFLIDAYPFSAKNTPLTKQT
LKAYVDECKLATTDAKGSIDDLHKELERFTAKLIELIALNWGCSEIKEAVELLNEAEQYAL(MSE)GEGRYDLVTLLP
(MSE)QLGQDVDYVLQVDESLPPYYDQLLDELTLIKAKKYPKTPGWLRDLEEYQHAYFCNLDQGVTSYLEVIRDFNNFLL
NWASIKKIALSLNSDLQQIVSGSPPLPSWFNGLSVHQRE(MSE)(MSE)RILAADPTSLDKKLTQFKKFLTGDIKWEIWD
TATQISSLPQWYWVLSEHQQFFLEHVLKGVDDVKDAVSFLSSRHRTLPLPANYAAHSLLGLSENGN(MSE)RELSAKRYR
SSHIATRDGLNWPKAVQQRHSDSNLAKV(MSE)EYSKNDQLAILQTLISPIHATEYVPNWITDYLPTLPPDLDLYKLARS
AVERRKETQSILQNNHPYN(MSE)AKRLYYTQAYDKDSQSLLVTAKKYASFTPGLQELLDQYQSVLESALGTATIFDYAG
RELFLSSLEQLIILTIGGHSYGSCVSGKDRKAIELIHTDA(MSE)ILYKECYGTWPVFDELPDKENRIRFVSLVADLY
(MSE)SRHQHEHAGQNAPGSEGIKTPEWYLPEDIAAEIRKRLDSERSLKDDDRAATDNEVKNIFIGGSKKLKEYLLPEKK
LLCRLVARQLGESNCTKLYDALHSLINERNLFTPQEQSSRWTSSFFSSESNPTPDGIKQILEL(MSE)LSPSSGKDNIIR
IEKILQVVSERPEIDGSRTEATNSVYGRLRSFLNCSEKATTFSEIVSTTVEEWTKLFEESKRAHVKEFESSHR
;
_entity_poly.pdbx_strand_id   A,B
#
# COMPACT_ATOMS: atom_id res chain seq x y z
N MSE A 1 1.11 -1.43 -43.60
CA MSE A 1 0.07 -0.97 -42.59
C MSE A 1 -1.14 -0.37 -43.35
O MSE A 1 -1.48 -0.91 -44.40
CB MSE A 1 0.75 -0.14 -41.49
CG MSE A 1 1.65 -1.07 -40.68
SE MSE A 1 0.50 -2.33 -39.71
CE MSE A 1 1.57 -3.98 -39.64
N GLY A 2 -1.81 0.69 -42.83
CA GLY A 2 -3.15 1.07 -43.38
C GLY A 2 -4.18 0.04 -42.89
N LYS A 3 -4.25 -0.12 -41.56
CA LYS A 3 -4.85 -1.33 -40.96
C LYS A 3 -6.37 -1.46 -41.18
N GLY A 4 -7.08 -0.34 -41.36
CA GLY A 4 -8.50 -0.42 -41.59
C GLY A 4 -9.27 0.62 -40.82
N ILE A 5 -10.60 0.51 -40.93
CA ILE A 5 -11.50 1.51 -40.42
C ILE A 5 -12.74 0.87 -39.80
N ILE A 6 -13.09 1.36 -38.61
CA ILE A 6 -14.29 0.94 -37.96
C ILE A 6 -15.26 2.10 -37.88
N VAL A 7 -16.48 1.85 -38.32
CA VAL A 7 -17.53 2.83 -38.23
C VAL A 7 -18.52 2.28 -37.23
N ARG A 8 -18.75 3.05 -36.17
CA ARG A 8 -19.61 2.68 -35.10
C ARG A 8 -20.90 3.35 -35.40
N VAL A 9 -21.95 2.56 -35.25
CA VAL A 9 -23.25 2.86 -35.76
C VAL A 9 -24.28 2.50 -34.70
N PRO A 10 -25.19 3.39 -34.33
CA PRO A 10 -26.11 3.03 -33.28
C PRO A 10 -26.87 1.78 -33.59
N HIS A 11 -27.12 1.01 -32.53
CA HIS A 11 -27.82 -0.22 -32.64
C HIS A 11 -29.22 0.00 -33.19
N GLY A 12 -29.55 -0.82 -34.19
CA GLY A 12 -30.87 -0.89 -34.73
C GLY A 12 -31.29 0.28 -35.60
N ILE A 13 -30.34 0.97 -36.22
CA ILE A 13 -30.75 1.85 -37.30
C ILE A 13 -30.29 1.16 -38.54
N GLU A 14 -31.16 1.26 -39.54
CA GLU A 14 -30.91 0.66 -40.83
C GLU A 14 -30.34 1.78 -41.68
N LEU A 15 -29.52 1.39 -42.63
CA LEU A 15 -28.83 2.39 -43.39
C LEU A 15 -29.13 2.17 -44.86
N SER A 16 -29.68 3.20 -45.48
CA SER A 16 -29.88 3.20 -46.92
C SER A 16 -28.52 2.95 -47.56
N SER A 17 -28.51 2.19 -48.63
CA SER A 17 -27.27 1.91 -49.31
C SER A 17 -26.64 3.20 -49.86
N GLU A 18 -27.42 4.26 -49.98
CA GLU A 18 -26.83 5.51 -50.43
C GLU A 18 -25.84 5.98 -49.37
N LEU A 19 -26.14 5.76 -48.07
CA LEU A 19 -25.17 6.11 -47.03
C LEU A 19 -24.05 5.08 -46.96
N LEU A 20 -24.37 3.80 -46.86
CA LEU A 20 -23.32 2.76 -46.85
C LEU A 20 -22.27 3.02 -47.93
N SER A 21 -22.75 3.56 -49.04
CA SER A 21 -21.96 3.82 -50.23
C SER A 21 -21.12 5.08 -50.09
N ALA A 22 -21.65 6.11 -49.42
CA ALA A 22 -20.86 7.33 -49.14
C ALA A 22 -19.76 7.02 -48.13
N LEU A 23 -20.06 6.08 -47.24
CA LEU A 23 -19.12 5.61 -46.27
C LEU A 23 -18.03 4.87 -47.01
N GLU A 24 -18.37 3.99 -47.97
CA GLU A 24 -17.30 3.28 -48.76
C GLU A 24 -16.33 4.22 -49.45
N VAL A 25 -16.87 5.30 -49.96
CA VAL A 25 -16.08 6.26 -50.69
C VAL A 25 -15.05 6.92 -49.74
N ARG A 26 -15.54 7.47 -48.62
CA ARG A 26 -14.71 8.21 -47.67
C ARG A 26 -13.82 7.28 -46.83
N PHE A 27 -14.29 6.04 -46.62
CA PHE A 27 -13.68 5.08 -45.67
C PHE A 27 -13.56 3.68 -46.26
N PRO A 28 -12.80 3.55 -47.38
CA PRO A 28 -12.81 2.32 -48.14
C PRO A 28 -12.32 1.13 -47.31
N GLY A 29 -13.03 0.01 -47.44
CA GLY A 29 -12.75 -1.15 -46.63
C GLY A 29 -13.31 -1.12 -45.22
N TYR A 30 -14.16 -0.16 -44.87
CA TYR A 30 -14.59 -0.03 -43.47
C TYR A 30 -15.38 -1.21 -42.95
N ILE A 31 -15.32 -1.43 -41.65
CA ILE A 31 -16.10 -2.45 -40.96
C ILE A 31 -17.13 -1.72 -40.11
N LEU A 32 -18.33 -2.27 -40.04
CA LEU A 32 -19.37 -1.73 -39.20
C LEU A 32 -19.31 -2.38 -37.86
N GLU A 33 -19.60 -1.57 -36.84
CA GLU A 33 -19.66 -1.99 -35.45
C GLU A 33 -20.81 -1.31 -34.79
N THR A 34 -21.57 -2.05 -34.01
CA THR A 34 -22.76 -1.53 -33.38
C THR A 34 -22.48 -1.04 -31.97
N TYR A 35 -23.08 0.10 -31.60
CA TYR A 35 -23.07 0.53 -30.18
C TYR A 35 -24.48 0.81 -29.66
N TYR A 36 -24.62 0.85 -28.34
CA TYR A 36 -25.89 1.09 -27.65
C TYR A 36 -25.86 2.39 -26.85
N GLN A 37 -26.97 2.76 -26.24
CA GLN A 37 -27.05 3.97 -25.45
C GLN A 37 -26.19 3.82 -24.20
N LYS A 38 -26.23 2.61 -23.67
CA LYS A 38 -25.71 2.26 -22.36
C LYS A 38 -24.32 1.67 -22.54
N PRO A 39 -23.32 2.21 -21.84
CA PRO A 39 -22.01 1.55 -21.91
C PRO A 39 -22.10 0.04 -21.64
N ASP A 40 -21.31 -0.74 -22.38
CA ASP A 40 -21.25 -2.19 -22.17
C ASP A 40 -19.97 -2.56 -21.41
N TYR A 41 -20.05 -2.64 -20.09
CA TYR A 41 -18.83 -2.87 -19.33
C TYR A 41 -18.34 -4.33 -19.45
N HIS A 42 -19.24 -5.28 -19.72
CA HIS A 42 -18.78 -6.61 -20.06
C HIS A 42 -17.87 -6.66 -21.28
N ARG A 43 -18.14 -5.83 -22.26
CA ARG A 43 -17.25 -5.73 -23.43
C ARG A 43 -15.85 -5.24 -23.00
N SER A 44 -15.78 -4.18 -22.22
CA SER A 44 -14.50 -3.62 -21.81
C SER A 44 -13.69 -4.64 -20.99
N PHE A 45 -14.41 -5.45 -20.25
CA PHE A 45 -13.80 -6.50 -19.43
C PHE A 45 -13.16 -7.61 -20.29
N ALA A 46 -13.91 -8.13 -21.23
CA ALA A 46 -13.33 -9.11 -22.12
C ALA A 46 -12.16 -8.52 -22.93
N ARG A 47 -12.24 -7.25 -23.31
CA ARG A 47 -11.17 -6.69 -24.14
C ARG A 47 -9.92 -6.63 -23.33
N ARG A 48 -10.04 -6.27 -22.05
CA ARG A 48 -8.85 -6.09 -21.21
C ARG A 48 -8.23 -7.43 -20.86
N VAL A 49 -9.07 -8.39 -20.52
CA VAL A 49 -8.57 -9.73 -20.30
C VAL A 49 -7.80 -10.19 -21.53
N ASP A 50 -8.44 -10.09 -22.69
CA ASP A 50 -7.88 -10.61 -23.93
C ASP A 50 -6.58 -9.91 -24.24
N SER A 51 -6.53 -8.62 -24.08
CA SER A 51 -5.30 -7.89 -24.42
C SER A 51 -4.12 -8.26 -23.54
N LEU A 52 -4.37 -8.50 -22.26
CA LEU A 52 -3.31 -8.84 -21.33
C LEU A 52 -2.82 -10.27 -21.54
N HIS A 53 -3.77 -11.11 -21.91
CA HIS A 53 -3.46 -12.48 -22.32
C HIS A 53 -2.51 -12.34 -23.49
N LYS A 54 -2.91 -11.67 -24.58
CA LYS A 54 -1.93 -11.46 -25.65
C LYS A 54 -0.65 -10.78 -25.16
N ALA A 55 -0.70 -9.94 -24.15
CA ALA A 55 0.54 -9.35 -23.70
C ALA A 55 1.45 -10.35 -23.03
N PHE A 56 0.86 -11.32 -22.32
CA PHE A 56 1.69 -12.41 -21.79
C PHE A 56 2.40 -13.16 -22.92
N TYR A 57 1.67 -13.49 -23.98
CA TYR A 57 2.26 -14.18 -25.10
C TYR A 57 3.36 -13.35 -25.74
N PHE A 58 3.16 -12.05 -25.91
CA PHE A 58 4.24 -11.25 -26.45
C PHE A 58 5.48 -11.38 -25.58
N LEU A 59 5.26 -11.36 -24.28
CA LEU A 59 6.34 -11.34 -23.30
C LEU A 59 7.16 -12.61 -23.41
N ILE A 60 6.46 -13.73 -23.48
CA ILE A 60 7.13 -15.02 -23.43
C ILE A 60 7.86 -15.32 -24.74
N ASP A 61 7.30 -14.86 -25.85
CA ASP A 61 7.94 -15.01 -27.14
C ASP A 61 9.12 -14.00 -27.29
N ALA A 62 9.12 -12.87 -26.61
CA ALA A 62 10.12 -11.81 -26.88
C ALA A 62 11.22 -11.77 -25.85
N TYR A 63 10.90 -12.07 -24.60
CA TYR A 63 11.84 -11.84 -23.53
C TYR A 63 12.35 -13.17 -22.94
N PRO A 64 13.66 -13.47 -23.14
CA PRO A 64 14.24 -14.68 -22.54
C PRO A 64 14.25 -14.68 -21.02
N PHE A 65 13.84 -15.80 -20.43
CA PHE A 65 14.02 -16.06 -19.01
C PHE A 65 15.09 -17.13 -18.90
N SER A 66 16.04 -16.92 -17.99
CA SER A 66 17.00 -17.97 -17.61
C SER A 66 16.33 -19.35 -17.31
N ALA A 67 16.95 -20.43 -17.78
CA ALA A 67 16.42 -21.83 -17.58
C ALA A 67 16.65 -22.32 -16.15
N LYS A 68 17.53 -21.63 -15.46
CA LYS A 68 17.78 -21.82 -14.05
C LYS A 68 16.70 -21.27 -13.12
N ASN A 69 15.78 -20.44 -13.60
CA ASN A 69 14.75 -19.90 -12.68
C ASN A 69 13.76 -20.93 -12.21
N THR A 70 13.45 -21.92 -13.06
CA THR A 70 12.26 -22.77 -12.88
C THR A 70 12.36 -23.91 -13.83
N PRO A 71 11.89 -25.11 -13.42
CA PRO A 71 11.80 -26.25 -14.33
C PRO A 71 10.57 -26.23 -15.25
N LEU A 72 9.89 -25.11 -15.37
CA LEU A 72 8.64 -25.10 -16.08
C LEU A 72 8.91 -24.70 -17.53
N THR A 73 8.11 -25.25 -18.43
CA THR A 73 8.27 -25.02 -19.86
C THR A 73 7.32 -23.91 -20.27
N LYS A 74 7.67 -23.28 -21.38
CA LYS A 74 6.80 -22.36 -22.03
C LYS A 74 5.43 -22.98 -22.24
N GLN A 75 5.40 -24.22 -22.66
CA GLN A 75 4.12 -24.79 -22.93
C GLN A 75 3.26 -24.90 -21.64
N THR A 76 3.85 -25.26 -20.51
CA THR A 76 3.08 -25.29 -19.29
C THR A 76 2.57 -23.89 -18.91
N LEU A 77 3.40 -22.85 -19.02
CA LEU A 77 2.94 -21.49 -18.72
C LEU A 77 1.79 -21.03 -19.56
N LYS A 78 1.92 -21.21 -20.86
CA LYS A 78 0.88 -20.79 -21.76
C LYS A 78 -0.40 -21.57 -21.51
N ALA A 79 -0.30 -22.84 -21.22
CA ALA A 79 -1.54 -23.55 -20.93
C ALA A 79 -2.19 -22.95 -19.67
N TYR A 80 -1.39 -22.61 -18.65
CA TYR A 80 -1.93 -22.05 -17.40
C TYR A 80 -2.61 -20.72 -17.63
N VAL A 81 -1.96 -19.89 -18.36
CA VAL A 81 -2.53 -18.62 -18.76
C VAL A 81 -3.75 -18.72 -19.59
N ASP A 82 -3.78 -19.66 -20.51
CA ASP A 82 -5.02 -19.99 -21.23
C ASP A 82 -6.15 -20.44 -20.33
N GLU A 83 -5.86 -21.18 -19.25
CA GLU A 83 -6.95 -21.61 -18.38
C GLU A 83 -7.44 -20.44 -17.59
N CYS A 84 -6.53 -19.56 -17.15
CA CYS A 84 -6.92 -18.39 -16.35
C CYS A 84 -7.87 -17.54 -17.17
N LYS A 85 -7.58 -17.44 -18.46
CA LYS A 85 -8.42 -16.69 -19.37
C LYS A 85 -9.77 -17.33 -19.56
N LEU A 86 -9.79 -18.65 -19.72
CA LEU A 86 -11.05 -19.34 -19.91
C LEU A 86 -11.97 -19.20 -18.65
N ALA A 87 -11.40 -19.15 -17.47
CA ALA A 87 -12.18 -18.92 -16.28
C ALA A 87 -12.91 -17.56 -16.26
N THR A 88 -12.44 -16.56 -16.99
CA THR A 88 -13.14 -15.28 -17.08
C THR A 88 -14.28 -15.21 -18.13
N THR A 89 -14.45 -16.23 -18.98
CA THR A 89 -15.57 -16.20 -19.95
C THR A 89 -16.93 -16.27 -19.27
N ASP A 90 -16.98 -16.90 -18.10
CA ASP A 90 -18.22 -16.93 -17.32
C ASP A 90 -18.56 -15.60 -16.63
N ALA A 91 -17.56 -14.80 -16.25
CA ALA A 91 -17.81 -13.60 -15.43
C ALA A 91 -19.02 -12.78 -15.91
N LYS A 92 -20.03 -12.65 -15.05
CA LYS A 92 -21.25 -11.85 -15.33
C LYS A 92 -21.45 -10.94 -14.12
N GLY A 93 -22.05 -9.77 -14.35
CA GLY A 93 -22.46 -8.94 -13.22
C GLY A 93 -22.29 -7.44 -13.40
N SER A 94 -22.18 -6.75 -12.28
CA SER A 94 -22.00 -5.32 -12.29
C SER A 94 -20.53 -5.00 -12.61
N ILE A 95 -20.29 -3.77 -13.01
CA ILE A 95 -18.95 -3.31 -13.20
C ILE A 95 -18.03 -3.60 -12.00
N ASP A 96 -18.61 -3.68 -10.80
CA ASP A 96 -17.85 -4.03 -9.61
C ASP A 96 -17.40 -5.45 -9.58
N ASP A 97 -18.27 -6.38 -10.02
CA ASP A 97 -17.97 -7.81 -10.01
C ASP A 97 -16.92 -8.03 -11.05
N LEU A 98 -17.11 -7.45 -12.22
CA LEU A 98 -16.19 -7.59 -13.33
C LEU A 98 -14.82 -6.95 -13.04
N HIS A 99 -14.79 -5.87 -12.26
CA HIS A 99 -13.50 -5.29 -11.96
C HIS A 99 -12.74 -6.23 -11.06
N LYS A 100 -13.47 -7.01 -10.27
CA LYS A 100 -12.81 -7.88 -9.33
C LYS A 100 -12.25 -9.06 -10.08
N GLU A 101 -13.04 -9.70 -10.91
CA GLU A 101 -12.51 -10.71 -11.83
C GLU A 101 -11.27 -10.22 -12.63
N LEU A 102 -11.32 -9.02 -13.17
CA LEU A 102 -10.13 -8.49 -13.81
C LEU A 102 -8.99 -8.42 -12.87
N GLU A 103 -9.19 -7.93 -11.64
CA GLU A 103 -8.06 -7.80 -10.69
C GLU A 103 -7.48 -9.21 -10.42
N ARG A 104 -8.37 -10.20 -10.31
CA ARG A 104 -7.94 -11.54 -10.01
C ARG A 104 -7.12 -12.16 -11.13
N PHE A 105 -7.58 -11.98 -12.36
CA PHE A 105 -6.93 -12.54 -13.55
C PHE A 105 -5.56 -11.88 -13.74
N THR A 106 -5.52 -10.59 -13.52
CA THR A 106 -4.29 -9.87 -13.75
C THR A 106 -3.22 -10.32 -12.71
N ALA A 107 -3.62 -10.39 -11.44
CA ALA A 107 -2.71 -10.84 -10.35
C ALA A 107 -2.15 -12.21 -10.63
N LYS A 108 -2.96 -13.12 -11.18
CA LYS A 108 -2.46 -14.40 -11.60
C LYS A 108 -1.34 -14.29 -12.59
N LEU A 109 -1.44 -13.40 -13.58
CA LEU A 109 -0.38 -13.27 -14.58
C LEU A 109 0.86 -12.68 -14.00
N ILE A 110 0.68 -11.65 -13.18
CA ILE A 110 1.82 -10.92 -12.60
C ILE A 110 2.65 -11.88 -11.76
N GLU A 111 1.96 -12.77 -11.07
CA GLU A 111 2.61 -13.63 -10.11
C GLU A 111 3.38 -14.73 -10.89
N LEU A 112 2.74 -15.27 -11.91
CA LEU A 112 3.38 -16.20 -12.83
C LEU A 112 4.62 -15.59 -13.48
N ILE A 113 4.53 -14.32 -13.85
CA ILE A 113 5.69 -13.58 -14.37
C ILE A 113 6.78 -13.41 -13.32
N ALA A 114 6.43 -13.02 -12.10
CA ALA A 114 7.47 -12.85 -11.10
C ALA A 114 8.21 -14.17 -10.83
N LEU A 115 7.46 -15.27 -10.77
CA LEU A 115 7.99 -16.63 -10.65
C LEU A 115 8.86 -17.04 -11.82
N ASN A 116 8.30 -17.13 -13.02
CA ASN A 116 9.12 -17.58 -14.14
C ASN A 116 10.31 -16.64 -14.54
N TRP A 117 10.19 -15.35 -14.32
CA TRP A 117 11.29 -14.45 -14.69
C TRP A 117 12.16 -14.10 -13.48
N GLY A 118 11.79 -14.61 -12.30
CA GLY A 118 12.60 -14.46 -11.11
C GLY A 118 12.79 -13.02 -10.70
N CYS A 119 11.68 -12.30 -10.61
CA CYS A 119 11.68 -10.90 -10.31
C CYS A 119 11.85 -10.72 -8.81
N SER A 120 12.86 -9.95 -8.39
CA SER A 120 13.04 -9.68 -6.95
C SER A 120 11.89 -8.89 -6.41
N GLU A 121 11.35 -7.97 -7.21
CA GLU A 121 10.25 -7.12 -6.79
C GLU A 121 9.03 -7.42 -7.69
N ILE A 122 7.84 -7.60 -7.12
CA ILE A 122 6.61 -7.85 -7.88
C ILE A 122 6.31 -6.70 -8.87
N LYS A 123 6.77 -5.48 -8.58
CA LYS A 123 6.52 -4.37 -9.50
C LYS A 123 7.24 -4.47 -10.85
N GLU A 124 8.33 -5.23 -10.90
CA GLU A 124 9.02 -5.43 -12.18
C GLU A 124 8.19 -6.37 -13.01
N ALA A 125 7.48 -7.27 -12.36
CA ALA A 125 6.60 -8.14 -13.09
C ALA A 125 5.45 -7.35 -13.67
N VAL A 126 5.02 -6.34 -12.96
CA VAL A 126 3.93 -5.50 -13.41
C VAL A 126 4.40 -4.77 -14.65
N GLU A 127 5.58 -4.19 -14.59
CA GLU A 127 6.10 -3.40 -15.69
C GLU A 127 6.37 -4.25 -16.91
N LEU A 128 6.79 -5.48 -16.70
CA LEU A 128 6.99 -6.38 -17.84
C LEU A 128 5.69 -6.64 -18.65
N LEU A 129 4.62 -7.00 -17.95
CA LEU A 129 3.29 -7.14 -18.60
C LEU A 129 2.77 -5.83 -19.29
N ASN A 130 2.86 -4.72 -18.56
CA ASN A 130 2.33 -3.44 -18.97
C ASN A 130 2.98 -3.02 -20.23
N GLU A 131 4.30 -3.18 -20.28
CA GLU A 131 5.14 -2.77 -21.45
C GLU A 131 5.10 -3.76 -22.58
N ALA A 132 5.02 -5.04 -22.27
CA ALA A 132 4.75 -6.02 -23.32
C ALA A 132 3.44 -5.73 -24.03
N GLU A 133 2.41 -5.32 -23.33
CA GLU A 133 1.17 -5.02 -24.01
C GLU A 133 1.33 -3.85 -25.00
N GLN A 134 2.09 -2.84 -24.61
CA GLN A 134 2.29 -1.68 -25.45
C GLN A 134 2.97 -2.03 -26.76
N TYR A 135 4.08 -2.79 -26.67
CA TYR A 135 4.80 -3.27 -27.85
C TYR A 135 3.90 -4.26 -28.64
N ALA A 136 3.12 -5.10 -27.98
CA ALA A 136 2.17 -5.93 -28.78
C ALA A 136 1.23 -5.08 -29.61
N LEU A 137 0.78 -3.96 -29.01
CA LEU A 137 -0.13 -3.05 -29.70
C LEU A 137 0.55 -2.25 -30.84
N MSE A 138 1.79 -1.81 -30.63
CA MSE A 138 2.53 -1.13 -31.68
C MSE A 138 2.61 -2.01 -32.90
O MSE A 138 2.32 -1.59 -34.03
CB MSE A 138 3.90 -0.85 -31.14
CG MSE A 138 4.60 0.12 -32.03
SE MSE A 138 6.35 0.61 -31.32
CE MSE A 138 7.36 -1.07 -31.56
N GLY A 139 2.99 -3.26 -32.67
CA GLY A 139 3.16 -4.24 -33.74
C GLY A 139 1.91 -4.46 -34.56
N GLU A 140 0.76 -4.39 -33.90
CA GLU A 140 -0.51 -4.74 -34.48
C GLU A 140 -1.04 -3.58 -35.32
N GLY A 141 -0.65 -2.35 -35.02
CA GLY A 141 -1.24 -1.19 -35.70
C GLY A 141 -2.57 -0.73 -35.11
N ARG A 142 -3.15 0.34 -35.65
CA ARG A 142 -4.40 0.90 -35.13
C ARG A 142 -5.42 1.13 -36.24
N TYR A 143 -6.67 0.73 -35.96
CA TYR A 143 -7.83 1.03 -36.80
C TYR A 143 -8.24 2.47 -36.63
N ASP A 144 -8.55 3.17 -37.73
CA ASP A 144 -9.25 4.46 -37.66
C ASP A 144 -10.67 4.22 -37.20
N LEU A 145 -11.20 5.27 -36.60
CA LEU A 145 -12.44 5.21 -35.88
C LEU A 145 -13.36 6.28 -36.32
N VAL A 146 -14.56 5.89 -36.73
CA VAL A 146 -15.60 6.83 -37.14
C VAL A 146 -16.80 6.49 -36.33
N THR A 147 -17.46 7.48 -35.77
CA THR A 147 -18.69 7.24 -35.02
C THR A 147 -19.84 8.04 -35.64
N LEU A 148 -20.88 7.31 -36.05
CA LEU A 148 -22.03 7.90 -36.69
C LEU A 148 -23.19 8.06 -35.72
N LEU A 149 -23.68 9.30 -35.65
CA LEU A 149 -24.80 9.65 -34.81
C LEU A 149 -25.88 10.31 -35.66
N PRO A 150 -27.19 9.84 -35.47
CA PRO A 150 -28.20 10.58 -36.25
C PRO A 150 -28.60 11.89 -35.58
N MSE A 151 -28.50 12.98 -36.32
CA MSE A 151 -28.95 14.28 -35.86
C MSE A 151 -29.31 15.07 -37.06
O MSE A 151 -28.65 14.88 -38.08
CB MSE A 151 -27.72 14.97 -35.32
CG MSE A 151 -27.47 14.66 -33.86
SE MSE A 151 -26.26 16.07 -33.27
CE MSE A 151 -25.31 15.04 -31.89
N GLN A 152 -30.27 15.98 -36.98
CA GLN A 152 -30.55 16.84 -38.12
C GLN A 152 -30.27 18.29 -37.75
N LEU A 153 -29.38 18.94 -38.47
CA LEU A 153 -29.11 20.35 -38.20
C LEU A 153 -29.45 21.23 -39.39
N GLY A 154 -29.56 20.61 -40.55
CA GLY A 154 -29.79 21.29 -41.80
C GLY A 154 -30.39 20.29 -42.74
N GLN A 155 -30.87 20.73 -43.89
CA GLN A 155 -31.41 19.80 -44.86
C GLN A 155 -30.29 18.86 -45.28
N ASP A 156 -29.10 19.41 -45.41
CA ASP A 156 -27.93 18.65 -45.82
C ASP A 156 -27.51 17.56 -44.85
N VAL A 157 -27.59 17.84 -43.55
CA VAL A 157 -27.06 16.92 -42.55
C VAL A 157 -28.15 16.16 -41.79
N ASP A 158 -28.15 14.84 -41.92
CA ASP A 158 -29.06 14.01 -41.15
C ASP A 158 -28.27 13.18 -40.15
N TYR A 159 -26.96 13.09 -40.39
CA TYR A 159 -26.08 12.32 -39.54
C TYR A 159 -24.83 13.10 -39.25
N VAL A 160 -24.31 12.96 -38.05
CA VAL A 160 -23.07 13.60 -37.66
C VAL A 160 -22.02 12.53 -37.46
N LEU A 161 -20.85 12.75 -38.05
CA LEU A 161 -19.75 11.81 -37.94
C LEU A 161 -18.60 12.42 -37.17
N GLN A 162 -18.18 11.72 -36.12
CA GLN A 162 -16.94 12.03 -35.45
C GLN A 162 -15.91 11.09 -36.03
N VAL A 163 -14.78 11.65 -36.44
CA VAL A 163 -13.76 10.89 -37.14
C VAL A 163 -12.37 11.04 -36.52
N ASP A 164 -11.69 9.93 -36.27
CA ASP A 164 -10.26 10.01 -35.84
C ASP A 164 -9.39 9.11 -36.67
N GLU A 165 -8.53 9.71 -37.47
CA GLU A 165 -7.71 8.98 -38.41
C GLU A 165 -6.35 8.87 -37.74
N SER A 166 -5.91 7.65 -37.54
CA SER A 166 -4.58 7.35 -37.08
C SER A 166 -3.53 7.73 -38.14
N LEU A 167 -2.40 8.24 -37.66
CA LEU A 167 -1.41 8.84 -38.51
C LEU A 167 -0.04 8.21 -38.28
N PRO A 168 0.69 7.86 -39.35
CA PRO A 168 1.96 7.20 -39.04
C PRO A 168 2.87 8.16 -38.36
N PRO A 169 3.46 7.76 -37.23
CA PRO A 169 4.27 8.65 -36.43
C PRO A 169 5.75 8.62 -36.74
N TYR A 170 6.19 7.67 -37.57
CA TYR A 170 7.60 7.56 -37.94
C TYR A 170 8.07 8.68 -38.86
N TYR A 171 9.37 8.93 -38.86
CA TYR A 171 10.03 9.89 -39.72
C TYR A 171 11.36 9.25 -40.16
N ASP A 172 11.91 9.75 -41.26
CA ASP A 172 13.03 9.07 -41.94
C ASP A 172 14.24 8.76 -41.04
N GLN A 173 14.66 9.74 -40.24
CA GLN A 173 15.77 9.52 -39.33
C GLN A 173 15.54 8.26 -38.50
N LEU A 174 14.36 8.14 -37.90
CA LEU A 174 14.09 7.02 -37.03
C LEU A 174 14.09 5.75 -37.81
N LEU A 175 13.55 5.78 -39.02
CA LEU A 175 13.52 4.55 -39.83
C LEU A 175 14.93 4.07 -40.08
N ASP A 176 15.86 5.01 -40.29
CA ASP A 176 17.25 4.68 -40.55
C ASP A 176 17.90 4.09 -39.33
N GLU A 177 17.65 4.70 -38.18
CA GLU A 177 18.08 4.13 -36.92
C GLU A 177 17.51 2.72 -36.66
N LEU A 178 16.25 2.48 -36.99
CA LEU A 178 15.68 1.14 -36.79
C LEU A 178 16.34 0.11 -37.68
N THR A 179 16.64 0.52 -38.89
CA THR A 179 17.36 -0.32 -39.83
C THR A 179 18.74 -0.70 -39.30
N LEU A 180 19.50 0.26 -38.77
CA LEU A 180 20.78 -0.04 -38.15
C LEU A 180 20.65 -1.06 -36.99
N ILE A 181 19.67 -0.84 -36.11
CA ILE A 181 19.43 -1.73 -34.99
C ILE A 181 19.30 -3.19 -35.47
N LYS A 182 18.50 -3.45 -36.51
CA LYS A 182 18.39 -4.79 -37.04
C LYS A 182 19.69 -5.26 -37.65
N ALA A 183 20.35 -4.38 -38.36
CA ALA A 183 21.53 -4.84 -39.08
C ALA A 183 22.63 -5.24 -38.08
N LYS A 184 22.63 -4.63 -36.88
CA LYS A 184 23.60 -4.96 -35.84
C LYS A 184 23.10 -6.04 -34.93
N LYS A 185 21.99 -6.67 -35.31
CA LYS A 185 21.41 -7.76 -34.53
C LYS A 185 21.06 -7.34 -33.09
N TYR A 186 20.47 -6.16 -32.89
CA TYR A 186 19.80 -5.88 -31.64
C TYR A 186 20.74 -5.94 -30.45
N PRO A 187 21.90 -5.25 -30.53
CA PRO A 187 22.75 -5.25 -29.34
C PRO A 187 22.02 -4.59 -28.16
N LYS A 188 22.29 -5.11 -26.97
CA LYS A 188 21.67 -4.65 -25.77
C LYS A 188 22.58 -3.76 -24.98
N THR A 189 22.01 -2.95 -24.12
CA THR A 189 22.84 -2.00 -23.42
C THR A 189 23.67 -2.76 -22.42
N PRO A 190 25.00 -2.56 -22.41
CA PRO A 190 25.74 -3.21 -21.36
C PRO A 190 25.72 -2.37 -20.10
N GLY A 191 25.69 -3.06 -18.95
CA GLY A 191 25.64 -2.44 -17.61
C GLY A 191 26.58 -1.25 -17.37
N TRP A 192 27.80 -1.35 -17.88
CA TRP A 192 28.77 -0.31 -17.68
C TRP A 192 28.34 0.99 -18.27
N LEU A 193 27.52 0.92 -19.32
CA LEU A 193 27.05 2.14 -20.01
C LEU A 193 25.95 2.80 -19.23
N ARG A 194 25.09 1.95 -18.66
CA ARG A 194 24.06 2.42 -17.78
C ARG A 194 24.60 3.11 -16.57
N ASP A 195 25.69 2.60 -16.01
CA ASP A 195 26.29 3.17 -14.79
C ASP A 195 27.01 4.52 -14.99
N LEU A 196 27.19 5.00 -16.21
CA LEU A 196 27.94 6.23 -16.43
C LEU A 196 27.23 7.47 -15.97
N GLU A 197 28.02 8.50 -15.62
CA GLU A 197 27.50 9.84 -15.44
C GLU A 197 27.17 10.53 -16.77
N GLU A 198 26.35 11.56 -16.73
CA GLU A 198 25.81 12.11 -17.98
C GLU A 198 26.94 12.47 -18.94
N TYR A 199 28.00 13.13 -18.48
CA TYR A 199 29.04 13.61 -19.43
C TYR A 199 29.79 12.43 -20.08
N GLN A 200 29.90 11.35 -19.34
CA GLN A 200 30.64 10.22 -19.84
C GLN A 200 29.77 9.49 -20.85
N HIS A 201 28.48 9.41 -20.56
CA HIS A 201 27.49 8.86 -21.49
C HIS A 201 27.55 9.64 -22.82
N ALA A 202 27.67 10.96 -22.74
CA ALA A 202 27.76 11.70 -23.97
C ALA A 202 29.05 11.36 -24.73
N TYR A 203 30.15 11.15 -23.98
CA TYR A 203 31.45 10.86 -24.61
C TYR A 203 31.33 9.63 -25.50
N PHE A 204 30.91 8.52 -24.94
CA PHE A 204 30.91 7.27 -25.69
C PHE A 204 29.80 7.23 -26.73
N CYS A 205 28.65 7.82 -26.44
CA CYS A 205 27.53 7.75 -27.40
C CYS A 205 27.75 8.66 -28.60
N ASN A 206 28.63 9.64 -28.48
CA ASN A 206 28.93 10.53 -29.62
C ASN A 206 30.29 10.31 -30.27
N LEU A 207 31.01 9.33 -29.75
CA LEU A 207 32.37 9.05 -30.22
C LEU A 207 32.39 8.92 -31.73
N ASP A 208 33.24 9.74 -32.34
CA ASP A 208 33.55 9.70 -33.76
C ASP A 208 34.08 8.33 -34.27
N GLN A 209 33.62 7.89 -35.45
CA GLN A 209 33.98 6.57 -36.01
C GLN A 209 35.44 6.54 -36.52
N GLY A 210 36.13 7.67 -36.46
CA GLY A 210 37.59 7.67 -36.63
C GLY A 210 38.36 7.03 -35.47
N VAL A 211 37.72 6.91 -34.30
CA VAL A 211 38.32 6.33 -33.10
C VAL A 211 37.92 4.86 -33.01
N THR A 212 38.84 3.95 -33.39
CA THR A 212 38.49 2.55 -33.71
C THR A 212 39.00 1.54 -32.68
N SER A 213 39.54 2.01 -31.56
CA SER A 213 40.02 1.07 -30.55
C SER A 213 40.09 1.71 -29.20
N TYR A 214 40.21 0.88 -28.16
CA TYR A 214 40.22 1.38 -26.80
C TYR A 214 41.54 2.19 -26.58
N LEU A 215 42.64 1.67 -27.11
CA LEU A 215 43.86 2.48 -27.19
C LEU A 215 43.64 3.86 -27.82
N GLU A 216 42.93 3.95 -28.92
CA GLU A 216 42.63 5.26 -29.49
C GLU A 216 41.74 6.12 -28.59
N VAL A 217 40.91 5.48 -27.77
CA VAL A 217 40.11 6.26 -26.81
C VAL A 217 40.96 6.94 -25.75
N ILE A 218 41.85 6.17 -25.11
CA ILE A 218 42.74 6.74 -24.09
C ILE A 218 43.53 7.92 -24.64
N ARG A 219 44.11 7.75 -25.83
CA ARG A 219 44.88 8.82 -26.45
C ARG A 219 43.98 10.00 -26.75
N ASP A 220 42.82 9.73 -27.38
CA ASP A 220 41.87 10.81 -27.67
C ASP A 220 41.60 11.67 -26.44
N PHE A 221 41.37 11.04 -25.29
CA PHE A 221 41.03 11.77 -24.10
C PHE A 221 42.21 12.53 -23.52
N ASN A 222 43.40 11.94 -23.55
CA ASN A 222 44.61 12.64 -23.14
C ASN A 222 44.90 13.84 -24.07
N ASN A 223 44.72 13.68 -25.39
CA ASN A 223 44.89 14.79 -26.35
C ASN A 223 43.95 15.93 -26.08
N PHE A 224 42.79 15.58 -25.55
CA PHE A 224 41.83 16.57 -25.14
C PHE A 224 42.31 17.33 -23.90
N LEU A 225 42.89 16.61 -22.94
CA LEU A 225 43.33 17.25 -21.71
C LEU A 225 44.47 18.25 -21.92
N LEU A 226 45.38 17.94 -22.83
CA LEU A 226 46.46 18.85 -23.18
C LEU A 226 45.83 20.06 -23.86
N ASN A 227 45.16 19.84 -24.99
CA ASN A 227 44.37 20.89 -25.65
C ASN A 227 43.47 21.74 -24.71
N TRP A 228 43.08 21.18 -23.57
CA TRP A 228 42.22 21.89 -22.61
C TRP A 228 43.02 22.84 -21.73
N ALA A 229 43.92 22.29 -20.92
CA ALA A 229 44.82 23.13 -20.11
C ALA A 229 45.63 24.12 -20.96
N SER A 230 45.65 23.92 -22.29
CA SER A 230 46.12 24.93 -23.26
C SER A 230 45.14 26.10 -23.48
N ILE A 231 43.86 25.75 -23.68
CA ILE A 231 42.77 26.74 -23.86
C ILE A 231 42.55 27.56 -22.58
N LYS A 232 42.84 26.97 -21.43
CA LYS A 232 42.74 27.67 -20.15
C LYS A 232 43.84 28.70 -19.92
N LYS A 233 44.91 28.65 -20.70
CA LYS A 233 45.87 29.73 -20.69
C LYS A 233 45.42 30.90 -21.59
N ILE A 234 44.84 30.57 -22.74
CA ILE A 234 44.57 31.53 -23.83
C ILE A 234 43.17 32.20 -23.79
N ALA A 235 42.15 31.54 -23.23
CA ALA A 235 40.78 32.10 -23.21
C ALA A 235 40.74 33.31 -22.25
N LEU A 236 40.02 34.36 -22.65
CA LEU A 236 40.06 35.65 -21.94
C LEU A 236 39.40 35.61 -20.56
N SER A 237 38.16 35.12 -20.54
CA SER A 237 37.46 34.81 -19.29
C SER A 237 36.70 33.53 -19.56
N LEU A 238 37.08 32.45 -18.87
CA LEU A 238 36.57 31.15 -19.24
C LEU A 238 35.07 31.15 -19.16
N ASN A 239 34.52 31.61 -18.04
CA ASN A 239 33.11 31.42 -17.74
C ASN A 239 32.10 31.98 -18.74
N SER A 240 32.31 33.21 -19.20
CA SER A 240 31.47 33.78 -20.26
C SER A 240 31.55 32.96 -21.60
N ASP A 241 32.62 32.17 -21.76
CA ASP A 241 32.68 31.12 -22.79
C ASP A 241 31.68 30.00 -22.41
N LEU A 242 31.80 29.49 -21.19
CA LEU A 242 30.99 28.35 -20.72
C LEU A 242 29.52 28.63 -20.57
N GLN A 243 29.18 29.87 -20.25
CA GLN A 243 27.78 30.23 -20.10
C GLN A 243 27.10 30.50 -21.41
N GLN A 244 27.89 30.71 -22.47
CA GLN A 244 27.37 30.73 -23.86
C GLN A 244 27.05 29.32 -24.32
N ILE A 245 27.75 28.35 -23.73
CA ILE A 245 27.62 26.95 -24.08
C ILE A 245 26.40 26.33 -23.40
N VAL A 246 26.29 26.49 -22.09
CA VAL A 246 25.07 26.09 -21.39
C VAL A 246 23.82 26.75 -22.03
N SER A 247 23.94 28.05 -22.33
CA SER A 247 22.93 28.77 -23.09
C SER A 247 22.81 28.21 -24.50
N GLY A 248 23.95 27.86 -25.08
CA GLY A 248 23.96 27.24 -26.39
C GLY A 248 23.67 28.19 -27.53
N SER A 249 23.80 29.47 -27.27
CA SER A 249 23.51 30.48 -28.28
C SER A 249 24.77 31.14 -28.79
N PRO A 250 24.89 31.21 -30.19
CA PRO A 250 26.16 31.81 -30.64
C PRO A 250 26.25 33.27 -30.19
N PRO A 251 27.51 33.87 -29.94
CA PRO A 251 28.65 33.19 -30.58
C PRO A 251 29.38 32.26 -29.64
N LEU A 252 29.49 30.99 -30.03
CA LEU A 252 30.21 30.00 -29.28
C LEU A 252 31.71 30.23 -29.38
N PRO A 253 32.46 29.88 -28.25
CA PRO A 253 33.91 30.10 -28.43
C PRO A 253 34.45 29.23 -29.55
N SER A 254 35.45 29.73 -30.26
CA SER A 254 35.96 29.05 -31.44
C SER A 254 36.50 27.66 -31.13
N TRP A 255 37.21 27.52 -30.01
CA TRP A 255 37.82 26.25 -29.71
C TRP A 255 36.77 25.16 -29.57
N PHE A 256 35.65 25.52 -28.97
CA PHE A 256 34.57 24.56 -28.76
C PHE A 256 34.02 24.03 -30.06
N ASN A 257 33.90 24.89 -31.06
CA ASN A 257 33.31 24.49 -32.34
C ASN A 257 34.11 23.41 -33.04
N GLY A 258 35.42 23.54 -32.96
CA GLY A 258 36.40 22.62 -33.61
C GLY A 258 36.78 21.36 -32.83
N LEU A 259 36.20 21.20 -31.63
CA LEU A 259 36.25 19.94 -30.87
C LEU A 259 35.45 18.88 -31.57
N SER A 260 35.96 17.65 -31.57
CA SER A 260 35.23 16.57 -32.22
C SER A 260 33.85 16.40 -31.54
N VAL A 261 32.95 15.73 -32.26
CA VAL A 261 31.58 15.65 -31.83
C VAL A 261 31.51 15.31 -30.33
N HIS A 262 32.15 14.21 -29.96
CA HIS A 262 32.10 13.70 -28.57
C HIS A 262 32.74 14.60 -27.50
N GLN A 263 33.87 15.21 -27.81
CA GLN A 263 34.47 16.17 -26.88
C GLN A 263 33.51 17.32 -26.70
N ARG A 264 32.87 17.70 -27.81
CA ARG A 264 31.91 18.80 -27.82
C ARG A 264 30.73 18.52 -26.85
N GLU A 265 30.10 17.36 -27.01
CA GLU A 265 28.91 17.07 -26.22
C GLU A 265 29.25 16.85 -24.75
N MSE A 266 30.43 16.31 -24.49
CA MSE A 266 30.90 16.15 -23.14
C MSE A 266 31.08 17.49 -22.51
O MSE A 266 30.69 17.68 -21.38
CB MSE A 266 32.22 15.43 -23.12
CG MSE A 266 32.76 15.31 -21.69
SE MSE A 266 34.52 14.44 -21.50
CE MSE A 266 35.11 14.54 -23.40
N MSE A 267 31.67 18.46 -23.22
CA MSE A 267 31.84 19.79 -22.64
C MSE A 267 30.50 20.40 -22.36
O MSE A 267 30.27 20.92 -21.27
CB MSE A 267 32.65 20.76 -23.51
CG MSE A 267 34.16 20.77 -23.23
SE MSE A 267 34.75 20.89 -21.31
CE MSE A 267 35.03 18.95 -21.21
N ARG A 268 29.60 20.36 -23.35
CA ARG A 268 28.25 20.94 -23.20
C ARG A 268 27.63 20.62 -21.86
N ILE A 269 27.86 19.41 -21.37
CA ILE A 269 27.32 19.03 -20.09
C ILE A 269 28.12 19.54 -18.91
N LEU A 270 29.44 19.61 -19.05
CA LEU A 270 30.31 19.98 -17.94
C LEU A 270 30.24 21.50 -17.72
N ALA A 271 30.01 22.25 -18.79
CA ALA A 271 29.93 23.71 -18.76
C ALA A 271 28.78 24.25 -17.92
N ALA A 272 27.83 23.39 -17.60
CA ALA A 272 26.69 23.79 -16.78
C ALA A 272 27.06 23.98 -15.31
N ASP A 273 28.24 23.48 -14.91
CA ASP A 273 28.72 23.66 -13.53
C ASP A 273 30.24 23.77 -13.47
N PRO A 274 30.79 24.93 -13.88
CA PRO A 274 32.23 25.10 -14.11
C PRO A 274 33.11 24.76 -12.91
N THR A 275 32.55 24.82 -11.71
CA THR A 275 33.35 24.62 -10.50
C THR A 275 33.95 23.21 -10.45
N SER A 276 33.15 22.20 -10.79
CA SER A 276 33.65 20.82 -10.74
C SER A 276 34.19 20.32 -12.11
N LEU A 277 34.22 21.17 -13.13
CA LEU A 277 34.64 20.76 -14.47
C LEU A 277 36.00 20.04 -14.50
N ASP A 278 37.06 20.71 -14.03
CA ASP A 278 38.44 20.13 -14.05
C ASP A 278 38.59 18.89 -13.19
N LYS A 279 37.78 18.77 -12.15
CA LYS A 279 37.81 17.59 -11.29
C LYS A 279 37.29 16.38 -12.04
N LYS A 280 36.18 16.59 -12.70
CA LYS A 280 35.50 15.53 -13.45
C LYS A 280 36.37 15.03 -14.59
N LEU A 281 37.06 15.94 -15.25
CA LEU A 281 38.01 15.54 -16.28
C LEU A 281 39.05 14.55 -15.74
N THR A 282 39.73 14.88 -14.63
CA THR A 282 40.83 14.00 -14.18
C THR A 282 40.26 12.71 -13.58
N GLN A 283 38.99 12.75 -13.23
CA GLN A 283 38.25 11.58 -12.79
C GLN A 283 37.82 10.64 -13.93
N PHE A 284 37.63 11.17 -15.13
CA PHE A 284 37.37 10.37 -16.33
C PHE A 284 38.66 9.70 -16.86
N LYS A 285 39.76 10.46 -16.91
CA LYS A 285 41.12 9.92 -17.22
C LYS A 285 41.38 8.68 -16.38
N LYS A 286 41.08 8.81 -15.09
CA LYS A 286 41.29 7.74 -14.14
C LYS A 286 40.31 6.59 -14.42
N PHE A 287 39.07 6.91 -14.76
CA PHE A 287 38.10 5.86 -15.07
C PHE A 287 38.56 4.97 -16.23
N LEU A 288 39.04 5.63 -17.29
CA LEU A 288 39.35 4.94 -18.55
C LEU A 288 40.38 3.88 -18.39
N THR A 289 41.40 4.16 -17.60
CA THR A 289 42.52 3.20 -17.42
C THR A 289 42.31 2.41 -16.17
N GLY A 290 41.16 2.57 -15.53
CA GLY A 290 40.85 1.84 -14.31
C GLY A 290 40.31 0.45 -14.62
N ASP A 291 39.58 -0.09 -13.65
CA ASP A 291 39.15 -1.52 -13.72
C ASP A 291 38.10 -1.81 -14.80
N ILE A 292 37.41 -0.77 -15.24
CA ILE A 292 36.41 -0.92 -16.26
C ILE A 292 36.99 -1.52 -17.55
N LYS A 293 38.29 -1.31 -17.74
CA LYS A 293 38.93 -1.55 -19.03
C LYS A 293 38.87 -2.99 -19.43
N TRP A 294 38.89 -3.87 -18.45
CA TRP A 294 38.80 -5.31 -18.67
C TRP A 294 37.52 -5.62 -19.39
N GLU A 295 36.50 -4.80 -19.12
CA GLU A 295 35.16 -5.12 -19.52
C GLU A 295 34.74 -4.36 -20.80
N ILE A 296 35.23 -3.14 -20.97
CA ILE A 296 34.79 -2.33 -22.10
C ILE A 296 35.69 -2.21 -23.30
N TRP A 297 36.88 -2.79 -23.27
CA TRP A 297 37.84 -2.51 -24.35
C TRP A 297 37.40 -3.03 -25.73
N ASP A 298 36.56 -4.06 -25.76
CA ASP A 298 36.11 -4.59 -27.03
C ASP A 298 34.78 -4.01 -27.46
N THR A 299 34.16 -3.17 -26.64
CA THR A 299 32.81 -2.75 -26.95
C THR A 299 32.65 -1.24 -26.93
N ALA A 300 33.54 -0.52 -26.29
CA ALA A 300 33.33 0.88 -26.11
C ALA A 300 33.20 1.65 -27.41
N THR A 301 33.87 1.23 -28.47
CA THR A 301 33.86 2.01 -29.69
C THR A 301 32.71 1.64 -30.59
N GLN A 302 31.89 0.70 -30.15
CA GLN A 302 30.75 0.28 -30.94
C GLN A 302 29.48 1.02 -30.60
N ILE A 303 29.52 1.72 -29.46
CA ILE A 303 28.33 2.38 -28.96
C ILE A 303 27.78 3.40 -29.96
N SER A 304 28.64 4.29 -30.44
CA SER A 304 28.19 5.46 -31.21
C SER A 304 27.59 5.10 -32.54
N SER A 305 27.66 3.84 -32.92
CA SER A 305 26.97 3.39 -34.14
C SER A 305 25.43 3.43 -34.09
N LEU A 306 24.87 3.33 -32.90
CA LEU A 306 23.45 3.40 -32.69
C LEU A 306 23.13 4.63 -31.86
N PRO A 307 21.92 5.12 -31.98
CA PRO A 307 21.54 6.35 -31.32
C PRO A 307 21.35 6.24 -29.81
N GLN A 308 21.65 7.34 -29.13
CA GLN A 308 21.62 7.41 -27.67
C GLN A 308 20.22 7.11 -27.09
N TRP A 309 19.15 7.49 -27.78
CA TRP A 309 17.84 7.09 -27.31
C TRP A 309 17.69 5.58 -27.19
N TYR A 310 18.37 4.82 -28.02
CA TYR A 310 18.24 3.37 -28.00
C TYR A 310 18.93 2.85 -26.76
N TRP A 311 20.11 3.37 -26.45
CA TRP A 311 20.91 2.81 -25.33
C TRP A 311 20.31 3.02 -23.94
N VAL A 312 19.48 4.03 -23.77
CA VAL A 312 18.82 4.24 -22.48
C VAL A 312 17.60 3.31 -22.25
N LEU A 313 17.12 2.67 -23.32
CA LEU A 313 16.04 1.74 -23.12
C LEU A 313 16.49 0.68 -22.13
N SER A 314 15.58 0.22 -21.27
CA SER A 314 15.79 -0.92 -20.44
C SER A 314 16.01 -2.12 -21.29
N GLU A 315 16.55 -3.16 -20.71
CA GLU A 315 16.87 -4.31 -21.48
C GLU A 315 15.61 -5.00 -22.04
N HIS A 316 14.58 -5.06 -21.22
CA HIS A 316 13.35 -5.65 -21.69
C HIS A 316 12.74 -4.86 -22.87
N GLN A 317 12.80 -3.53 -22.81
CA GLN A 317 12.24 -2.77 -23.90
C GLN A 317 12.98 -3.19 -25.20
N GLN A 318 14.29 -3.41 -25.10
CA GLN A 318 15.11 -3.67 -26.29
C GLN A 318 14.72 -5.00 -26.91
N PHE A 319 14.49 -5.99 -26.06
CA PHE A 319 14.00 -7.28 -26.56
C PHE A 319 12.62 -7.12 -27.13
N PHE A 320 11.78 -6.29 -26.53
CA PHE A 320 10.45 -6.06 -27.08
C PHE A 320 10.58 -5.38 -28.44
N LEU A 321 11.43 -4.36 -28.51
CA LEU A 321 11.61 -3.68 -29.80
C LEU A 321 12.07 -4.68 -30.86
N GLU A 322 13.10 -5.42 -30.49
CA GLU A 322 13.67 -6.46 -31.31
C GLU A 322 12.57 -7.39 -31.84
N HIS A 323 11.66 -7.80 -30.99
CA HIS A 323 10.71 -8.81 -31.41
C HIS A 323 9.72 -8.31 -32.46
N VAL A 324 9.37 -7.03 -32.38
CA VAL A 324 8.49 -6.39 -33.35
C VAL A 324 9.22 -6.13 -34.64
N LEU A 325 10.48 -5.65 -34.55
CA LEU A 325 11.30 -5.33 -35.74
C LEU A 325 11.58 -6.58 -36.53
N LYS A 326 11.80 -7.64 -35.79
CA LYS A 326 12.15 -8.93 -36.38
C LYS A 326 10.94 -9.48 -37.24
N GLY A 327 9.75 -8.96 -37.03
CA GLY A 327 8.61 -9.50 -37.73
C GLY A 327 8.16 -8.70 -38.95
N VAL A 328 9.00 -7.81 -39.46
CA VAL A 328 8.60 -7.05 -40.65
C VAL A 328 9.73 -6.96 -41.64
N ASP A 329 9.41 -6.80 -42.92
CA ASP A 329 10.46 -6.48 -43.88
C ASP A 329 10.71 -5.02 -43.80
N ASP A 330 9.64 -4.22 -43.87
CA ASP A 330 9.74 -2.76 -43.78
C ASP A 330 9.65 -2.27 -42.31
N VAL A 331 10.69 -1.58 -41.87
CA VAL A 331 10.79 -1.26 -40.47
C VAL A 331 9.65 -0.33 -40.06
N LYS A 332 9.06 0.38 -41.02
CA LYS A 332 7.96 1.27 -40.72
C LYS A 332 6.70 0.56 -40.23
N ASP A 333 6.53 -0.69 -40.64
CA ASP A 333 5.44 -1.50 -40.15
C ASP A 333 5.58 -1.97 -38.70
N ALA A 334 6.75 -1.78 -38.12
CA ALA A 334 6.93 -2.08 -36.73
C ALA A 334 6.51 -0.89 -35.85
N VAL A 335 6.33 0.29 -36.43
CA VAL A 335 6.11 1.47 -35.61
C VAL A 335 5.00 2.35 -36.17
N SER A 336 3.90 1.72 -36.59
CA SER A 336 2.85 2.46 -37.27
C SER A 336 1.99 3.28 -36.35
N PHE A 337 2.10 3.02 -35.05
CA PHE A 337 1.20 3.54 -34.00
C PHE A 337 1.81 3.24 -32.67
N LEU A 338 1.76 4.17 -31.75
CA LEU A 338 2.26 3.97 -30.39
C LEU A 338 1.14 4.28 -29.39
N SER A 339 0.88 3.36 -28.49
CA SER A 339 0.03 3.61 -27.35
C SER A 339 0.49 4.85 -26.57
N SER A 340 -0.50 5.55 -26.01
CA SER A 340 -0.29 6.70 -25.15
C SER A 340 0.67 6.42 -23.98
N ARG A 341 0.79 5.18 -23.53
CA ARG A 341 1.67 4.93 -22.36
C ARG A 341 3.10 4.73 -22.77
N HIS A 342 3.32 4.68 -24.08
CA HIS A 342 4.52 4.18 -24.64
C HIS A 342 5.38 5.37 -25.04
N ARG A 343 6.06 5.95 -24.05
CA ARG A 343 6.82 7.17 -24.32
C ARG A 343 8.34 7.05 -24.22
N THR A 344 8.83 5.83 -24.52
CA THR A 344 10.24 5.51 -24.48
C THR A 344 10.94 5.57 -25.86
N LEU A 345 10.16 5.74 -26.94
CA LEU A 345 10.72 5.87 -28.27
C LEU A 345 10.39 7.27 -28.79
N PRO A 346 11.29 7.85 -29.57
CA PRO A 346 11.18 9.25 -29.92
C PRO A 346 10.30 9.53 -31.13
N LEU A 347 9.07 9.11 -31.04
CA LEU A 347 8.06 9.46 -32.03
C LEU A 347 6.71 9.51 -31.34
N PRO A 348 5.80 10.25 -31.86
CA PRO A 348 4.56 10.60 -31.13
C PRO A 348 3.56 9.50 -30.91
N ALA A 349 2.93 9.59 -29.76
CA ALA A 349 2.02 8.56 -29.34
C ALA A 349 0.65 9.05 -29.49
N ASN A 350 -0.24 8.10 -29.71
CA ASN A 350 -1.67 8.37 -29.81
C ASN A 350 -1.90 9.50 -30.80
N TYR A 351 -1.19 9.44 -31.94
CA TYR A 351 -1.17 10.51 -32.92
C TYR A 351 -2.25 10.31 -33.94
N ALA A 352 -3.10 11.33 -34.12
CA ALA A 352 -4.29 11.15 -34.95
C ALA A 352 -4.79 12.48 -35.36
N ALA A 353 -5.68 12.45 -36.36
CA ALA A 353 -6.36 13.66 -36.78
C ALA A 353 -7.85 13.50 -36.59
N HIS A 354 -8.44 14.46 -35.87
CA HIS A 354 -9.85 14.45 -35.51
C HIS A 354 -10.56 15.41 -36.39
N SER A 355 -11.67 14.98 -36.96
CA SER A 355 -12.50 15.84 -37.78
C SER A 355 -13.96 15.51 -37.53
N LEU A 356 -14.82 16.38 -38.02
CA LEU A 356 -16.26 16.32 -37.83
C LEU A 356 -16.97 16.40 -39.20
N LEU A 357 -17.77 15.40 -39.53
CA LEU A 357 -18.47 15.37 -40.82
C LEU A 357 -20.00 15.29 -40.69
N GLY A 358 -20.69 16.06 -41.51
CA GLY A 358 -22.12 15.86 -41.67
C GLY A 358 -22.41 15.00 -42.88
N LEU A 359 -23.42 14.13 -42.76
CA LEU A 359 -23.85 13.20 -43.79
C LEU A 359 -25.40 13.27 -43.99
N SER A 360 -25.85 13.40 -45.24
CA SER A 360 -27.30 13.54 -45.54
C SER A 360 -27.95 12.19 -45.96
N GLU A 361 -29.28 12.05 -45.83
CA GLU A 361 -29.96 10.78 -46.18
C GLU A 361 -29.61 10.21 -47.58
N ASN A 362 -29.36 11.09 -48.54
CA ASN A 362 -29.05 10.70 -49.93
C ASN A 362 -27.56 10.49 -50.17
N GLY A 363 -26.75 10.72 -49.16
CA GLY A 363 -25.37 10.27 -49.20
C GLY A 363 -24.33 11.33 -49.49
N ASN A 364 -24.71 12.60 -49.40
CA ASN A 364 -23.73 13.70 -49.49
C ASN A 364 -23.02 13.99 -48.18
N MSE A 365 -21.70 14.03 -48.24
CA MSE A 365 -20.87 14.35 -47.12
C MSE A 365 -20.51 15.79 -47.14
O MSE A 365 -20.11 16.27 -48.15
CB MSE A 365 -19.55 13.64 -47.31
CG MSE A 365 -19.72 12.18 -46.99
SE MSE A 365 -19.39 11.98 -45.07
CE MSE A 365 -19.35 10.02 -45.28
N ARG A 366 -20.55 16.47 -46.00
CA ARG A 366 -19.92 17.77 -45.93
C ARG A 366 -18.94 17.80 -44.76
N GLU A 367 -17.77 18.40 -44.97
CA GLU A 367 -16.83 18.68 -43.90
C GLU A 367 -17.30 19.75 -42.95
N LEU A 368 -17.59 19.45 -41.69
CA LEU A 368 -17.97 20.46 -40.66
C LEU A 368 -16.79 21.08 -39.92
N SER A 369 -15.68 20.37 -39.90
CA SER A 369 -14.46 21.01 -39.50
C SER A 369 -13.33 20.47 -40.36
N ALA A 370 -12.26 21.26 -40.50
CA ALA A 370 -10.95 20.72 -40.91
C ALA A 370 -10.43 19.66 -39.88
N LYS A 371 -9.35 18.99 -40.30
CA LYS A 371 -8.56 18.11 -39.46
C LYS A 371 -7.94 18.85 -38.29
N ARG A 372 -8.16 18.32 -37.08
CA ARG A 372 -7.56 18.84 -35.87
C ARG A 372 -6.72 17.69 -35.33
N TYR A 373 -5.45 17.97 -35.08
CA TYR A 373 -4.48 16.94 -34.76
C TYR A 373 -4.21 16.77 -33.27
N ARG A 374 -4.11 15.52 -32.85
CA ARG A 374 -3.97 15.17 -31.44
C ARG A 374 -2.84 14.20 -31.23
N SER A 375 -2.19 14.28 -30.08
CA SER A 375 -1.13 13.37 -29.71
C SER A 375 -0.92 13.40 -28.20
N SER A 376 -0.12 12.48 -27.70
CA SER A 376 0.40 12.56 -26.35
C SER A 376 1.38 13.72 -26.29
N HIS A 377 1.54 14.30 -25.12
CA HIS A 377 2.36 15.48 -24.96
C HIS A 377 3.67 15.26 -25.71
N ILE A 378 4.22 16.27 -26.36
CA ILE A 378 5.45 16.10 -27.17
C ILE A 378 6.68 15.68 -26.33
N ALA A 379 6.66 16.00 -25.04
CA ALA A 379 7.77 15.66 -24.16
C ALA A 379 7.43 14.38 -23.46
N THR A 380 8.45 13.62 -23.06
CA THR A 380 8.17 12.30 -22.48
C THR A 380 8.33 12.25 -20.97
N ARG A 381 7.24 11.96 -20.26
CA ARG A 381 7.30 11.68 -18.82
C ARG A 381 8.18 10.47 -18.47
N ASP A 382 8.41 9.58 -19.42
CA ASP A 382 9.20 8.39 -19.18
C ASP A 382 10.73 8.65 -19.20
N GLY A 383 11.14 9.81 -19.68
CA GLY A 383 12.54 10.09 -19.82
C GLY A 383 13.05 11.23 -18.97
N LEU A 384 12.39 11.50 -17.84
CA LEU A 384 12.80 12.64 -17.01
C LEU A 384 14.11 12.40 -16.26
N ASN A 385 14.56 11.15 -16.23
CA ASN A 385 15.86 10.85 -15.67
C ASN A 385 16.91 10.50 -16.69
N TRP A 386 16.59 10.64 -17.96
CA TRP A 386 17.53 10.36 -19.02
C TRP A 386 18.37 11.59 -19.28
N PRO A 387 19.45 11.46 -20.04
CA PRO A 387 20.25 12.65 -20.40
C PRO A 387 19.43 13.73 -21.06
N LYS A 388 19.81 14.99 -20.86
CA LYS A 388 19.11 16.08 -21.53
C LYS A 388 19.04 15.87 -23.04
N ALA A 389 20.03 15.23 -23.61
CA ALA A 389 20.08 15.11 -25.06
C ALA A 389 19.03 14.17 -25.62
N VAL A 390 18.75 13.08 -24.92
CA VAL A 390 17.72 12.15 -25.36
C VAL A 390 16.35 12.81 -25.13
N GLN A 391 16.27 13.61 -24.07
CA GLN A 391 15.02 14.18 -23.67
C GLN A 391 14.57 15.13 -24.74
N GLN A 392 15.56 15.81 -25.33
CA GLN A 392 15.34 16.76 -26.42
C GLN A 392 15.15 16.10 -27.79
N ARG A 393 15.75 14.94 -28.01
CA ARG A 393 15.53 14.28 -29.28
C ARG A 393 14.05 13.91 -29.33
N HIS A 394 13.48 13.46 -28.21
CA HIS A 394 12.03 13.21 -28.09
C HIS A 394 11.16 14.46 -28.35
N SER A 395 11.42 15.54 -27.61
CA SER A 395 10.60 16.72 -27.79
C SER A 395 10.78 17.33 -29.17
N ASP A 396 12.00 17.42 -29.65
CA ASP A 396 12.23 18.00 -31.00
C ASP A 396 11.55 17.17 -32.06
N SER A 397 11.89 15.88 -32.07
CA SER A 397 11.43 15.00 -33.09
C SER A 397 9.94 14.94 -33.08
N ASN A 398 9.34 14.97 -31.89
CA ASN A 398 7.86 14.91 -31.75
C ASN A 398 7.19 16.23 -32.15
N LEU A 399 7.79 17.34 -31.73
CA LEU A 399 7.28 18.62 -32.19
C LEU A 399 7.28 18.71 -33.73
N ALA A 400 8.39 18.32 -34.40
CA ALA A 400 8.46 18.33 -35.86
C ALA A 400 7.39 17.44 -36.46
N LYS A 401 7.13 16.29 -35.86
CA LYS A 401 6.25 15.36 -36.53
C LYS A 401 4.80 15.88 -36.45
N VAL A 402 4.54 16.57 -35.39
CA VAL A 402 3.20 17.01 -35.02
C VAL A 402 2.85 18.33 -35.77
N MSE A 403 3.88 19.02 -36.26
CA MSE A 403 3.70 20.18 -37.11
C MSE A 403 3.75 19.78 -38.57
O MSE A 403 3.66 20.64 -39.45
CB MSE A 403 4.80 21.16 -36.79
CG MSE A 403 4.72 21.65 -35.36
SE MSE A 403 3.19 22.86 -35.17
CE MSE A 403 2.44 22.30 -33.46
N GLU A 404 3.82 18.49 -38.88
CA GLU A 404 4.07 18.11 -40.27
C GLU A 404 3.00 18.66 -41.23
N TYR A 405 1.73 18.82 -40.81
CA TYR A 405 0.65 19.23 -41.74
C TYR A 405 0.38 20.71 -41.70
N SER A 406 1.12 21.41 -40.87
CA SER A 406 1.18 22.84 -40.96
C SER A 406 2.01 23.23 -42.19
N LYS A 407 1.94 24.51 -42.55
CA LYS A 407 2.89 25.13 -43.49
C LYS A 407 3.63 26.18 -42.69
N ASN A 408 4.91 26.39 -43.01
CA ASN A 408 5.82 27.17 -42.13
C ASN A 408 5.55 28.68 -42.07
N ASP A 409 4.66 29.12 -42.98
CA ASP A 409 4.19 30.51 -43.12
C ASP A 409 2.81 30.74 -42.47
N GLN A 410 2.07 29.66 -42.23
CA GLN A 410 0.71 29.74 -41.69
C GLN A 410 0.70 29.56 -40.22
N LEU A 411 -0.30 30.12 -39.57
CA LEU A 411 -0.40 30.07 -38.12
C LEU A 411 -0.56 28.66 -37.61
N ALA A 412 -0.04 28.45 -36.41
CA ALA A 412 -0.01 27.11 -35.85
C ALA A 412 -0.08 27.21 -34.36
N ILE A 413 -0.98 26.43 -33.78
CA ILE A 413 -1.10 26.44 -32.33
C ILE A 413 -0.64 25.14 -31.73
N LEU A 414 0.03 25.24 -30.58
CA LEU A 414 0.35 24.09 -29.70
C LEU A 414 -0.42 24.26 -28.40
N GLN A 415 -1.62 23.70 -28.36
CA GLN A 415 -2.49 23.89 -27.22
C GLN A 415 -2.38 22.72 -26.27
N THR A 416 -1.85 22.98 -25.08
CA THR A 416 -1.66 21.91 -24.11
C THR A 416 -2.62 22.05 -22.95
N LEU A 417 -3.18 20.93 -22.54
CA LEU A 417 -4.09 20.90 -21.43
C LEU A 417 -3.46 20.16 -20.26
N ILE A 418 -2.49 20.80 -19.62
CA ILE A 418 -1.80 20.19 -18.49
C ILE A 418 -1.67 21.17 -17.33
N SER A 419 -1.38 20.65 -16.15
CA SER A 419 -1.36 21.45 -14.95
C SER A 419 -0.08 21.32 -14.14
N PRO A 420 0.91 22.12 -14.48
CA PRO A 420 2.17 22.19 -13.75
C PRO A 420 1.93 22.50 -12.31
N ILE A 421 2.62 21.81 -11.40
CA ILE A 421 2.48 22.02 -9.96
C ILE A 421 3.84 21.77 -9.35
N HIS A 422 4.42 22.76 -8.65
CA HIS A 422 5.73 22.57 -7.96
C HIS A 422 5.57 21.60 -6.77
N ALA A 423 6.69 21.02 -6.33
CA ALA A 423 6.67 20.13 -5.19
C ALA A 423 6.22 20.83 -3.90
N THR A 424 6.47 22.11 -3.75
CA THR A 424 6.07 22.81 -2.52
C THR A 424 4.56 23.05 -2.40
N GLU A 425 3.81 22.83 -3.48
CA GLU A 425 2.37 23.08 -3.50
C GLU A 425 1.47 21.81 -3.68
N TYR A 426 2.08 20.68 -4.06
CA TYR A 426 1.35 19.48 -4.49
C TYR A 426 0.68 18.67 -3.35
N VAL A 427 -0.66 18.62 -3.39
CA VAL A 427 -1.43 17.74 -2.50
C VAL A 427 -2.00 16.56 -3.30
N PRO A 428 -1.59 15.33 -2.97
CA PRO A 428 -2.21 14.16 -3.60
C PRO A 428 -3.74 14.10 -3.35
N ASN A 429 -4.53 14.02 -4.42
CA ASN A 429 -6.01 14.06 -4.36
C ASN A 429 -6.68 13.27 -5.49
N TRP A 430 -8.02 13.32 -5.61
CA TRP A 430 -8.67 12.44 -6.57
C TRP A 430 -8.30 12.69 -8.03
N ILE A 431 -7.87 13.90 -8.35
CA ILE A 431 -7.61 14.24 -9.73
C ILE A 431 -6.31 13.57 -10.25
N THR A 432 -5.37 13.28 -9.36
CA THR A 432 -4.06 12.71 -9.75
C THR A 432 -3.86 11.25 -9.27
N ASP A 433 -4.96 10.60 -8.83
CA ASP A 433 -4.99 9.19 -8.40
C ASP A 433 -4.25 8.90 -7.07
N TYR A 434 -3.98 9.95 -6.29
CA TYR A 434 -3.18 9.89 -5.05
C TYR A 434 -1.72 9.48 -5.32
N LEU A 435 -1.28 9.64 -6.57
CA LEU A 435 0.12 9.49 -6.92
C LEU A 435 0.94 10.10 -5.77
N PRO A 436 1.84 9.30 -5.14
CA PRO A 436 2.68 9.95 -4.15
C PRO A 436 3.76 10.82 -4.81
N THR A 437 4.16 10.53 -6.04
CA THR A 437 5.21 11.34 -6.70
C THR A 437 4.66 12.64 -7.38
N LEU A 438 5.55 13.59 -7.68
CA LEU A 438 5.18 14.83 -8.35
C LEU A 438 4.74 14.49 -9.77
N PRO A 439 3.57 15.00 -10.17
CA PRO A 439 3.17 14.83 -11.56
C PRO A 439 4.20 15.47 -12.49
N PRO A 440 4.31 14.90 -13.69
CA PRO A 440 5.33 15.32 -14.63
C PRO A 440 4.98 16.63 -15.31
N ASP A 441 3.74 17.07 -15.18
CA ASP A 441 3.24 18.26 -15.86
C ASP A 441 4.24 19.44 -15.84
N LEU A 442 4.89 19.75 -14.73
CA LEU A 442 5.77 20.94 -14.74
C LEU A 442 7.01 20.71 -15.63
N ASP A 443 7.62 19.54 -15.49
CA ASP A 443 8.73 19.17 -16.40
C ASP A 443 8.27 19.15 -17.84
N LEU A 444 7.15 18.54 -18.12
CA LEU A 444 6.65 18.52 -19.51
C LEU A 444 6.41 19.94 -20.06
N TYR A 445 5.78 20.80 -19.28
CA TYR A 445 5.60 22.19 -19.68
C TYR A 445 6.93 22.76 -20.13
N LYS A 446 7.96 22.74 -19.28
CA LYS A 446 9.23 23.39 -19.65
C LYS A 446 9.87 22.74 -20.86
N LEU A 447 9.78 21.41 -20.95
CA LEU A 447 10.37 20.70 -22.08
C LEU A 447 9.75 21.12 -23.39
N ALA A 448 8.46 21.43 -23.38
CA ALA A 448 7.77 21.85 -24.61
C ALA A 448 8.09 23.30 -25.03
N ARG A 449 8.25 24.18 -24.03
CA ARG A 449 8.67 25.55 -24.26
C ARG A 449 10.00 25.60 -24.90
N SER A 450 10.94 24.84 -24.34
CA SER A 450 12.29 24.76 -24.88
C SER A 450 12.27 24.30 -26.33
N ALA A 451 11.50 23.26 -26.61
CA ALA A 451 11.43 22.70 -27.96
C ALA A 451 10.93 23.68 -28.98
N VAL A 452 9.88 24.43 -28.63
CA VAL A 452 9.32 25.46 -29.51
C VAL A 452 10.33 26.57 -29.71
N GLU A 453 11.03 26.97 -28.65
CA GLU A 453 12.17 27.92 -28.77
C GLU A 453 13.21 27.47 -29.79
N ARG A 454 13.60 26.20 -29.78
CA ARG A 454 14.66 25.73 -30.67
C ARG A 454 14.22 25.70 -32.12
N ARG A 455 12.90 25.66 -32.31
CA ARG A 455 12.28 25.60 -33.60
C ARG A 455 11.89 27.02 -34.07
N LYS A 456 12.19 28.04 -33.28
CA LYS A 456 11.79 29.41 -33.63
C LYS A 456 12.25 29.79 -35.05
N GLU A 457 13.48 29.42 -35.40
CA GLU A 457 14.05 29.65 -36.74
C GLU A 457 13.19 29.10 -37.85
N THR A 458 12.64 27.92 -37.65
CA THR A 458 11.95 27.20 -38.72
C THR A 458 10.49 27.61 -38.88
N GLN A 459 9.85 27.96 -37.77
CA GLN A 459 8.39 28.11 -37.72
C GLN A 459 8.00 28.80 -36.44
N SER A 460 7.12 29.77 -36.53
CA SER A 460 6.72 30.37 -35.30
C SER A 460 5.42 29.69 -34.88
N ILE A 461 5.31 29.41 -33.58
CA ILE A 461 4.21 28.62 -33.03
C ILE A 461 3.56 29.33 -31.84
N LEU A 462 2.23 29.40 -31.86
CA LEU A 462 1.48 29.90 -30.71
C LEU A 462 1.32 28.80 -29.64
N GLN A 463 1.64 29.16 -28.41
CA GLN A 463 1.57 28.23 -27.32
C GLN A 463 0.54 28.61 -26.29
N ASN A 464 -0.45 27.78 -26.06
CA ASN A 464 -1.40 28.06 -25.00
C ASN A 464 -1.54 26.85 -24.14
N ASN A 465 -1.43 27.04 -22.84
CA ASN A 465 -1.64 26.00 -21.85
C ASN A 465 -2.79 26.33 -20.91
N HIS A 466 -3.66 25.34 -20.65
CA HIS A 466 -4.83 25.54 -19.80
C HIS A 466 -4.85 24.61 -18.65
N PRO A 467 -4.35 25.11 -17.52
CA PRO A 467 -4.30 24.29 -16.35
C PRO A 467 -5.68 24.28 -15.79
N TYR A 468 -6.02 23.24 -15.06
CA TYR A 468 -7.28 23.18 -14.31
C TYR A 468 -7.07 22.10 -13.21
N ASN A 469 -6.61 22.55 -12.05
CA ASN A 469 -6.16 21.65 -11.00
C ASN A 469 -6.42 22.23 -9.58
N MSE A 470 -6.55 21.36 -8.59
CA MSE A 470 -6.80 21.75 -7.21
C MSE A 470 -5.70 21.25 -6.35
O MSE A 470 -5.37 20.07 -6.38
CB MSE A 470 -8.11 21.08 -6.79
CG MSE A 470 -8.54 21.45 -5.36
SE MSE A 470 -8.93 23.37 -5.21
CE MSE A 470 -10.88 23.23 -5.52
N ALA A 471 -5.08 22.15 -5.58
CA ALA A 471 -4.17 21.74 -4.50
C ALA A 471 -4.33 22.35 -3.10
N LYS A 472 -3.76 23.52 -2.91
CA LYS A 472 -4.02 24.32 -1.74
C LYS A 472 -5.14 25.24 -2.24
N ARG A 473 -4.98 25.70 -3.47
CA ARG A 473 -5.95 26.58 -4.14
C ARG A 473 -6.31 26.03 -5.53
N LEU A 474 -7.31 26.60 -6.17
CA LEU A 474 -7.60 26.22 -7.54
C LEU A 474 -6.51 26.77 -8.43
N TYR A 475 -6.15 26.04 -9.49
CA TYR A 475 -5.24 26.52 -10.55
C TYR A 475 -5.98 26.53 -11.87
N TYR A 476 -5.93 27.64 -12.58
CA TYR A 476 -6.71 27.82 -13.81
C TYR A 476 -6.06 28.88 -14.68
N THR A 477 -6.55 29.05 -15.90
CA THR A 477 -6.01 30.10 -16.75
C THR A 477 -6.40 31.46 -16.20
N GLN A 478 -5.40 32.31 -16.00
CA GLN A 478 -5.62 33.65 -15.48
C GLN A 478 -6.21 34.55 -16.55
N ALA A 479 -6.90 35.59 -16.12
CA ALA A 479 -7.48 36.56 -17.04
C ALA A 479 -6.36 37.25 -17.81
N TYR A 480 -5.26 37.48 -17.12
CA TYR A 480 -4.16 38.30 -17.59
C TYR A 480 -3.06 37.48 -18.27
N ASP A 481 -3.37 36.22 -18.61
CA ASP A 481 -2.37 35.29 -19.12
C ASP A 481 -1.69 35.80 -20.39
N LYS A 482 -0.37 35.67 -20.41
CA LYS A 482 0.46 36.20 -21.48
C LYS A 482 0.20 35.58 -22.84
N ASP A 483 0.06 34.26 -22.88
CA ASP A 483 -0.13 33.58 -24.13
C ASP A 483 -1.48 33.81 -24.75
N SER A 484 -2.46 34.13 -23.92
CA SER A 484 -3.75 34.62 -24.40
C SER A 484 -3.62 35.99 -25.08
N GLN A 485 -2.88 36.91 -24.45
CA GLN A 485 -2.61 38.17 -25.10
C GLN A 485 -1.93 37.98 -26.46
N SER A 486 -0.89 37.16 -26.55
CA SER A 486 -0.22 37.04 -27.86
C SER A 486 -1.22 36.48 -28.84
N LEU A 487 -2.07 35.56 -28.37
CA LEU A 487 -3.04 35.00 -29.28
C LEU A 487 -4.04 36.09 -29.76
N LEU A 488 -4.62 36.87 -28.84
CA LEU A 488 -5.46 38.01 -29.25
C LEU A 488 -4.76 39.01 -30.18
N VAL A 489 -3.55 39.40 -29.80
CA VAL A 489 -2.82 40.32 -30.61
C VAL A 489 -2.61 39.73 -32.01
N THR A 490 -2.08 38.51 -32.09
CA THR A 490 -1.82 37.86 -33.38
C THR A 490 -3.10 37.67 -34.21
N ALA A 491 -4.19 37.35 -33.54
CA ALA A 491 -5.40 37.03 -34.27
C ALA A 491 -6.16 38.27 -34.70
N LYS A 492 -6.05 39.37 -33.97
CA LYS A 492 -6.67 40.62 -34.45
C LYS A 492 -6.15 41.08 -35.80
N LYS A 493 -4.85 40.91 -36.03
CA LYS A 493 -4.27 41.20 -37.31
C LYS A 493 -5.11 40.65 -38.44
N TYR A 494 -5.85 39.57 -38.19
CA TYR A 494 -6.63 38.85 -39.24
C TYR A 494 -8.09 39.28 -39.38
N ALA A 495 -8.60 40.03 -38.42
CA ALA A 495 -10.05 40.27 -38.32
C ALA A 495 -10.73 40.92 -39.52
N SER A 496 -10.03 41.81 -40.20
CA SER A 496 -10.62 42.60 -41.25
C SER A 496 -10.75 41.86 -42.55
N PHE A 497 -10.07 40.74 -42.71
CA PHE A 497 -10.20 39.92 -43.94
C PHE A 497 -10.55 38.46 -43.72
N THR A 498 -10.87 38.12 -42.46
CA THR A 498 -11.33 36.79 -42.10
C THR A 498 -12.80 36.78 -41.64
N PRO A 499 -13.69 36.29 -42.50
CA PRO A 499 -15.09 36.31 -42.11
C PRO A 499 -15.32 35.43 -40.90
N GLY A 500 -16.06 35.93 -39.92
CA GLY A 500 -16.50 35.18 -38.75
C GLY A 500 -15.58 35.34 -37.54
N LEU A 501 -14.43 35.94 -37.76
CA LEU A 501 -13.43 35.89 -36.73
C LEU A 501 -13.80 36.83 -35.61
N GLN A 502 -14.35 37.99 -35.93
CA GLN A 502 -14.41 39.05 -34.90
C GLN A 502 -15.25 38.62 -33.71
N GLU A 503 -16.41 38.02 -33.97
CA GLU A 503 -17.29 37.54 -32.91
C GLU A 503 -16.61 36.47 -32.03
N LEU A 504 -15.68 35.69 -32.59
CA LEU A 504 -14.91 34.76 -31.79
C LEU A 504 -13.91 35.51 -30.94
N LEU A 505 -13.24 36.51 -31.49
CA LEU A 505 -12.30 37.29 -30.64
C LEU A 505 -13.03 38.04 -29.51
N ASP A 506 -14.21 38.56 -29.76
CA ASP A 506 -14.95 39.26 -28.72
C ASP A 506 -15.26 38.29 -27.59
N GLN A 507 -15.84 37.15 -27.97
CA GLN A 507 -16.15 36.08 -27.03
C GLN A 507 -14.95 35.62 -26.21
N TYR A 508 -13.83 35.37 -26.87
CA TYR A 508 -12.61 34.91 -26.18
C TYR A 508 -12.12 35.94 -25.17
N GLN A 509 -12.14 37.22 -25.55
CA GLN A 509 -11.79 38.29 -24.64
C GLN A 509 -12.70 38.24 -23.42
N SER A 510 -13.99 38.08 -23.68
CA SER A 510 -15.02 38.10 -22.62
C SER A 510 -14.90 36.95 -21.61
N VAL A 511 -14.73 35.74 -22.12
CA VAL A 511 -14.55 34.58 -21.28
C VAL A 511 -13.26 34.70 -20.47
N LEU A 512 -12.16 35.08 -21.10
CA LEU A 512 -10.93 35.35 -20.39
C LEU A 512 -11.13 36.29 -19.22
N GLU A 513 -11.85 37.40 -19.44
CA GLU A 513 -12.06 38.44 -18.40
C GLU A 513 -13.05 38.05 -17.30
N SER A 514 -13.95 37.12 -17.62
CA SER A 514 -15.02 36.69 -16.74
C SER A 514 -14.54 36.21 -15.38
N ALA A 515 -13.26 35.85 -15.28
CA ALA A 515 -12.66 35.46 -13.99
C ALA A 515 -12.47 36.61 -12.98
N LEU A 516 -12.33 37.85 -13.45
CA LEU A 516 -11.98 38.96 -12.57
C LEU A 516 -13.12 39.30 -11.63
N GLY A 517 -14.34 39.33 -12.16
CA GLY A 517 -15.53 39.60 -11.36
C GLY A 517 -15.83 38.38 -10.53
N THR A 518 -16.44 38.55 -9.37
CA THR A 518 -16.77 37.38 -8.57
C THR A 518 -18.26 37.31 -8.25
N ALA A 519 -18.84 36.18 -8.62
CA ALA A 519 -20.01 35.67 -7.94
C ALA A 519 -19.39 34.70 -6.94
N THR A 520 -20.19 34.20 -6.03
CA THR A 520 -19.74 33.17 -5.09
C THR A 520 -19.59 31.80 -5.81
N ILE A 521 -20.54 31.51 -6.70
CA ILE A 521 -20.51 30.31 -7.56
C ILE A 521 -20.12 30.66 -9.00
N PHE A 522 -19.16 29.91 -9.55
CA PHE A 522 -18.63 30.20 -10.89
C PHE A 522 -18.13 28.94 -11.59
N ASP A 523 -18.42 28.78 -12.87
CA ASP A 523 -18.15 27.52 -13.58
C ASP A 523 -16.75 27.54 -14.21
N TYR A 524 -15.72 27.35 -13.41
CA TYR A 524 -14.34 27.45 -13.88
C TYR A 524 -14.01 26.37 -14.88
N ALA A 525 -14.60 25.19 -14.70
CA ALA A 525 -14.40 24.10 -15.64
C ALA A 525 -14.91 24.52 -17.00
N GLY A 526 -16.10 25.06 -17.03
CA GLY A 526 -16.65 25.49 -18.30
C GLY A 526 -15.88 26.61 -18.94
N ARG A 527 -15.36 27.49 -18.10
CA ARG A 527 -14.61 28.60 -18.62
C ARG A 527 -13.43 28.03 -19.40
N GLU A 528 -12.75 27.04 -18.80
CA GLU A 528 -11.63 26.38 -19.47
C GLU A 528 -11.96 25.75 -20.83
N LEU A 529 -13.10 25.12 -20.94
CA LEU A 529 -13.44 24.41 -22.13
C LEU A 529 -13.75 25.42 -23.18
N PHE A 530 -14.38 26.53 -22.75
CA PHE A 530 -14.64 27.64 -23.67
C PHE A 530 -13.37 28.35 -24.12
N LEU A 531 -12.46 28.62 -23.20
CA LEU A 531 -11.19 29.16 -23.61
C LEU A 531 -10.52 28.25 -24.58
N SER A 532 -10.46 26.93 -24.31
CA SER A 532 -9.71 26.03 -25.19
C SER A 532 -10.43 25.89 -26.55
N SER A 533 -11.75 25.84 -26.54
CA SER A 533 -12.51 25.67 -27.78
C SER A 533 -12.38 26.90 -28.65
N LEU A 534 -12.41 28.09 -28.03
CA LEU A 534 -12.38 29.35 -28.83
C LEU A 534 -11.02 29.51 -29.52
N GLU A 535 -9.93 29.28 -28.80
CA GLU A 535 -8.62 29.22 -29.39
C GLU A 535 -8.60 28.34 -30.62
N GLN A 536 -9.23 27.16 -30.55
CA GLN A 536 -9.20 26.25 -31.69
C GLN A 536 -10.06 26.78 -32.79
N LEU A 537 -11.17 27.38 -32.42
CA LEU A 537 -12.09 27.90 -33.42
C LEU A 537 -11.46 29.11 -34.12
N ILE A 538 -10.72 29.92 -33.36
CA ILE A 538 -9.99 31.00 -33.95
C ILE A 538 -8.99 30.52 -34.97
N ILE A 539 -8.12 29.61 -34.58
CA ILE A 539 -7.16 29.03 -35.51
C ILE A 539 -7.85 28.44 -36.72
N LEU A 540 -8.92 27.69 -36.48
CA LEU A 540 -9.62 27.07 -37.56
C LEU A 540 -10.22 28.07 -38.52
N THR A 541 -10.90 29.11 -38.06
CA THR A 541 -11.54 29.98 -39.02
C THR A 541 -10.43 30.76 -39.78
N ILE A 542 -9.32 31.11 -39.11
CA ILE A 542 -8.19 31.70 -39.79
C ILE A 542 -7.63 30.73 -40.82
N GLY A 543 -7.76 29.44 -40.62
CA GLY A 543 -7.10 28.46 -41.53
C GLY A 543 -5.72 28.01 -41.09
N GLY A 544 -5.39 28.22 -39.82
CA GLY A 544 -4.09 27.76 -39.29
C GLY A 544 -4.14 26.26 -38.96
N HIS A 545 -3.01 25.78 -38.44
CA HIS A 545 -2.85 24.39 -38.07
C HIS A 545 -3.27 24.17 -36.61
N SER A 546 -4.24 23.28 -36.43
CA SER A 546 -4.81 22.96 -35.10
C SER A 546 -4.16 21.73 -34.48
N TYR A 547 -3.38 21.95 -33.43
CA TYR A 547 -2.76 20.85 -32.70
C TYR A 547 -2.91 21.07 -31.20
N GLY A 548 -3.09 19.98 -30.47
CA GLY A 548 -3.07 20.04 -29.02
C GLY A 548 -2.88 18.69 -28.37
N SER A 549 -2.59 18.72 -27.07
CA SER A 549 -2.48 17.53 -26.28
C SER A 549 -2.82 17.82 -24.84
N CYS A 550 -3.20 16.77 -24.13
CA CYS A 550 -3.10 16.73 -22.69
C CYS A 550 -1.91 15.82 -22.42
N VAL A 551 -1.70 15.32 -21.22
CA VAL A 551 -0.49 14.52 -20.99
C VAL A 551 -0.50 13.25 -21.86
N SER A 552 -1.63 12.56 -21.89
CA SER A 552 -1.76 11.32 -22.64
C SER A 552 -2.44 11.49 -23.99
N GLY A 553 -3.16 12.58 -24.16
CA GLY A 553 -3.88 12.83 -25.38
C GLY A 553 -5.20 12.10 -25.48
N LYS A 554 -5.59 11.40 -24.44
CA LYS A 554 -6.88 10.71 -24.47
C LYS A 554 -7.92 11.25 -23.52
N ASP A 555 -7.54 12.19 -22.67
CA ASP A 555 -8.45 12.60 -21.60
C ASP A 555 -8.97 14.02 -21.68
N ARG A 556 -8.18 14.99 -21.23
CA ARG A 556 -8.61 16.37 -21.32
C ARG A 556 -8.79 16.74 -22.77
N LYS A 557 -7.90 16.23 -23.61
CA LYS A 557 -7.96 16.48 -25.04
C LYS A 557 -9.23 15.93 -25.66
N ALA A 558 -9.67 14.77 -25.21
CA ALA A 558 -10.91 14.19 -25.69
C ALA A 558 -12.07 15.07 -25.32
N ILE A 559 -12.03 15.64 -24.13
CA ILE A 559 -13.07 16.55 -23.67
C ILE A 559 -13.14 17.82 -24.51
N GLU A 560 -11.98 18.37 -24.88
CA GLU A 560 -11.94 19.55 -25.71
C GLU A 560 -12.54 19.27 -27.07
N LEU A 561 -12.24 18.12 -27.63
CA LEU A 561 -12.73 17.73 -28.93
C LEU A 561 -14.24 17.58 -28.96
N ILE A 562 -14.79 17.00 -27.91
CA ILE A 562 -16.22 16.87 -27.78
C ILE A 562 -16.84 18.29 -27.67
N HIS A 563 -16.22 19.13 -26.83
CA HIS A 563 -16.78 20.43 -26.56
C HIS A 563 -16.73 21.26 -27.82
N THR A 564 -15.59 21.24 -28.49
CA THR A 564 -15.48 22.01 -29.71
C THR A 564 -16.39 21.38 -30.77
N ASP A 565 -16.38 20.08 -30.95
CA ASP A 565 -17.40 19.53 -31.85
C ASP A 565 -18.82 20.07 -31.52
N ALA A 566 -19.17 20.11 -30.24
CA ALA A 566 -20.50 20.54 -29.88
C ALA A 566 -20.77 21.99 -30.27
N MSE A 567 -19.77 22.86 -30.18
CA MSE A 567 -19.95 24.27 -30.57
C MSE A 567 -20.20 24.35 -32.06
O MSE A 567 -21.08 25.09 -32.52
CB MSE A 567 -18.74 25.08 -30.16
CG MSE A 567 -18.76 25.25 -28.65
SE MSE A 567 -17.26 26.41 -28.10
CE MSE A 567 -17.99 28.09 -28.85
N ILE A 568 -19.44 23.58 -32.83
CA ILE A 568 -19.61 23.53 -34.28
C ILE A 568 -21.02 22.98 -34.60
N LEU A 569 -21.46 21.92 -33.95
CA LEU A 569 -22.81 21.43 -34.21
C LEU A 569 -23.89 22.42 -33.82
N TYR A 570 -23.67 23.15 -32.74
CA TYR A 570 -24.61 24.17 -32.27
C TYR A 570 -24.73 25.31 -33.33
N LYS A 571 -23.61 25.88 -33.75
CA LYS A 571 -23.64 26.91 -34.77
C LYS A 571 -24.37 26.42 -36.02
N GLU A 572 -24.11 25.19 -36.39
CA GLU A 572 -24.69 24.59 -37.57
C GLU A 572 -26.21 24.46 -37.40
N CYS A 573 -26.66 24.13 -36.19
CA CYS A 573 -28.09 23.94 -35.96
C CYS A 573 -28.88 25.24 -35.74
N TYR A 574 -28.35 26.16 -34.94
CA TYR A 574 -29.11 27.33 -34.54
C TYR A 574 -28.64 28.69 -35.14
N GLY A 575 -27.53 28.68 -35.87
CA GLY A 575 -27.09 29.85 -36.57
C GLY A 575 -26.12 30.75 -35.83
N THR A 576 -25.86 30.50 -34.55
CA THR A 576 -24.79 31.26 -33.90
C THR A 576 -24.03 30.37 -32.90
N TRP A 577 -22.81 30.78 -32.52
CA TRP A 577 -22.02 30.09 -31.53
C TRP A 577 -22.78 30.10 -30.23
N PRO A 578 -22.71 29.02 -29.42
CA PRO A 578 -23.20 29.11 -28.06
C PRO A 578 -22.17 29.88 -27.26
N VAL A 579 -22.52 30.38 -26.08
CA VAL A 579 -21.60 31.24 -25.32
C VAL A 579 -21.52 30.85 -23.88
N PHE A 580 -20.35 31.15 -23.30
CA PHE A 580 -20.13 30.84 -21.92
C PHE A 580 -21.16 31.42 -20.95
N ASP A 581 -21.51 32.67 -21.16
CA ASP A 581 -22.29 33.43 -20.22
C ASP A 581 -23.77 33.22 -20.49
N GLU A 582 -24.34 32.20 -19.88
CA GLU A 582 -25.67 31.76 -20.21
C GLU A 582 -26.22 31.20 -18.88
N LEU A 583 -27.49 31.39 -18.56
CA LEU A 583 -27.98 30.79 -17.30
C LEU A 583 -28.36 29.36 -17.66
N PRO A 584 -28.21 28.41 -16.71
CA PRO A 584 -28.46 27.01 -17.00
C PRO A 584 -29.93 26.71 -17.28
N ASP A 585 -30.81 27.60 -16.80
CA ASP A 585 -32.24 27.46 -16.95
C ASP A 585 -32.64 27.58 -18.42
N LYS A 586 -31.82 28.33 -19.16
CA LYS A 586 -32.18 28.85 -20.48
C LYS A 586 -32.05 27.91 -21.64
N GLU A 587 -32.87 28.15 -22.64
CA GLU A 587 -33.06 27.23 -23.76
C GLU A 587 -31.75 27.07 -24.51
N ASN A 588 -31.02 28.16 -24.70
CA ASN A 588 -29.69 28.07 -25.31
C ASN A 588 -28.64 27.15 -24.66
N ARG A 589 -28.58 27.19 -23.33
CA ARG A 589 -27.63 26.37 -22.62
C ARG A 589 -28.09 24.94 -22.66
N ILE A 590 -29.41 24.73 -22.59
CA ILE A 590 -29.98 23.40 -22.54
C ILE A 590 -29.66 22.69 -23.81
N ARG A 591 -29.69 23.41 -24.90
CA ARG A 591 -29.46 22.83 -26.22
C ARG A 591 -28.03 22.48 -26.53
N PHE A 592 -27.14 23.22 -25.90
CA PHE A 592 -25.74 22.96 -26.00
C PHE A 592 -25.42 21.73 -25.15
N VAL A 593 -25.93 21.73 -23.93
CA VAL A 593 -25.74 20.62 -23.02
C VAL A 593 -26.21 19.33 -23.69
N SER A 594 -27.31 19.41 -24.42
CA SER A 594 -27.79 18.22 -25.09
C SER A 594 -26.79 17.66 -26.12
N LEU A 595 -26.18 18.56 -26.89
CA LEU A 595 -25.18 18.21 -27.87
C LEU A 595 -23.95 17.64 -27.19
N VAL A 596 -23.45 18.32 -26.15
CA VAL A 596 -22.31 17.77 -25.43
C VAL A 596 -22.58 16.38 -24.90
N ALA A 597 -23.69 16.25 -24.21
CA ALA A 597 -24.05 14.98 -23.62
C ALA A 597 -24.16 13.92 -24.72
N ASP A 598 -24.77 14.28 -25.85
CA ASP A 598 -24.88 13.31 -26.98
C ASP A 598 -23.55 12.82 -27.47
N LEU A 599 -22.62 13.76 -27.61
CA LEU A 599 -21.30 13.43 -28.14
C LEU A 599 -20.55 12.57 -27.14
N TYR A 600 -20.56 12.98 -25.87
CA TYR A 600 -19.91 12.26 -24.81
C TYR A 600 -20.47 10.86 -24.78
N MSE A 601 -21.79 10.72 -24.80
CA MSE A 601 -22.38 9.38 -24.72
C MSE A 601 -22.28 8.54 -25.97
O MSE A 601 -22.55 7.38 -25.92
CB MSE A 601 -23.84 9.50 -24.34
CG MSE A 601 -23.94 10.03 -22.90
SE MSE A 601 -25.79 10.41 -22.31
CE MSE A 601 -26.49 8.58 -22.60
N SER A 602 -21.91 9.10 -27.11
CA SER A 602 -21.65 8.26 -28.28
C SER A 602 -20.48 7.35 -27.95
N ARG A 603 -19.63 7.88 -27.08
CA ARG A 603 -18.46 7.17 -26.56
C ARG A 603 -17.40 7.06 -27.61
N HIS A 604 -17.50 7.86 -28.65
CA HIS A 604 -16.46 7.85 -29.64
C HIS A 604 -15.07 8.10 -29.01
N GLN A 605 -14.91 9.15 -28.22
CA GLN A 605 -13.61 9.42 -27.61
C GLN A 605 -13.20 8.34 -26.63
N HIS A 606 -14.17 7.71 -25.99
CA HIS A 606 -13.85 6.70 -25.01
C HIS A 606 -13.17 5.54 -25.72
N GLU A 607 -13.69 5.21 -26.89
CA GLU A 607 -13.17 4.13 -27.72
C GLU A 607 -11.79 4.43 -28.24
N HIS A 608 -11.60 5.67 -28.62
CA HIS A 608 -10.29 6.10 -29.10
C HIS A 608 -9.26 5.92 -28.00
N ALA A 609 -9.52 6.41 -26.80
CA ALA A 609 -8.69 6.01 -25.63
C ALA A 609 -8.49 4.50 -25.46
N GLY A 610 -9.54 3.71 -25.64
CA GLY A 610 -9.43 2.25 -25.48
C GLY A 610 -8.42 1.60 -26.38
N GLN A 611 -8.25 2.14 -27.57
CA GLN A 611 -7.32 1.56 -28.47
C GLN A 611 -5.87 1.62 -27.96
N ASN A 612 -5.60 2.56 -27.07
CA ASN A 612 -4.32 2.63 -26.36
C ASN A 612 -4.08 1.47 -25.41
N ALA A 613 -5.12 1.06 -24.69
CA ALA A 613 -5.08 -0.17 -23.90
C ALA A 613 -6.45 -0.82 -23.92
N PRO A 614 -6.64 -1.87 -24.83
CA PRO A 614 -8.04 -2.30 -24.95
C PRO A 614 -8.71 -2.76 -23.66
N GLY A 615 -9.98 -2.38 -23.50
CA GLY A 615 -10.73 -2.56 -22.28
C GLY A 615 -10.64 -1.37 -21.36
N SER A 616 -9.94 -0.35 -21.81
CA SER A 616 -9.70 0.84 -21.04
C SER A 616 -10.52 1.98 -21.61
N GLU A 617 -11.68 1.64 -22.12
CA GLU A 617 -12.49 2.61 -22.81
C GLU A 617 -13.28 3.41 -21.81
N GLY A 618 -12.71 4.56 -21.45
CA GLY A 618 -13.38 5.54 -20.60
C GLY A 618 -12.61 6.84 -20.70
N ILE A 619 -12.94 7.83 -19.87
CA ILE A 619 -12.30 9.11 -19.80
C ILE A 619 -11.91 9.40 -18.35
N LYS A 620 -10.77 10.00 -18.17
CA LYS A 620 -10.28 10.34 -16.87
C LYS A 620 -11.09 11.43 -16.23
N THR A 621 -11.55 11.20 -15.01
CA THR A 621 -12.01 12.25 -14.11
C THR A 621 -13.02 13.20 -14.77
N PRO A 622 -14.09 12.67 -15.40
CA PRO A 622 -15.00 13.57 -16.10
C PRO A 622 -15.67 14.62 -15.22
N GLU A 623 -16.04 14.21 -14.01
CA GLU A 623 -16.75 15.10 -13.08
C GLU A 623 -15.85 16.25 -12.61
N TRP A 624 -14.54 16.15 -12.79
CA TRP A 624 -13.73 17.30 -12.49
C TRP A 624 -13.70 18.29 -13.64
N TYR A 625 -13.60 17.78 -14.87
CA TYR A 625 -13.35 18.60 -16.09
C TYR A 625 -14.64 19.13 -16.74
N LEU A 626 -15.76 18.46 -16.45
CA LEU A 626 -17.04 18.82 -17.05
C LEU A 626 -17.70 19.76 -16.11
N PRO A 627 -18.43 20.71 -16.62
CA PRO A 627 -19.34 21.58 -15.89
C PRO A 627 -20.49 20.81 -15.24
N GLU A 628 -21.02 21.31 -14.14
CA GLU A 628 -22.03 20.55 -13.40
C GLU A 628 -23.25 20.15 -14.23
N ASP A 629 -23.77 21.04 -15.06
CA ASP A 629 -25.02 20.73 -15.76
C ASP A 629 -24.88 19.66 -16.85
N ILE A 630 -23.71 19.58 -17.47
CA ILE A 630 -23.42 18.52 -18.45
C ILE A 630 -23.23 17.15 -17.77
N ALA A 631 -22.45 17.17 -16.71
CA ALA A 631 -22.24 15.97 -15.95
C ALA A 631 -23.59 15.46 -15.45
N ALA A 632 -24.38 16.35 -14.90
CA ALA A 632 -25.71 15.96 -14.37
C ALA A 632 -26.67 15.42 -15.43
N GLU A 633 -26.67 16.03 -16.58
CA GLU A 633 -27.48 15.53 -17.66
C GLU A 633 -27.06 14.12 -18.09
N ILE A 634 -25.74 13.88 -18.20
CA ILE A 634 -25.24 12.56 -18.57
C ILE A 634 -25.65 11.53 -17.51
N ARG A 635 -25.42 11.90 -16.24
CA ARG A 635 -25.76 11.06 -15.11
C ARG A 635 -27.21 10.64 -15.14
N LYS A 636 -28.08 11.59 -15.45
CA LYS A 636 -29.50 11.35 -15.36
C LYS A 636 -29.95 10.59 -16.61
N ARG A 637 -29.42 10.93 -17.76
CA ARG A 637 -29.74 10.13 -18.93
C ARG A 637 -29.42 8.61 -18.77
N LEU A 638 -28.35 8.32 -18.05
CA LEU A 638 -27.94 6.94 -17.78
C LEU A 638 -28.52 6.38 -16.48
N ASP A 639 -29.23 7.22 -15.74
CA ASP A 639 -29.88 6.92 -14.50
C ASP A 639 -28.91 6.48 -13.41
N SER A 640 -27.67 6.94 -13.43
CA SER A 640 -26.68 6.45 -12.49
C SER A 640 -25.85 7.60 -12.00
N GLU A 641 -25.70 7.73 -10.67
CA GLU A 641 -24.75 8.68 -10.06
C GLU A 641 -23.33 8.27 -10.33
N ARG A 642 -23.15 6.98 -10.55
CA ARG A 642 -21.86 6.38 -10.81
C ARG A 642 -21.31 6.54 -12.24
N SER A 643 -22.11 7.01 -13.21
CA SER A 643 -21.70 6.75 -14.63
C SER A 643 -20.38 7.41 -15.04
N LEU A 644 -20.12 8.61 -14.58
CA LEU A 644 -18.84 9.26 -14.82
C LEU A 644 -17.70 8.67 -13.98
N LYS A 645 -17.98 8.09 -12.84
CA LYS A 645 -16.92 7.42 -12.07
C LYS A 645 -16.53 6.06 -12.68
N ASP A 646 -17.48 5.40 -13.34
CA ASP A 646 -17.21 4.22 -14.08
C ASP A 646 -16.34 4.55 -15.27
N ASP A 647 -16.64 5.66 -15.96
CA ASP A 647 -15.76 6.10 -17.04
C ASP A 647 -14.33 6.25 -16.55
N ASP A 648 -14.16 6.81 -15.35
CA ASP A 648 -12.83 7.06 -14.81
C ASP A 648 -12.16 5.75 -14.39
N ARG A 649 -12.94 4.82 -13.90
CA ARG A 649 -12.45 3.49 -13.55
C ARG A 649 -11.94 2.81 -14.81
N ALA A 650 -12.71 2.90 -15.89
CA ALA A 650 -12.30 2.16 -17.10
C ALA A 650 -11.04 2.83 -17.71
N ALA A 651 -10.89 4.13 -17.57
CA ALA A 651 -9.68 4.79 -18.03
C ALA A 651 -8.49 4.36 -17.20
N THR A 652 -8.67 4.32 -15.88
CA THR A 652 -7.56 4.07 -14.99
C THR A 652 -6.91 2.69 -15.22
N ASP A 653 -7.72 1.76 -15.74
CA ASP A 653 -7.34 0.38 -16.09
C ASP A 653 -6.30 0.27 -17.22
N ASN A 654 -5.85 1.36 -17.80
CA ASN A 654 -4.95 1.27 -18.91
C ASN A 654 -3.57 0.89 -18.43
N GLU A 655 -3.20 1.36 -17.26
CA GLU A 655 -1.88 1.02 -16.62
C GLU A 655 -2.11 -0.27 -15.74
N VAL A 656 -1.35 -1.37 -15.97
CA VAL A 656 -1.54 -2.60 -15.19
C VAL A 656 -1.45 -2.32 -13.68
N LYS A 657 -0.50 -1.49 -13.28
CA LYS A 657 -0.35 -1.19 -11.86
C LYS A 657 -1.58 -0.55 -11.30
N ASN A 658 -2.36 0.15 -12.11
CA ASN A 658 -3.55 0.80 -11.58
C ASN A 658 -4.79 -0.04 -11.64
N ILE A 659 -4.66 -1.27 -12.11
CA ILE A 659 -5.77 -2.17 -12.00
C ILE A 659 -5.99 -2.41 -10.49
N PHE A 660 -4.90 -2.36 -9.71
CA PHE A 660 -4.96 -2.55 -8.22
C PHE A 660 -5.13 -1.27 -7.38
N ILE A 661 -5.60 -0.21 -8.03
CA ILE A 661 -5.94 1.06 -7.39
C ILE A 661 -7.43 1.13 -6.90
N GLY A 662 -8.34 0.27 -7.39
CA GLY A 662 -9.79 0.32 -6.97
C GLY A 662 -10.14 -0.64 -5.84
N TYR A 670 -4.08 -10.77 -3.29
CA TYR A 670 -4.40 -11.76 -4.36
C TYR A 670 -3.35 -12.86 -4.56
N LEU A 671 -2.08 -12.54 -4.36
CA LEU A 671 -0.99 -13.50 -4.64
C LEU A 671 -1.15 -14.81 -3.83
N LEU A 672 -0.81 -15.93 -4.45
CA LEU A 672 -0.83 -17.23 -3.78
C LEU A 672 0.37 -17.29 -2.84
N PRO A 673 0.26 -18.04 -1.71
CA PRO A 673 1.33 -18.25 -0.69
C PRO A 673 2.75 -18.75 -1.17
N GLU A 674 3.69 -18.92 -0.23
CA GLU A 674 5.16 -19.03 -0.54
C GLU A 674 5.55 -19.81 -1.80
N LYS A 675 5.23 -21.10 -1.89
CA LYS A 675 5.60 -21.83 -3.09
C LYS A 675 4.41 -22.44 -3.81
N LYS A 676 3.22 -22.00 -3.50
CA LYS A 676 2.04 -22.74 -3.88
C LYS A 676 1.87 -22.84 -5.39
N LEU A 677 2.27 -21.80 -6.09
CA LEU A 677 2.04 -21.68 -7.53
C LEU A 677 2.99 -22.59 -8.30
N LEU A 678 4.26 -22.54 -7.92
CA LEU A 678 5.31 -23.40 -8.45
C LEU A 678 4.95 -24.87 -8.32
N CYS A 679 4.41 -25.26 -7.16
CA CYS A 679 3.96 -26.61 -6.94
C CYS A 679 2.74 -26.93 -7.80
N ARG A 680 1.78 -26.01 -7.90
CA ARG A 680 0.57 -26.24 -8.70
C ARG A 680 0.93 -26.54 -10.14
N LEU A 681 1.88 -25.76 -10.67
CA LEU A 681 2.30 -25.84 -12.04
C LEU A 681 3.24 -27.01 -12.27
N VAL A 682 4.07 -27.35 -11.27
CA VAL A 682 4.92 -28.53 -11.39
C VAL A 682 4.03 -29.75 -11.48
N ALA A 683 2.97 -29.80 -10.70
CA ALA A 683 2.11 -30.96 -10.78
C ALA A 683 1.40 -31.03 -12.12
N ARG A 684 1.07 -29.90 -12.69
CA ARG A 684 0.34 -29.88 -13.94
C ARG A 684 1.28 -30.28 -15.08
N GLN A 685 2.51 -29.81 -15.04
CA GLN A 685 3.52 -30.28 -15.97
C GLN A 685 3.83 -31.80 -15.85
N LEU A 686 3.84 -32.36 -14.65
CA LEU A 686 3.94 -33.82 -14.51
C LEU A 686 2.79 -34.54 -15.24
N GLY A 687 1.58 -34.04 -15.10
CA GLY A 687 0.41 -34.61 -15.77
C GLY A 687 -0.08 -35.84 -15.04
N GLU A 688 -1.24 -36.30 -15.47
CA GLU A 688 -1.96 -37.33 -14.77
C GLU A 688 -1.15 -38.63 -14.68
N SER A 689 -0.59 -39.04 -15.79
CA SER A 689 0.04 -40.34 -15.85
C SER A 689 1.21 -40.36 -14.86
N ASN A 690 2.05 -39.35 -14.88
CA ASN A 690 3.19 -39.28 -13.96
C ASN A 690 2.83 -39.10 -12.50
N CYS A 691 1.87 -38.22 -12.22
CA CYS A 691 1.47 -38.01 -10.85
C CYS A 691 0.98 -39.31 -10.25
N THR A 692 0.28 -40.13 -11.07
CA THR A 692 -0.26 -41.41 -10.59
C THR A 692 0.85 -42.41 -10.25
N LYS A 693 1.88 -42.47 -11.08
CA LYS A 693 3.02 -43.35 -10.83
C LYS A 693 3.70 -42.96 -9.55
N LEU A 694 3.93 -41.66 -9.39
CA LEU A 694 4.58 -41.11 -8.21
C LEU A 694 3.73 -41.37 -6.98
N TYR A 695 2.42 -41.12 -7.12
CA TYR A 695 1.46 -41.39 -6.05
C TYR A 695 1.47 -42.87 -5.66
N ASP A 696 1.21 -43.77 -6.58
CA ASP A 696 1.18 -45.19 -6.20
C ASP A 696 2.48 -45.65 -5.48
N ALA A 697 3.62 -45.42 -6.10
CA ALA A 697 4.92 -45.74 -5.48
C ALA A 697 5.05 -45.15 -4.08
N LEU A 698 4.74 -43.89 -3.92
CA LEU A 698 4.76 -43.27 -2.61
C LEU A 698 3.77 -43.84 -1.59
N HIS A 699 2.59 -44.22 -2.07
CA HIS A 699 1.56 -44.78 -1.22
C HIS A 699 2.14 -46.01 -0.55
N SER A 700 2.78 -46.89 -1.32
CA SER A 700 3.29 -48.12 -0.70
C SER A 700 4.40 -47.81 0.26
N LEU A 701 5.35 -47.02 -0.22
CA LEU A 701 6.54 -46.71 0.60
C LEU A 701 6.21 -46.00 1.94
N ILE A 702 5.38 -44.96 1.89
CA ILE A 702 5.05 -44.19 3.09
C ILE A 702 4.30 -45.03 4.13
N ASN A 703 3.57 -46.03 3.68
CA ASN A 703 2.85 -46.87 4.61
C ASN A 703 3.71 -47.95 5.25
N GLU A 704 4.97 -48.11 4.83
CA GLU A 704 5.98 -48.78 5.64
C GLU A 704 6.63 -47.75 6.58
N ARG A 705 5.89 -47.39 7.62
CA ARG A 705 6.20 -46.22 8.49
C ARG A 705 7.49 -46.35 9.32
N ASN A 706 7.94 -47.58 9.52
CA ASN A 706 9.18 -47.82 10.23
C ASN A 706 10.45 -47.22 9.63
N LEU A 707 10.44 -47.09 8.30
CA LEU A 707 11.61 -46.67 7.54
C LEU A 707 12.02 -45.24 7.82
N PHE A 708 11.12 -44.47 8.43
CA PHE A 708 11.26 -43.03 8.57
C PHE A 708 11.71 -42.61 9.96
N THR A 709 11.63 -43.56 10.89
CA THR A 709 12.03 -43.42 12.28
C THR A 709 13.55 -43.41 12.30
N PRO A 710 14.15 -42.28 12.72
CA PRO A 710 15.61 -42.16 12.80
C PRO A 710 16.16 -42.91 13.97
N GLN A 711 17.48 -42.92 14.16
CA GLN A 711 18.06 -43.46 15.41
C GLN A 711 17.71 -42.58 16.64
N GLU A 712 17.79 -43.20 17.82
CA GLU A 712 17.46 -42.54 19.09
C GLU A 712 18.79 -41.90 19.54
N GLN A 713 18.82 -40.57 19.49
CA GLN A 713 20.09 -39.81 19.48
C GLN A 713 20.33 -39.12 20.83
N SER A 714 20.42 -39.93 21.89
CA SER A 714 20.52 -39.42 23.28
C SER A 714 21.31 -38.11 23.49
N SER A 715 22.53 -38.04 22.90
CA SER A 715 23.45 -36.87 23.03
C SER A 715 22.85 -35.51 22.55
N ARG A 716 21.77 -35.58 21.77
CA ARG A 716 21.12 -34.39 21.23
C ARG A 716 19.91 -33.89 22.03
N TRP A 717 19.30 -34.76 22.84
CA TRP A 717 18.08 -34.48 23.57
C TRP A 717 18.38 -34.27 25.04
N THR A 718 17.71 -33.28 25.62
CA THR A 718 17.77 -33.05 27.05
C THR A 718 16.37 -33.34 27.60
N SER A 719 15.32 -32.76 27.05
CA SER A 719 13.97 -33.11 27.49
C SER A 719 13.47 -34.27 26.67
N SER A 720 12.97 -35.29 27.36
CA SER A 720 12.28 -36.43 26.72
C SER A 720 11.16 -35.98 25.80
N PHE A 721 10.58 -34.82 26.08
CA PHE A 721 9.35 -34.41 25.40
C PHE A 721 9.61 -34.11 23.92
N PHE A 722 10.82 -33.63 23.66
CA PHE A 722 11.28 -33.29 22.33
C PHE A 722 12.24 -34.32 21.74
N SER A 723 12.36 -35.48 22.36
CA SER A 723 13.23 -36.55 21.86
C SER A 723 12.62 -37.20 20.61
N SER A 724 13.45 -37.92 19.84
CA SER A 724 12.98 -38.72 18.70
C SER A 724 12.22 -39.99 19.13
N GLU A 725 12.59 -40.58 20.27
CA GLU A 725 11.77 -41.62 20.91
C GLU A 725 10.29 -41.17 20.99
N SER A 726 10.04 -39.94 21.47
CA SER A 726 8.64 -39.51 21.65
C SER A 726 7.99 -38.99 20.37
N ASN A 727 8.82 -38.68 19.36
CA ASN A 727 8.33 -38.06 18.12
C ASN A 727 8.98 -38.80 16.97
N PRO A 728 8.70 -40.12 16.84
CA PRO A 728 9.47 -40.93 15.89
C PRO A 728 9.38 -40.44 14.42
N THR A 729 8.18 -40.20 13.91
CA THR A 729 8.03 -39.90 12.49
C THR A 729 8.22 -38.41 12.22
N PRO A 730 9.05 -38.03 11.26
CA PRO A 730 9.13 -36.62 10.88
C PRO A 730 7.79 -36.03 10.43
N ASP A 731 7.53 -34.78 10.79
CA ASP A 731 6.22 -34.18 10.60
C ASP A 731 5.80 -34.13 9.14
N GLY A 732 6.76 -33.84 8.25
CA GLY A 732 6.51 -33.89 6.81
C GLY A 732 5.93 -35.20 6.31
N ILE A 733 6.46 -36.29 6.82
CA ILE A 733 5.97 -37.59 6.48
C ILE A 733 4.58 -37.82 7.07
N LYS A 734 4.35 -37.38 8.31
CA LYS A 734 3.02 -37.49 8.95
C LYS A 734 1.99 -36.77 8.11
N GLN A 735 2.39 -35.61 7.62
CA GLN A 735 1.53 -34.83 6.77
C GLN A 735 1.20 -35.45 5.44
N ILE A 736 2.16 -36.18 4.89
CA ILE A 736 1.97 -36.86 3.64
C ILE A 736 1.11 -38.08 3.84
N LEU A 737 1.23 -38.79 4.95
CA LEU A 737 0.18 -39.76 5.31
C LEU A 737 -1.20 -39.11 5.40
N GLU A 738 -1.31 -38.03 6.15
CA GLU A 738 -2.60 -37.34 6.32
C GLU A 738 -3.24 -37.06 4.96
N LEU A 739 -2.43 -36.65 3.99
CA LEU A 739 -2.95 -36.27 2.69
C LEU A 739 -3.39 -37.47 1.91
N MSE A 740 -2.78 -38.62 2.19
CA MSE A 740 -3.06 -39.86 1.48
C MSE A 740 -4.11 -40.67 2.16
O MSE A 740 -4.41 -41.75 1.70
CB MSE A 740 -1.78 -40.70 1.35
CG MSE A 740 -1.02 -40.08 0.21
SE MSE A 740 0.84 -40.64 -0.03
CE MSE A 740 0.43 -41.57 -1.71
N LEU A 741 -4.70 -40.17 3.25
CA LEU A 741 -5.63 -41.01 4.02
C LEU A 741 -6.97 -41.20 3.28
N SER A 742 -7.55 -40.15 2.67
CA SER A 742 -8.67 -40.31 1.72
C SER A 742 -8.20 -41.12 0.51
N PRO A 743 -9.08 -41.92 -0.12
CA PRO A 743 -8.64 -42.53 -1.41
C PRO A 743 -8.85 -41.54 -2.56
N SER A 744 -8.00 -41.62 -3.59
CA SER A 744 -8.01 -40.67 -4.73
C SER A 744 -7.58 -41.34 -6.03
N SER A 745 -8.19 -40.95 -7.13
CA SER A 745 -7.84 -41.51 -8.43
C SER A 745 -7.82 -40.46 -9.53
N GLY A 746 -6.89 -40.66 -10.47
CA GLY A 746 -6.90 -39.98 -11.75
C GLY A 746 -6.49 -38.52 -11.73
N LYS A 747 -7.46 -37.64 -12.04
CA LYS A 747 -7.27 -36.19 -11.96
C LYS A 747 -6.87 -35.83 -10.52
N ASP A 748 -7.56 -36.47 -9.57
CA ASP A 748 -7.34 -36.20 -8.14
C ASP A 748 -5.85 -36.26 -7.74
N ASN A 749 -5.14 -37.23 -8.31
CA ASN A 749 -3.71 -37.42 -8.06
C ASN A 749 -2.85 -36.21 -8.34
N ILE A 750 -3.27 -35.37 -9.29
CA ILE A 750 -2.52 -34.16 -9.60
C ILE A 750 -2.56 -33.19 -8.43
N ILE A 751 -3.74 -33.02 -7.80
CA ILE A 751 -3.87 -32.11 -6.65
C ILE A 751 -3.12 -32.69 -5.46
N ARG A 752 -3.24 -33.98 -5.25
CA ARG A 752 -2.50 -34.65 -4.17
C ARG A 752 -0.99 -34.39 -4.31
N ILE A 753 -0.45 -34.49 -5.54
CA ILE A 753 0.97 -34.28 -5.76
C ILE A 753 1.30 -32.80 -5.57
N GLU A 754 0.42 -31.90 -6.00
CA GLU A 754 0.57 -30.45 -5.75
C GLU A 754 0.78 -30.25 -4.24
N LYS A 755 -0.13 -30.86 -3.49
CA LYS A 755 -0.15 -30.64 -2.07
C LYS A 755 1.02 -31.29 -1.37
N ILE A 756 1.39 -32.48 -1.79
CA ILE A 756 2.52 -33.15 -1.26
C ILE A 756 3.79 -32.38 -1.52
N LEU A 757 3.90 -31.78 -2.68
CA LEU A 757 5.03 -30.95 -3.00
C LEU A 757 5.09 -29.63 -2.20
N GLN A 758 3.95 -29.04 -1.87
CA GLN A 758 3.88 -27.96 -0.88
C GLN A 758 4.57 -28.37 0.47
N VAL A 759 4.21 -29.53 1.00
CA VAL A 759 4.86 -30.03 2.18
C VAL A 759 6.39 -30.13 2.03
N VAL A 760 6.84 -30.85 1.01
CA VAL A 760 8.25 -31.01 0.74
C VAL A 760 8.99 -29.69 0.57
N SER A 761 8.37 -28.74 -0.12
CA SER A 761 9.05 -27.48 -0.41
C SER A 761 9.37 -26.71 0.88
N GLU A 762 8.62 -26.97 1.97
CA GLU A 762 8.86 -26.38 3.31
C GLU A 762 9.97 -27.10 4.12
N ARG A 763 10.36 -28.31 3.71
CA ARG A 763 11.28 -29.09 4.50
C ARG A 763 12.68 -28.50 4.40
N PRO A 764 13.52 -28.70 5.42
CA PRO A 764 14.89 -28.25 5.34
C PRO A 764 15.66 -29.04 4.33
N GLU A 765 16.66 -28.47 3.71
CA GLU A 765 17.40 -29.06 2.60
C GLU A 765 18.20 -30.20 3.08
N ILE A 766 19.01 -29.96 4.12
CA ILE A 766 19.89 -30.94 4.71
C ILE A 766 19.56 -31.20 6.17
N ASP A 767 19.43 -32.47 6.54
CA ASP A 767 19.21 -32.91 7.91
C ASP A 767 19.82 -34.31 8.06
N GLY A 768 21.03 -34.33 8.64
CA GLY A 768 21.82 -35.53 8.80
C GLY A 768 21.23 -36.61 9.67
N SER A 769 20.11 -36.37 10.35
CA SER A 769 19.52 -37.45 11.15
C SER A 769 18.45 -38.24 10.43
N ARG A 770 18.06 -37.83 9.24
CA ARG A 770 17.05 -38.54 8.47
C ARG A 770 17.57 -39.84 7.97
N THR A 771 16.65 -40.80 7.88
CA THR A 771 16.90 -42.11 7.29
C THR A 771 16.96 -42.05 5.76
N GLU A 772 17.47 -43.11 5.15
CA GLU A 772 17.55 -43.28 3.73
C GLU A 772 16.20 -42.98 3.05
N ALA A 773 15.13 -43.51 3.60
CA ALA A 773 13.83 -43.35 2.95
C ALA A 773 13.30 -41.93 3.01
N THR A 774 13.37 -41.31 4.19
CA THR A 774 13.01 -39.90 4.32
C THR A 774 13.77 -39.03 3.33
N ASN A 775 15.06 -39.24 3.20
CA ASN A 775 15.83 -38.50 2.14
C ASN A 775 15.43 -38.82 0.73
N SER A 776 14.99 -40.04 0.45
CA SER A 776 14.56 -40.35 -0.90
C SER A 776 13.20 -39.70 -1.16
N VAL A 777 12.28 -39.73 -0.18
CA VAL A 777 11.00 -39.07 -0.40
C VAL A 777 11.15 -37.54 -0.62
N TYR A 778 11.79 -36.87 0.33
CA TYR A 778 11.97 -35.44 0.27
C TYR A 778 12.87 -35.02 -0.88
N GLY A 779 13.99 -35.71 -1.01
CA GLY A 779 14.98 -35.37 -2.05
C GLY A 779 14.46 -35.50 -3.48
N ARG A 780 13.79 -36.58 -3.77
CA ARG A 780 13.30 -36.79 -5.14
C ARG A 780 12.16 -35.86 -5.48
N LEU A 781 11.17 -35.78 -4.59
CA LEU A 781 10.09 -34.86 -4.78
C LEU A 781 10.63 -33.46 -4.92
N ARG A 782 11.61 -33.07 -4.11
CA ARG A 782 12.08 -31.72 -4.23
C ARG A 782 12.79 -31.53 -5.56
N SER A 783 13.31 -32.60 -6.11
CA SER A 783 14.00 -32.50 -7.42
C SER A 783 13.07 -32.03 -8.56
N PHE A 784 11.76 -32.15 -8.39
CA PHE A 784 10.77 -31.63 -9.37
C PHE A 784 10.49 -30.13 -9.28
N LEU A 785 10.94 -29.50 -8.20
CA LEU A 785 10.75 -28.09 -7.92
C LEU A 785 11.96 -27.29 -8.33
N ASN A 786 13.11 -27.95 -8.55
CA ASN A 786 14.31 -27.28 -9.11
C ASN A 786 14.53 -27.70 -10.55
N CYS A 787 15.47 -27.07 -11.23
CA CYS A 787 15.87 -27.56 -12.55
C CYS A 787 17.06 -28.41 -12.27
N SER A 788 17.24 -29.45 -13.09
CA SER A 788 18.33 -30.42 -12.85
C SER A 788 19.61 -29.86 -13.41
N GLU A 789 20.72 -30.49 -13.05
CA GLU A 789 22.03 -30.10 -13.59
C GLU A 789 22.07 -30.41 -15.10
N LYS A 790 22.14 -31.68 -15.49
CA LYS A 790 22.01 -32.02 -16.89
C LYS A 790 20.52 -32.14 -17.13
N ALA A 791 19.99 -31.36 -18.06
CA ALA A 791 18.53 -31.32 -18.28
C ALA A 791 17.98 -32.69 -18.70
N THR A 792 17.11 -33.22 -17.82
CA THR A 792 16.55 -34.55 -17.96
C THR A 792 15.06 -34.37 -17.79
N THR A 793 14.22 -35.14 -18.48
CA THR A 793 12.75 -34.94 -18.41
C THR A 793 12.15 -35.27 -17.05
N PHE A 794 11.10 -34.57 -16.70
CA PHE A 794 10.22 -35.00 -15.63
C PHE A 794 9.93 -36.51 -15.67
N SER A 795 9.58 -37.03 -16.85
CA SER A 795 9.32 -38.45 -17.00
C SER A 795 10.56 -39.33 -16.65
N GLU A 796 11.75 -38.86 -16.92
CA GLU A 796 12.94 -39.59 -16.59
C GLU A 796 13.22 -39.58 -15.09
N ILE A 797 12.93 -38.46 -14.43
CA ILE A 797 13.04 -38.37 -12.98
C ILE A 797 11.97 -39.20 -12.32
N VAL A 798 10.77 -39.20 -12.89
CA VAL A 798 9.73 -40.08 -12.38
C VAL A 798 10.23 -41.53 -12.41
N SER A 799 10.73 -41.97 -13.55
CA SER A 799 11.27 -43.32 -13.73
C SER A 799 12.22 -43.70 -12.58
N THR A 800 13.21 -42.85 -12.35
CA THR A 800 14.23 -43.10 -11.36
C THR A 800 13.69 -43.11 -9.93
N THR A 801 12.83 -42.15 -9.67
CA THR A 801 12.21 -42.02 -8.37
C THR A 801 11.33 -43.24 -8.08
N VAL A 802 10.52 -43.69 -9.05
CA VAL A 802 9.67 -44.86 -8.83
C VAL A 802 10.57 -46.08 -8.58
N GLU A 803 11.67 -46.17 -9.30
CA GLU A 803 12.53 -47.33 -9.11
C GLU A 803 13.11 -47.32 -7.74
N GLU A 804 13.58 -46.14 -7.34
CA GLU A 804 14.21 -46.02 -6.07
C GLU A 804 13.21 -46.27 -4.95
N TRP A 805 12.03 -45.70 -5.04
CA TRP A 805 11.05 -45.94 -3.98
C TRP A 805 10.57 -47.36 -3.98
N THR A 806 10.41 -47.96 -5.15
CA THR A 806 9.92 -49.31 -5.20
C THR A 806 10.93 -50.24 -4.53
N LYS A 807 12.22 -50.03 -4.74
CA LYS A 807 13.25 -50.83 -4.09
C LYS A 807 13.21 -50.73 -2.56
N LEU A 808 13.23 -49.50 -2.04
CA LEU A 808 13.03 -49.28 -0.61
C LEU A 808 11.81 -49.99 -0.08
N PHE A 809 10.69 -49.97 -0.79
CA PHE A 809 9.46 -50.68 -0.39
C PHE A 809 9.64 -52.20 -0.34
N GLU A 810 10.15 -52.78 -1.40
CA GLU A 810 10.46 -54.23 -1.45
C GLU A 810 11.45 -54.67 -0.36
N GLU A 811 12.54 -53.96 -0.18
CA GLU A 811 13.50 -54.38 0.81
C GLU A 811 12.85 -54.41 2.16
N SER A 812 12.03 -53.41 2.43
CA SER A 812 11.34 -53.26 3.74
C SER A 812 10.36 -54.35 3.94
N LYS A 813 9.57 -54.63 2.92
CA LYS A 813 8.62 -55.72 2.95
C LYS A 813 9.30 -57.05 3.25
N ARG A 814 10.47 -57.30 2.64
CA ARG A 814 11.17 -58.57 2.85
C ARG A 814 11.79 -58.65 4.25
N ALA A 815 12.32 -57.55 4.77
CA ALA A 815 12.94 -57.53 6.12
C ALA A 815 11.94 -57.71 7.27
N HIS A 816 10.71 -57.23 7.10
CA HIS A 816 9.64 -57.48 8.07
C HIS A 816 9.22 -58.95 8.04
N VAL A 817 9.19 -59.55 6.85
CA VAL A 817 8.87 -60.97 6.70
C VAL A 817 10.04 -61.88 7.16
N LYS A 818 11.28 -61.37 7.25
CA LYS A 818 12.45 -62.12 7.77
C LYS A 818 12.72 -61.80 9.26
N GLU A 819 11.90 -60.94 9.83
CA GLU A 819 11.83 -60.77 11.28
C GLU A 819 10.50 -61.31 11.86
N PHE A 820 9.61 -61.78 10.98
CA PHE A 820 8.43 -62.58 11.32
C PHE A 820 8.76 -64.11 11.19
N GLU A 821 9.92 -64.45 10.59
CA GLU A 821 10.55 -65.81 10.68
C GLU A 821 11.37 -65.96 11.97
N SER A 822 11.87 -64.84 12.50
CA SER A 822 12.43 -64.77 13.86
C SER A 822 11.42 -65.20 14.95
N SER A 823 10.14 -64.92 14.69
CA SER A 823 9.02 -65.27 15.56
C SER A 823 8.80 -66.79 15.73
N HIS A 824 8.69 -67.49 14.60
CA HIS A 824 8.25 -68.89 14.59
C HIS A 824 9.41 -69.91 14.83
N GLY B 2 -3.90 -12.16 40.68
CA GLY B 2 -5.20 -12.54 41.34
C GLY B 2 -6.24 -13.23 40.45
N LYS B 3 -6.17 -13.00 39.13
CA LYS B 3 -7.11 -13.62 38.20
C LYS B 3 -6.91 -15.13 38.08
N GLY B 4 -5.70 -15.62 38.38
CA GLY B 4 -5.51 -17.06 38.38
C GLY B 4 -4.25 -17.49 37.77
N ILE B 5 -4.02 -18.80 37.68
CA ILE B 5 -2.74 -19.36 37.24
C ILE B 5 -2.97 -20.51 36.29
N ILE B 6 -2.29 -20.48 35.14
CA ILE B 6 -2.30 -21.61 34.21
C ILE B 6 -0.98 -22.33 34.23
N VAL B 7 -1.03 -23.63 34.44
CA VAL B 7 0.13 -24.45 34.36
C VAL B 7 -0.05 -25.29 33.12
N ARG B 8 0.91 -25.08 32.22
CA ARG B 8 0.98 -25.78 30.95
C ARG B 8 1.89 -26.95 31.15
N VAL B 9 1.44 -28.06 30.62
CA VAL B 9 1.95 -29.38 30.92
C VAL B 9 2.03 -30.18 29.59
N PRO B 10 3.14 -30.87 29.33
CA PRO B 10 3.18 -31.61 28.07
C PRO B 10 2.10 -32.64 27.90
N HIS B 11 1.64 -32.79 26.69
CA HIS B 11 0.55 -33.69 26.42
C HIS B 11 1.00 -35.09 26.69
N GLY B 12 0.14 -35.78 27.44
CA GLY B 12 0.30 -37.17 27.76
C GLY B 12 1.39 -37.49 28.75
N ILE B 13 1.69 -36.59 29.69
CA ILE B 13 2.43 -37.05 30.85
C ILE B 13 1.44 -37.03 31.98
N GLU B 14 1.52 -38.08 32.78
CA GLU B 14 0.68 -38.25 33.94
C GLU B 14 1.51 -37.68 35.08
N LEU B 15 0.81 -37.13 36.05
CA LEU B 15 1.49 -36.48 37.13
C LEU B 15 1.07 -37.20 38.39
N SER B 16 2.07 -37.63 39.15
CA SER B 16 1.83 -38.15 40.47
C SER B 16 1.15 -37.04 41.26
N SER B 17 0.21 -37.42 42.12
CA SER B 17 -0.43 -36.43 42.97
C SER B 17 0.53 -35.70 43.96
N GLU B 18 1.70 -36.27 44.21
CA GLU B 18 2.70 -35.55 45.00
C GLU B 18 3.09 -34.28 44.23
N LEU B 19 3.19 -34.34 42.89
CA LEU B 19 3.48 -33.13 42.10
C LEU B 19 2.28 -32.21 41.88
N LEU B 20 1.13 -32.77 41.52
CA LEU B 20 -0.09 -31.98 41.58
C LEU B 20 -0.23 -31.19 42.89
N SER B 21 0.21 -31.78 43.97
CA SER B 21 0.08 -31.20 45.28
C SER B 21 1.10 -30.10 45.54
N ALA B 22 2.31 -30.24 45.00
CA ALA B 22 3.33 -29.21 45.15
C ALA B 22 2.97 -28.03 44.30
N LEU B 23 2.28 -28.32 43.18
CA LEU B 23 1.80 -27.27 42.31
C LEU B 23 0.76 -26.47 43.08
N GLU B 24 -0.17 -27.16 43.77
CA GLU B 24 -1.24 -26.50 44.56
C GLU B 24 -0.69 -25.61 45.61
N VAL B 25 0.40 -26.04 46.22
CA VAL B 25 0.98 -25.28 47.28
C VAL B 25 1.57 -23.99 46.71
N ARG B 26 2.38 -24.09 45.65
CA ARG B 26 3.06 -22.92 45.05
C ARG B 26 2.13 -22.10 44.13
N PHE B 27 1.09 -22.73 43.59
CA PHE B 27 0.20 -22.09 42.64
C PHE B 27 -1.25 -22.34 42.97
N PRO B 28 -1.66 -21.91 44.14
CA PRO B 28 -2.97 -22.32 44.61
C PRO B 28 -4.02 -21.88 43.59
N GLY B 29 -5.06 -22.68 43.37
CA GLY B 29 -6.09 -22.41 42.39
C GLY B 29 -5.81 -22.71 40.93
N TYR B 30 -4.60 -23.15 40.61
CA TYR B 30 -4.10 -23.24 39.21
C TYR B 30 -4.98 -24.10 38.35
N ILE B 31 -5.01 -23.86 37.05
CA ILE B 31 -5.75 -24.65 36.08
C ILE B 31 -4.72 -25.32 35.18
N LEU B 32 -4.94 -26.58 34.81
CA LEU B 32 -4.04 -27.28 33.90
C LEU B 32 -4.38 -26.99 32.46
N GLU B 33 -3.33 -26.85 31.66
CA GLU B 33 -3.47 -26.73 30.21
C GLU B 33 -2.40 -27.57 29.49
N THR B 34 -2.81 -28.25 28.46
CA THR B 34 -1.96 -29.19 27.78
C THR B 34 -1.38 -28.56 26.56
N TYR B 35 -0.10 -28.80 26.32
CA TYR B 35 0.57 -28.39 25.02
C TYR B 35 1.29 -29.57 24.38
N TYR B 36 1.58 -29.43 23.11
CA TYR B 36 2.21 -30.45 22.27
C TYR B 36 3.60 -30.00 21.78
N GLN B 37 4.35 -30.86 21.11
CA GLN B 37 5.67 -30.54 20.55
C GLN B 37 5.60 -29.51 19.45
N LYS B 38 4.54 -29.63 18.68
CA LYS B 38 4.31 -28.91 17.45
C LYS B 38 3.34 -27.76 17.72
N PRO B 39 3.69 -26.51 17.38
CA PRO B 39 2.77 -25.36 17.55
C PRO B 39 1.41 -25.59 16.95
N ASP B 40 0.38 -25.08 17.57
CA ASP B 40 -0.97 -25.33 17.12
C ASP B 40 -1.50 -24.04 16.58
N TYR B 41 -1.34 -23.85 15.26
CA TYR B 41 -1.68 -22.57 14.69
C TYR B 41 -3.18 -22.40 14.55
N HIS B 42 -3.94 -23.49 14.45
CA HIS B 42 -5.38 -23.40 14.55
C HIS B 42 -5.80 -22.76 15.89
N ARG B 43 -5.16 -23.12 16.99
CA ARG B 43 -5.51 -22.59 18.29
C ARG B 43 -5.34 -21.05 18.26
N SER B 44 -4.20 -20.56 17.83
CA SER B 44 -3.92 -19.14 17.80
C SER B 44 -4.89 -18.40 16.88
N PHE B 45 -5.21 -19.03 15.76
CA PHE B 45 -6.25 -18.53 14.87
C PHE B 45 -7.59 -18.29 15.59
N ALA B 46 -8.13 -19.33 16.18
CA ALA B 46 -9.37 -19.17 17.01
C ALA B 46 -9.25 -18.11 18.09
N ARG B 47 -8.12 -18.05 18.79
CA ARG B 47 -7.99 -17.08 19.91
C ARG B 47 -8.05 -15.67 19.32
N ARG B 48 -7.41 -15.44 18.17
CA ARG B 48 -7.40 -14.09 17.58
C ARG B 48 -8.80 -13.68 17.10
N VAL B 49 -9.50 -14.58 16.41
CA VAL B 49 -10.82 -14.30 15.96
C VAL B 49 -11.66 -13.96 17.16
N ASP B 50 -11.60 -14.79 18.17
CA ASP B 50 -12.45 -14.62 19.36
C ASP B 50 -12.12 -13.26 20.01
N SER B 51 -10.86 -12.92 20.10
CA SER B 51 -10.49 -11.70 20.83
C SER B 51 -10.95 -10.46 20.08
N LEU B 52 -10.82 -10.46 18.77
CA LEU B 52 -11.26 -9.34 17.97
C LEU B 52 -12.79 -9.22 17.95
N HIS B 53 -13.45 -10.38 17.89
CA HIS B 53 -14.87 -10.44 18.13
C HIS B 53 -15.20 -9.81 19.48
N LYS B 54 -14.61 -10.24 20.58
CA LYS B 54 -14.82 -9.49 21.85
C LYS B 54 -14.42 -8.00 21.78
N ALA B 55 -13.44 -7.65 20.99
CA ALA B 55 -13.12 -6.24 20.92
C ALA B 55 -14.23 -5.42 20.24
N PHE B 56 -14.87 -5.98 19.20
CA PHE B 56 -15.98 -5.30 18.57
C PHE B 56 -17.06 -5.01 19.59
N TYR B 57 -17.44 -6.02 20.40
CA TYR B 57 -18.43 -5.85 21.46
C TYR B 57 -17.97 -4.79 22.44
N PHE B 58 -16.70 -4.77 22.83
CA PHE B 58 -16.26 -3.69 23.73
C PHE B 58 -16.53 -2.33 23.08
N LEU B 59 -16.22 -2.23 21.80
CA LEU B 59 -16.33 -1.03 21.05
C LEU B 59 -17.74 -0.53 20.99
N ILE B 60 -18.67 -1.42 20.68
CA ILE B 60 -20.04 -0.99 20.50
C ILE B 60 -20.74 -0.67 21.83
N ASP B 61 -20.37 -1.35 22.90
CA ASP B 61 -20.85 -1.02 24.22
C ASP B 61 -20.20 0.25 24.78
N ALA B 62 -18.99 0.59 24.39
CA ALA B 62 -18.28 1.70 25.03
C ALA B 62 -18.30 3.02 24.25
N TYR B 63 -18.29 2.96 22.93
CA TYR B 63 -18.08 4.17 22.14
C TYR B 63 -19.31 4.57 21.32
N PRO B 64 -19.96 5.67 21.71
CA PRO B 64 -21.18 6.07 21.00
C PRO B 64 -20.93 6.36 19.54
N PHE B 65 -21.82 5.89 18.67
CA PHE B 65 -21.82 6.27 17.26
C PHE B 65 -23.06 7.11 17.02
N SER B 66 -22.92 8.22 16.32
CA SER B 66 -24.09 9.03 15.96
C SER B 66 -25.24 8.26 15.29
N ALA B 67 -26.48 8.51 15.71
CA ALA B 67 -27.65 7.82 15.12
C ALA B 67 -27.88 8.28 13.68
N LYS B 68 -27.29 9.42 13.34
CA LYS B 68 -27.31 9.94 11.99
C LYS B 68 -26.44 9.16 11.00
N ASN B 69 -25.50 8.36 11.49
CA ASN B 69 -24.61 7.68 10.56
C ASN B 69 -25.34 6.70 9.68
N THR B 70 -26.34 6.02 10.23
CA THR B 70 -26.82 4.77 9.67
C THR B 70 -28.13 4.39 10.34
N PRO B 71 -29.06 3.74 9.57
CA PRO B 71 -30.30 3.26 10.17
C PRO B 71 -30.19 1.89 10.86
N LEU B 72 -28.99 1.41 11.12
CA LEU B 72 -28.79 0.06 11.58
C LEU B 72 -28.67 0.07 13.10
N THR B 73 -29.20 -0.99 13.72
CA THR B 73 -29.23 -1.12 15.16
C THR B 73 -28.02 -1.85 15.64
N LYS B 74 -27.68 -1.63 16.91
CA LYS B 74 -26.67 -2.44 17.58
C LYS B 74 -26.99 -3.90 17.43
N GLN B 75 -28.25 -4.27 17.59
CA GLN B 75 -28.58 -5.66 17.47
C GLN B 75 -28.27 -6.19 16.07
N THR B 76 -28.56 -5.44 15.01
CA THR B 76 -28.20 -5.91 13.68
C THR B 76 -26.70 -6.06 13.50
N LEU B 77 -25.93 -5.10 14.02
CA LEU B 77 -24.48 -5.22 13.91
C LEU B 77 -23.92 -6.43 14.59
N LYS B 78 -24.32 -6.62 15.84
CA LYS B 78 -23.83 -7.70 16.64
C LYS B 78 -24.15 -9.01 16.02
N ALA B 79 -25.33 -9.16 15.49
CA ALA B 79 -25.67 -10.42 14.84
C ALA B 79 -24.74 -10.65 13.65
N TYR B 80 -24.49 -9.62 12.84
CA TYR B 80 -23.62 -9.80 11.67
C TYR B 80 -22.23 -10.27 12.10
N VAL B 81 -21.68 -9.60 13.10
CA VAL B 81 -20.39 -9.95 13.60
C VAL B 81 -20.38 -11.35 14.19
N ASP B 82 -21.45 -11.75 14.86
CA ASP B 82 -21.57 -13.14 15.25
C ASP B 82 -21.58 -14.12 14.05
N GLU B 83 -22.18 -13.77 12.93
CA GLU B 83 -22.15 -14.71 11.81
C GLU B 83 -20.75 -14.75 11.22
N CYS B 84 -20.08 -13.60 11.16
CA CYS B 84 -18.73 -13.57 10.64
C CYS B 84 -17.86 -14.52 11.43
N LYS B 85 -18.00 -14.48 12.73
CA LYS B 85 -17.24 -15.38 13.59
C LYS B 85 -17.64 -16.83 13.38
N LEU B 86 -18.94 -17.08 13.26
CA LEU B 86 -19.39 -18.45 13.08
C LEU B 86 -18.81 -19.06 11.80
N ALA B 87 -18.75 -18.28 10.72
CA ALA B 87 -18.07 -18.70 9.47
C ALA B 87 -16.57 -19.07 9.59
N THR B 88 -15.86 -18.64 10.62
CA THR B 88 -14.48 -19.11 10.86
C THR B 88 -14.34 -20.38 11.71
N THR B 89 -15.41 -20.93 12.27
CA THR B 89 -15.30 -22.17 13.02
C THR B 89 -14.89 -23.30 12.07
N ASP B 90 -15.26 -23.19 10.81
CA ASP B 90 -14.90 -24.20 9.80
C ASP B 90 -13.45 -24.13 9.35
N ALA B 91 -12.83 -22.97 9.37
CA ALA B 91 -11.47 -22.84 8.83
C ALA B 91 -10.53 -23.97 9.29
N LYS B 92 -10.03 -24.73 8.31
CA LYS B 92 -9.04 -25.78 8.54
C LYS B 92 -7.93 -25.53 7.53
N GLY B 93 -6.72 -25.94 7.87
CA GLY B 93 -5.63 -25.93 6.90
C GLY B 93 -4.28 -25.54 7.43
N SER B 94 -3.44 -25.04 6.53
CA SER B 94 -2.09 -24.64 6.88
C SER B 94 -2.17 -23.29 7.54
N ILE B 95 -1.09 -22.92 8.19
CA ILE B 95 -1.00 -21.56 8.71
C ILE B 95 -1.30 -20.49 7.63
N ASP B 96 -1.06 -20.81 6.35
CA ASP B 96 -1.40 -19.89 5.28
C ASP B 96 -2.85 -19.76 5.04
N ASP B 97 -3.59 -20.85 5.07
CA ASP B 97 -5.06 -20.77 4.81
C ASP B 97 -5.71 -20.02 5.95
N LEU B 98 -5.35 -20.39 7.18
CA LEU B 98 -5.88 -19.74 8.38
C LEU B 98 -5.54 -18.25 8.44
N HIS B 99 -4.33 -17.85 8.01
CA HIS B 99 -4.01 -16.43 8.06
C HIS B 99 -4.93 -15.69 7.07
N LYS B 100 -5.34 -16.35 6.01
CA LYS B 100 -6.18 -15.68 5.04
C LYS B 100 -7.59 -15.56 5.61
N GLU B 101 -8.09 -16.63 6.21
CA GLU B 101 -9.34 -16.51 6.89
C GLU B 101 -9.30 -15.41 7.97
N LEU B 102 -8.24 -15.32 8.76
CA LEU B 102 -8.10 -14.19 9.70
C LEU B 102 -8.12 -12.81 9.03
N GLU B 103 -7.36 -12.62 7.97
CA GLU B 103 -7.42 -11.37 7.23
C GLU B 103 -8.84 -11.05 6.75
N ARG B 104 -9.58 -12.06 6.30
CA ARG B 104 -10.90 -11.84 5.78
C ARG B 104 -11.89 -11.42 6.89
N PHE B 105 -11.86 -12.14 7.99
CA PHE B 105 -12.70 -11.80 9.10
C PHE B 105 -12.36 -10.39 9.61
N THR B 106 -11.07 -10.11 9.77
CA THR B 106 -10.72 -8.84 10.35
C THR B 106 -11.21 -7.67 9.45
N ALA B 107 -11.02 -7.80 8.15
CA ALA B 107 -11.52 -6.80 7.20
C ALA B 107 -13.02 -6.56 7.28
N LYS B 108 -13.79 -7.60 7.46
CA LYS B 108 -15.21 -7.45 7.66
C LYS B 108 -15.51 -6.61 8.86
N LEU B 109 -14.75 -6.75 9.96
CA LEU B 109 -15.05 -5.94 11.12
C LEU B 109 -14.66 -4.52 10.89
N ILE B 110 -13.52 -4.35 10.26
CA ILE B 110 -12.99 -3.01 10.02
C ILE B 110 -13.95 -2.23 9.15
N GLU B 111 -14.53 -2.90 8.17
CA GLU B 111 -15.38 -2.23 7.21
C GLU B 111 -16.77 -1.94 7.83
N LEU B 112 -17.20 -2.83 8.67
CA LEU B 112 -18.39 -2.57 9.43
C LEU B 112 -18.22 -1.40 10.39
N ILE B 113 -17.06 -1.32 11.03
CA ILE B 113 -16.75 -0.17 11.88
C ILE B 113 -16.70 1.11 11.07
N ALA B 114 -16.10 1.11 9.89
CA ALA B 114 -15.94 2.39 9.16
C ALA B 114 -17.29 2.94 8.72
N LEU B 115 -18.15 2.01 8.33
CA LEU B 115 -19.54 2.29 8.06
C LEU B 115 -20.24 2.86 9.26
N ASN B 116 -20.41 2.07 10.31
CA ASN B 116 -21.29 2.49 11.42
C ASN B 116 -20.74 3.72 12.16
N TRP B 117 -19.42 3.89 12.27
CA TRP B 117 -18.88 5.04 13.02
C TRP B 117 -18.58 6.19 12.05
N GLY B 118 -18.82 5.95 10.77
CA GLY B 118 -18.66 6.99 9.74
C GLY B 118 -17.26 7.58 9.66
N CYS B 119 -16.29 6.70 9.55
CA CYS B 119 -14.89 7.05 9.57
C CYS B 119 -14.48 7.59 8.21
N SER B 120 -13.84 8.74 8.17
CA SER B 120 -13.34 9.26 6.88
C SER B 120 -12.21 8.44 6.35
N GLU B 121 -11.35 7.94 7.23
CA GLU B 121 -10.20 7.13 6.84
C GLU B 121 -10.34 5.73 7.41
N ILE B 122 -10.21 4.69 6.60
CA ILE B 122 -10.31 3.29 7.06
C ILE B 122 -9.32 3.01 8.23
N LYS B 123 -8.22 3.76 8.30
CA LYS B 123 -7.25 3.51 9.34
C LYS B 123 -7.77 3.89 10.73
N GLU B 124 -8.77 4.74 10.83
CA GLU B 124 -9.28 5.08 12.13
C GLU B 124 -10.10 3.91 12.60
N ALA B 125 -10.75 3.23 11.67
CA ALA B 125 -11.53 2.06 12.05
C ALA B 125 -10.57 1.01 12.60
N VAL B 126 -9.40 0.92 12.02
CA VAL B 126 -8.40 -0.05 12.43
C VAL B 126 -7.92 0.21 13.86
N GLU B 127 -7.67 1.47 14.14
CA GLU B 127 -7.24 1.88 15.44
C GLU B 127 -8.35 1.79 16.47
N LEU B 128 -9.59 2.06 16.07
CA LEU B 128 -10.68 1.81 16.98
C LEU B 128 -10.73 0.34 17.44
N LEU B 129 -10.70 -0.63 16.55
CA LEU B 129 -10.71 -2.08 16.91
C LEU B 129 -9.48 -2.48 17.74
N ASN B 130 -8.32 -1.94 17.35
CA ASN B 130 -7.03 -2.32 17.91
C ASN B 130 -6.99 -1.90 19.32
N GLU B 131 -7.49 -0.69 19.56
CA GLU B 131 -7.49 -0.10 20.93
C GLU B 131 -8.63 -0.57 21.79
N ALA B 132 -9.77 -0.86 21.18
CA ALA B 132 -10.77 -1.55 21.97
C ALA B 132 -10.22 -2.86 22.54
N GLU B 133 -9.50 -3.65 21.75
CA GLU B 133 -9.08 -4.95 22.24
C GLU B 133 -8.21 -4.79 23.47
N GLN B 134 -7.38 -3.74 23.47
CA GLN B 134 -6.47 -3.48 24.56
C GLN B 134 -7.24 -3.25 25.83
N TYR B 135 -8.19 -2.33 25.76
CA TYR B 135 -8.99 -2.01 26.93
C TYR B 135 -9.86 -3.17 27.35
N ALA B 136 -10.38 -3.96 26.41
CA ALA B 136 -11.10 -5.19 26.86
C ALA B 136 -10.17 -6.06 27.64
N LEU B 137 -8.92 -6.20 27.20
CA LEU B 137 -7.94 -7.03 27.93
C LEU B 137 -7.55 -6.46 29.29
N MSE B 138 -7.44 -5.15 29.39
CA MSE B 138 -7.12 -4.52 30.66
C MSE B 138 -8.16 -4.85 31.69
O MSE B 138 -7.87 -5.18 32.83
CB MSE B 138 -7.04 -3.02 30.47
CG MSE B 138 -6.43 -2.31 31.66
SE MSE B 138 -6.25 -0.37 31.37
CE MSE B 138 -8.15 0.06 31.38
N GLY B 139 -9.41 -4.80 31.25
CA GLY B 139 -10.55 -5.05 32.10
C GLY B 139 -10.58 -6.44 32.62
N GLU B 140 -10.14 -7.38 31.80
CA GLU B 140 -10.29 -8.78 32.07
C GLU B 140 -9.26 -9.23 33.10
N GLY B 141 -8.07 -8.62 33.11
CA GLY B 141 -6.97 -9.14 33.88
C GLY B 141 -6.08 -10.15 33.15
N ARG B 142 -5.09 -10.67 33.84
CA ARG B 142 -4.18 -11.60 33.24
C ARG B 142 -3.90 -12.76 34.17
N TYR B 143 -3.94 -13.96 33.59
CA TYR B 143 -3.52 -15.19 34.28
C TYR B 143 -2.03 -15.20 34.43
N ASP B 144 -1.50 -15.65 35.55
CA ASP B 144 -0.09 -16.02 35.59
C ASP B 144 0.13 -17.25 34.81
N LEU B 145 1.38 -17.43 34.38
CA LEU B 145 1.74 -18.53 33.51
C LEU B 145 2.89 -19.33 34.03
N VAL B 146 2.70 -20.65 34.09
CA VAL B 146 3.74 -21.61 34.46
C VAL B 146 3.81 -22.70 33.38
N THR B 147 5.02 -22.99 32.93
CA THR B 147 5.18 -24.05 31.98
C THR B 147 6.09 -25.13 32.55
N LEU B 148 5.54 -26.34 32.59
CA LEU B 148 6.27 -27.48 33.03
C LEU B 148 6.89 -28.26 31.92
N LEU B 149 8.17 -28.52 32.05
CA LEU B 149 8.89 -29.33 31.10
C LEU B 149 9.66 -30.43 31.82
N PRO B 150 9.47 -31.74 31.34
CA PRO B 150 10.29 -32.73 32.06
C PRO B 150 11.76 -32.67 31.67
N MSE B 151 12.63 -32.59 32.67
CA MSE B 151 14.05 -32.58 32.45
C MSE B 151 14.73 -33.11 33.66
O MSE B 151 14.30 -32.76 34.76
CB MSE B 151 14.46 -31.14 32.40
CG MSE B 151 14.47 -30.58 31.00
SE MSE B 151 15.47 -28.90 31.13
CE MSE B 151 14.92 -28.20 29.39
N GLN B 152 15.81 -33.86 33.51
CA GLN B 152 16.56 -34.30 34.67
C GLN B 152 17.94 -33.68 34.63
N LEU B 153 18.29 -32.92 35.65
CA LEU B 153 19.61 -32.33 35.71
C LEU B 153 20.34 -32.70 36.98
N GLY B 154 19.79 -32.24 38.10
CA GLY B 154 20.25 -32.61 39.41
C GLY B 154 19.63 -33.95 39.75
N GLN B 155 20.09 -34.54 40.83
CA GLN B 155 19.41 -35.68 41.39
C GLN B 155 18.02 -35.17 41.79
N ASP B 156 18.03 -33.96 42.33
CA ASP B 156 16.82 -33.28 42.81
C ASP B 156 15.76 -32.92 41.76
N VAL B 157 16.19 -32.47 40.59
CA VAL B 157 15.24 -31.89 39.63
C VAL B 157 14.84 -32.85 38.52
N ASP B 158 13.55 -33.15 38.45
CA ASP B 158 13.02 -33.99 37.39
C ASP B 158 12.18 -33.19 36.39
N TYR B 159 11.74 -32.02 36.82
CA TYR B 159 10.98 -31.14 35.95
C TYR B 159 11.47 -29.72 36.14
N VAL B 160 11.39 -28.95 35.07
CA VAL B 160 11.76 -27.55 35.11
C VAL B 160 10.53 -26.72 34.82
N LEU B 161 10.36 -25.68 35.62
CA LEU B 161 9.20 -24.79 35.51
C LEU B 161 9.67 -23.43 35.13
N GLN B 162 9.17 -22.94 34.02
CA GLN B 162 9.28 -21.53 33.69
C GLN B 162 8.05 -20.87 34.28
N VAL B 163 8.28 -19.78 34.98
CA VAL B 163 7.23 -19.08 35.68
C VAL B 163 7.18 -17.57 35.33
N ASP B 164 5.99 -17.07 35.02
CA ASP B 164 5.84 -15.62 34.87
C ASP B 164 4.64 -15.17 35.65
N GLU B 165 4.87 -14.40 36.70
CA GLU B 165 3.81 -13.92 37.57
C GLU B 165 3.45 -12.50 37.12
N SER B 166 2.18 -12.30 36.81
CA SER B 166 1.63 -10.99 36.45
C SER B 166 1.60 -10.11 37.64
N LEU B 167 2.06 -8.86 37.51
CA LEU B 167 2.21 -7.96 38.67
C LEU B 167 1.36 -6.73 38.58
N PRO B 168 0.60 -6.37 39.61
CA PRO B 168 -0.27 -5.19 39.40
C PRO B 168 0.57 -3.94 39.10
N PRO B 169 0.19 -3.20 38.07
CA PRO B 169 0.99 -2.06 37.63
C PRO B 169 0.55 -0.73 38.20
N TYR B 170 -0.63 -0.64 38.81
CA TYR B 170 -1.09 0.58 39.38
C TYR B 170 -0.26 1.07 40.59
N TYR B 171 -0.33 2.34 40.92
CA TYR B 171 0.35 2.97 42.08
C TYR B 171 -0.62 4.01 42.64
N ASP B 172 -0.40 4.44 43.88
CA ASP B 172 -1.43 5.23 44.60
C ASP B 172 -1.91 6.52 43.91
N GLN B 173 -0.97 7.27 43.38
CA GLN B 173 -1.32 8.50 42.69
C GLN B 173 -2.29 8.23 41.56
N LEU B 174 -2.01 7.21 40.76
CA LEU B 174 -2.85 6.91 39.61
C LEU B 174 -4.21 6.47 40.07
N LEU B 175 -4.29 5.66 41.09
CA LEU B 175 -5.58 5.28 41.61
C LEU B 175 -6.40 6.50 42.02
N ASP B 176 -5.75 7.50 42.60
CA ASP B 176 -6.47 8.70 43.01
C ASP B 176 -6.99 9.47 41.81
N GLU B 177 -6.18 9.53 40.77
CA GLU B 177 -6.59 10.18 39.53
C GLU B 177 -7.75 9.42 38.93
N LEU B 178 -7.72 8.10 38.96
CA LEU B 178 -8.84 7.36 38.38
C LEU B 178 -10.12 7.65 39.17
N THR B 179 -9.99 7.78 40.48
CA THR B 179 -11.12 8.12 41.33
C THR B 179 -11.72 9.49 40.98
N LEU B 180 -10.88 10.47 40.66
CA LEU B 180 -11.36 11.80 40.27
C LEU B 180 -12.04 11.81 38.90
N ILE B 181 -11.48 11.03 37.99
CA ILE B 181 -12.07 10.85 36.70
C ILE B 181 -13.47 10.29 36.81
N LYS B 182 -13.74 9.31 37.66
CA LYS B 182 -15.12 8.82 37.81
C LYS B 182 -16.02 9.86 38.44
N ALA B 183 -15.49 10.54 39.44
CA ALA B 183 -16.32 11.46 40.22
C ALA B 183 -16.71 12.69 39.37
N LYS B 184 -15.89 13.04 38.40
CA LYS B 184 -16.26 14.08 37.45
C LYS B 184 -17.00 13.58 36.20
N LYS B 185 -17.47 12.34 36.27
CA LYS B 185 -18.25 11.77 35.20
C LYS B 185 -17.53 11.84 33.86
N TYR B 186 -16.23 11.51 33.82
CA TYR B 186 -15.58 11.15 32.58
C TYR B 186 -15.65 12.30 31.59
N PRO B 187 -15.18 13.49 32.00
CA PRO B 187 -15.19 14.56 31.04
C PRO B 187 -14.21 14.24 29.90
N LYS B 188 -14.61 14.64 28.70
CA LYS B 188 -13.86 14.41 27.48
C LYS B 188 -13.12 15.65 27.13
N THR B 189 -11.99 15.48 26.44
CA THR B 189 -11.13 16.59 26.14
C THR B 189 -11.79 17.46 25.10
N PRO B 190 -11.94 18.76 25.37
CA PRO B 190 -12.57 19.59 24.35
C PRO B 190 -11.56 19.98 23.28
N GLY B 191 -12.02 20.13 22.06
CA GLY B 191 -11.15 20.49 20.91
C GLY B 191 -10.16 21.66 21.09
N TRP B 192 -10.63 22.72 21.74
CA TRP B 192 -9.80 23.87 21.98
C TRP B 192 -8.55 23.52 22.75
N LEU B 193 -8.64 22.57 23.67
CA LEU B 193 -7.49 22.16 24.50
C LEU B 193 -6.45 21.38 23.69
N ARG B 194 -6.96 20.53 22.79
CA ARG B 194 -6.11 19.77 21.89
C ARG B 194 -5.37 20.71 20.97
N ASP B 195 -6.03 21.77 20.50
CA ASP B 195 -5.40 22.73 19.58
C ASP B 195 -4.32 23.63 20.23
N LEU B 196 -4.21 23.69 21.54
CA LEU B 196 -3.20 24.57 22.14
C LEU B 196 -1.76 24.22 21.84
N GLU B 197 -0.91 25.22 21.96
CA GLU B 197 0.55 25.01 21.96
C GLU B 197 1.07 24.53 23.30
N GLU B 198 2.25 23.96 23.34
CA GLU B 198 2.69 23.29 24.58
C GLU B 198 2.63 24.22 25.81
N TYR B 199 3.13 25.46 25.72
CA TYR B 199 3.17 26.35 26.90
C TYR B 199 1.76 26.68 27.33
N GLN B 200 0.82 26.77 26.40
CA GLN B 200 -0.56 27.10 26.76
C GLN B 200 -1.22 25.89 27.45
N HIS B 201 -0.99 24.72 26.91
CA HIS B 201 -1.44 23.47 27.53
C HIS B 201 -0.97 23.38 28.96
N ALA B 202 0.27 23.74 29.22
CA ALA B 202 0.76 23.67 30.58
C ALA B 202 0.03 24.66 31.44
N TYR B 203 -0.29 25.83 30.88
CA TYR B 203 -0.95 26.87 31.68
C TYR B 203 -2.29 26.32 32.19
N PHE B 204 -3.18 25.90 31.31
CA PHE B 204 -4.50 25.51 31.75
C PHE B 204 -4.53 24.19 32.56
N CYS B 205 -3.68 23.23 32.22
CA CYS B 205 -3.65 21.94 32.93
C CYS B 205 -3.08 22.09 34.34
N ASN B 206 -2.32 23.16 34.59
CA ASN B 206 -1.72 23.33 35.89
C ASN B 206 -2.33 24.44 36.68
N LEU B 207 -3.38 25.03 36.12
CA LEU B 207 -4.01 26.19 36.75
C LEU B 207 -4.37 25.87 38.16
N ASP B 208 -3.86 26.66 39.09
CA ASP B 208 -4.21 26.59 40.50
C ASP B 208 -5.75 26.68 40.72
N GLN B 209 -6.28 25.93 41.67
CA GLN B 209 -7.72 25.95 41.99
C GLN B 209 -8.17 27.21 42.76
N GLY B 210 -7.27 28.14 43.07
CA GLY B 210 -7.64 29.53 43.50
C GLY B 210 -8.21 30.41 42.38
N VAL B 211 -7.95 30.03 41.13
CA VAL B 211 -8.44 30.72 39.97
C VAL B 211 -9.75 30.04 39.55
N THR B 212 -10.90 30.62 39.91
CA THR B 212 -12.23 29.99 39.79
C THR B 212 -13.12 30.52 38.59
N SER B 213 -12.62 31.44 37.76
CA SER B 213 -13.47 31.97 36.72
C SER B 213 -12.63 32.52 35.62
N TYR B 214 -13.29 32.70 34.47
CA TYR B 214 -12.56 33.06 33.27
C TYR B 214 -12.02 34.49 33.44
N LEU B 215 -12.82 35.32 34.09
CA LEU B 215 -12.37 36.65 34.53
C LEU B 215 -11.09 36.59 35.39
N GLU B 216 -11.04 35.65 36.33
CA GLU B 216 -9.82 35.49 37.13
C GLU B 216 -8.64 34.98 36.32
N VAL B 217 -8.88 34.19 35.27
CA VAL B 217 -7.79 33.83 34.32
C VAL B 217 -7.18 35.06 33.60
N ILE B 218 -8.04 35.91 33.03
CA ILE B 218 -7.55 37.10 32.36
C ILE B 218 -6.70 37.91 33.32
N ARG B 219 -7.20 38.14 34.52
CA ARG B 219 -6.45 38.95 35.46
C ARG B 219 -5.19 38.25 35.91
N ASP B 220 -5.26 36.94 36.14
CA ASP B 220 -4.07 36.19 36.49
C ASP B 220 -2.96 36.41 35.48
N PHE B 221 -3.30 36.32 34.19
CA PHE B 221 -2.23 36.38 33.20
C PHE B 221 -1.67 37.80 33.09
N ASN B 222 -2.54 38.82 33.18
CA ASN B 222 -2.08 40.21 33.11
C ASN B 222 -1.19 40.56 34.28
N ASN B 223 -1.48 40.01 35.44
CA ASN B 223 -0.62 40.16 36.62
C ASN B 223 0.74 39.50 36.50
N PHE B 224 0.77 38.40 35.76
CA PHE B 224 2.03 37.77 35.42
C PHE B 224 2.83 38.68 34.47
N LEU B 225 2.18 39.27 33.46
CA LEU B 225 2.86 40.08 32.45
C LEU B 225 3.55 41.29 33.05
N LEU B 226 2.87 41.93 34.01
CA LEU B 226 3.42 43.09 34.71
C LEU B 226 4.60 42.61 35.54
N ASN B 227 4.34 41.64 36.40
CA ASN B 227 5.41 40.97 37.12
C ASN B 227 6.60 40.45 36.27
N TRP B 228 6.37 40.21 34.99
CA TRP B 228 7.41 39.72 34.09
C TRP B 228 8.30 40.85 33.57
N ALA B 229 7.71 41.80 32.84
CA ALA B 229 8.44 42.99 32.37
C ALA B 229 9.07 43.76 33.55
N SER B 230 8.64 43.43 34.78
CA SER B 230 9.31 43.87 36.00
C SER B 230 10.61 43.11 36.33
N ILE B 231 10.55 41.80 36.25
CA ILE B 231 11.73 40.96 36.45
C ILE B 231 12.81 41.19 35.36
N LYS B 232 12.36 41.57 34.15
CA LYS B 232 13.26 41.88 33.03
C LYS B 232 14.05 43.19 33.25
N LYS B 233 13.60 44.03 34.16
CA LYS B 233 14.40 45.17 34.57
C LYS B 233 15.44 44.75 35.63
N ILE B 234 15.06 43.82 36.51
CA ILE B 234 15.85 43.52 37.71
C ILE B 234 16.79 42.29 37.58
N ALA B 235 16.50 41.36 36.67
CA ALA B 235 17.39 40.19 36.51
C ALA B 235 18.74 40.60 35.88
N LEU B 236 19.83 40.03 36.38
CA LEU B 236 21.16 40.47 35.98
C LEU B 236 21.50 40.11 34.52
N SER B 237 21.37 38.83 34.20
CA SER B 237 21.44 38.38 32.83
C SER B 237 20.32 37.36 32.71
N LEU B 238 19.32 37.68 31.91
CA LEU B 238 18.13 36.85 31.85
C LEU B 238 18.58 35.44 31.51
N ASN B 239 19.27 35.26 30.39
CA ASN B 239 19.49 33.92 29.81
C ASN B 239 20.10 32.85 30.73
N SER B 240 21.11 33.21 31.52
CA SER B 240 21.67 32.26 32.49
C SER B 240 20.67 31.89 33.61
N ASP B 241 19.61 32.70 33.77
CA ASP B 241 18.41 32.29 34.54
C ASP B 241 17.60 31.22 33.76
N LEU B 242 17.29 31.51 32.50
CA LEU B 242 16.49 30.64 31.64
C LEU B 242 17.16 29.32 31.31
N GLN B 243 18.48 29.30 31.18
CA GLN B 243 19.20 28.08 30.87
C GLN B 243 19.39 27.19 32.11
N GLN B 244 19.22 27.76 33.29
CA GLN B 244 19.10 26.96 34.51
C GLN B 244 17.75 26.28 34.61
N ILE B 245 16.76 26.91 33.98
CA ILE B 245 15.40 26.42 34.01
C ILE B 245 15.24 25.27 33.03
N VAL B 246 15.64 25.48 31.76
CA VAL B 246 15.60 24.39 30.77
C VAL B 246 16.40 23.19 31.31
N SER B 247 17.55 23.43 31.92
CA SER B 247 18.32 22.36 32.55
C SER B 247 17.63 21.85 33.80
N GLY B 248 16.68 22.62 34.30
CA GLY B 248 15.88 22.22 35.45
C GLY B 248 16.62 21.77 36.69
N SER B 249 17.92 22.01 36.75
CA SER B 249 18.69 21.60 37.93
C SER B 249 18.82 22.72 38.95
N PRO B 250 18.35 22.42 40.24
CA PRO B 250 18.57 23.52 41.20
C PRO B 250 20.06 23.80 41.36
N PRO B 251 20.53 25.01 41.91
CA PRO B 251 19.48 25.89 42.48
C PRO B 251 18.81 26.75 41.42
N LEU B 252 17.49 26.82 41.50
CA LEU B 252 16.71 27.62 40.56
C LEU B 252 16.49 29.02 41.10
N PRO B 253 16.30 30.01 40.14
CA PRO B 253 16.11 31.35 40.71
C PRO B 253 14.97 31.37 41.71
N SER B 254 14.88 32.45 42.47
CA SER B 254 13.80 32.65 43.42
C SER B 254 12.52 33.16 42.75
N TRP B 255 12.66 34.06 41.79
CA TRP B 255 11.49 34.62 41.16
C TRP B 255 10.69 33.51 40.48
N PHE B 256 11.39 32.58 39.85
CA PHE B 256 10.76 31.42 39.26
C PHE B 256 10.10 30.55 40.34
N ASN B 257 10.79 30.42 41.46
CA ASN B 257 10.31 29.53 42.51
C ASN B 257 8.96 29.98 43.03
N GLY B 258 8.79 31.28 43.11
CA GLY B 258 7.61 31.89 43.70
C GLY B 258 6.48 32.14 42.74
N LEU B 259 6.65 31.79 41.46
CA LEU B 259 5.54 31.78 40.50
C LEU B 259 4.55 30.68 40.87
N SER B 260 3.27 30.94 40.64
CA SER B 260 2.26 29.92 40.88
C SER B 260 2.55 28.74 39.96
N VAL B 261 1.96 27.61 40.30
CA VAL B 261 2.27 26.38 39.64
C VAL B 261 2.20 26.56 38.14
N HIS B 262 1.06 27.04 37.66
CA HIS B 262 0.83 27.18 36.21
C HIS B 262 1.78 28.19 35.53
N GLN B 263 2.05 29.31 36.18
CA GLN B 263 2.99 30.30 35.58
C GLN B 263 4.34 29.62 35.44
N ARG B 264 4.69 28.84 36.46
CA ARG B 264 5.96 28.12 36.52
C ARG B 264 6.14 27.10 35.39
N GLU B 265 5.13 26.28 35.16
CA GLU B 265 5.21 25.26 34.14
C GLU B 265 5.15 25.86 32.74
N MSE B 266 4.43 26.97 32.61
CA MSE B 266 4.41 27.69 31.36
C MSE B 266 5.78 28.20 31.08
O MSE B 266 6.24 28.04 29.97
CB MSE B 266 3.43 28.83 31.39
CG MSE B 266 3.49 29.65 30.11
SE MSE B 266 2.34 31.22 30.28
CE MSE B 266 1.89 31.42 32.15
N MSE B 267 6.43 28.82 32.06
CA MSE B 267 7.76 29.38 31.86
C MSE B 267 8.76 28.33 31.51
O MSE B 267 9.53 28.48 30.54
CB MSE B 267 8.34 30.10 33.06
CG MSE B 267 7.98 31.59 33.15
SE MSE B 267 8.35 32.63 31.53
CE MSE B 267 6.49 32.63 30.85
N ARG B 268 8.77 27.26 32.27
CA ARG B 268 9.64 26.12 31.98
C ARG B 268 9.67 25.77 30.49
N ILE B 269 8.55 25.83 29.79
CA ILE B 269 8.56 25.56 28.36
C ILE B 269 9.15 26.72 27.56
N LEU B 270 8.84 27.94 27.97
CA LEU B 270 9.16 29.10 27.16
C LEU B 270 10.64 29.43 27.25
N ALA B 271 11.25 29.07 28.37
CA ALA B 271 12.68 29.25 28.58
C ALA B 271 13.61 28.41 27.68
N ALA B 272 13.07 27.41 27.01
CA ALA B 272 13.85 26.59 26.09
C ALA B 272 14.19 27.31 24.80
N ASP B 273 13.52 28.43 24.53
CA ASP B 273 13.74 29.24 23.32
C ASP B 273 13.44 30.71 23.63
N PRO B 274 14.35 31.38 24.38
CA PRO B 274 14.21 32.74 24.89
C PRO B 274 13.97 33.79 23.85
N THR B 275 14.38 33.53 22.61
CA THR B 275 14.19 34.51 21.53
C THR B 275 12.68 34.80 21.36
N SER B 276 11.85 33.77 21.28
CA SER B 276 10.43 33.97 20.99
C SER B 276 9.57 34.14 22.25
N LEU B 277 10.20 34.09 23.40
CA LEU B 277 9.47 34.09 24.67
C LEU B 277 8.44 35.21 24.84
N ASP B 278 8.91 36.45 24.75
CA ASP B 278 8.04 37.61 24.83
C ASP B 278 6.98 37.66 23.72
N LYS B 279 7.33 37.19 22.53
CA LYS B 279 6.37 37.19 21.44
C LYS B 279 5.21 36.30 21.87
N LYS B 280 5.58 35.13 22.40
CA LYS B 280 4.60 34.13 22.80
C LYS B 280 3.71 34.60 23.96
N LEU B 281 4.29 35.33 24.89
CA LEU B 281 3.48 35.95 25.90
C LEU B 281 2.40 36.89 25.37
N THR B 282 2.74 37.85 24.52
CA THR B 282 1.69 38.79 24.09
C THR B 282 0.69 38.09 23.17
N GLN B 283 1.13 37.02 22.53
CA GLN B 283 0.25 36.19 21.69
C GLN B 283 -0.76 35.40 22.53
N PHE B 284 -0.42 35.13 23.80
CA PHE B 284 -1.35 34.44 24.73
C PHE B 284 -2.39 35.40 25.33
N LYS B 285 -1.94 36.60 25.68
CA LYS B 285 -2.83 37.70 26.08
C LYS B 285 -3.89 37.95 25.03
N LYS B 286 -3.48 37.90 23.77
CA LYS B 286 -4.41 38.11 22.66
C LYS B 286 -5.35 36.92 22.58
N PHE B 287 -4.83 35.71 22.78
CA PHE B 287 -5.65 34.50 22.69
C PHE B 287 -6.78 34.55 23.70
N LEU B 288 -6.44 34.97 24.92
CA LEU B 288 -7.36 34.87 26.06
C LEU B 288 -8.60 35.70 25.96
N THR B 289 -8.44 36.85 25.31
CA THR B 289 -9.54 37.73 25.02
C THR B 289 -9.96 37.68 23.57
N GLY B 290 -9.45 36.74 22.78
CA GLY B 290 -9.91 36.54 21.38
C GLY B 290 -11.18 35.71 21.26
N ASP B 291 -11.38 35.10 20.12
CA ASP B 291 -12.65 34.42 19.87
C ASP B 291 -12.87 33.19 20.72
N ILE B 292 -11.79 32.62 21.26
CA ILE B 292 -11.87 31.36 22.00
C ILE B 292 -12.73 31.48 23.27
N LYS B 293 -12.88 32.72 23.75
CA LYS B 293 -13.53 32.98 24.99
C LYS B 293 -14.98 32.65 24.97
N TRP B 294 -15.60 32.68 23.80
CA TRP B 294 -17.01 32.30 23.68
C TRP B 294 -17.19 30.86 24.04
N GLU B 295 -16.16 30.06 23.73
CA GLU B 295 -16.26 28.62 23.85
C GLU B 295 -15.67 28.16 25.21
N ILE B 296 -14.64 28.82 25.72
CA ILE B 296 -13.97 28.30 26.91
C ILE B 296 -14.22 28.98 28.22
N TRP B 297 -15.12 29.93 28.29
CA TRP B 297 -15.29 30.67 29.55
C TRP B 297 -15.88 29.81 30.66
N ASP B 298 -16.68 28.81 30.32
CA ASP B 298 -17.30 28.01 31.38
C ASP B 298 -16.52 26.75 31.64
N THR B 299 -15.47 26.47 30.90
CA THR B 299 -14.78 25.19 31.05
C THR B 299 -13.28 25.32 31.30
N ALA B 300 -12.69 26.48 31.06
CA ALA B 300 -11.24 26.60 31.20
C ALA B 300 -10.70 26.38 32.59
N THR B 301 -11.49 26.68 33.61
CA THR B 301 -10.95 26.51 34.93
C THR B 301 -11.15 25.12 35.48
N GLN B 302 -11.76 24.23 34.71
CA GLN B 302 -12.05 22.87 35.18
C GLN B 302 -11.01 21.86 34.78
N ILE B 303 -10.15 22.24 33.85
CA ILE B 303 -9.15 21.35 33.33
C ILE B 303 -8.18 20.83 34.38
N SER B 304 -7.61 21.69 35.20
CA SER B 304 -6.58 21.29 36.14
C SER B 304 -7.06 20.32 37.23
N SER B 305 -8.36 20.11 37.34
CA SER B 305 -8.85 19.12 38.27
C SER B 305 -8.43 17.65 37.96
N LEU B 306 -8.18 17.39 36.68
CA LEU B 306 -7.78 16.10 36.25
C LEU B 306 -6.42 16.26 35.70
N PRO B 307 -5.65 15.18 35.70
CA PRO B 307 -4.26 15.19 35.30
C PRO B 307 -4.07 15.28 33.78
N GLN B 308 -2.98 15.92 33.40
CA GLN B 308 -2.67 16.21 32.02
C GLN B 308 -2.52 14.94 31.14
N TRP B 309 -2.04 13.82 31.69
CA TRP B 309 -1.99 12.58 30.91
C TRP B 309 -3.36 12.20 30.45
N TYR B 310 -4.37 12.56 31.24
CA TYR B 310 -5.75 12.23 30.89
C TYR B 310 -6.20 13.04 29.68
N TRP B 311 -5.93 14.32 29.71
CA TRP B 311 -6.45 15.22 28.64
C TRP B 311 -5.83 14.99 27.24
N VAL B 312 -4.65 14.39 27.17
CA VAL B 312 -4.07 14.09 25.85
C VAL B 312 -4.57 12.79 25.21
N LEU B 313 -5.25 11.97 25.99
CA LEU B 313 -5.88 10.81 25.44
C LEU B 313 -6.81 11.22 24.31
N SER B 314 -6.88 10.43 23.23
CA SER B 314 -7.92 10.63 22.23
C SER B 314 -9.27 10.45 22.87
N GLU B 315 -10.30 10.90 22.19
CA GLU B 315 -11.62 10.88 22.76
C GLU B 315 -12.07 9.42 22.89
N HIS B 316 -11.84 8.58 21.87
CA HIS B 316 -12.17 7.15 21.96
C HIS B 316 -11.49 6.41 23.13
N GLN B 317 -10.22 6.76 23.42
CA GLN B 317 -9.54 6.18 24.56
C GLN B 317 -10.26 6.55 25.84
N GLN B 318 -10.81 7.76 25.92
CA GLN B 318 -11.47 8.22 27.14
C GLN B 318 -12.77 7.51 27.33
N PHE B 319 -13.49 7.27 26.26
CA PHE B 319 -14.67 6.41 26.38
C PHE B 319 -14.31 4.99 26.76
N PHE B 320 -13.19 4.50 26.24
CA PHE B 320 -12.75 3.17 26.59
C PHE B 320 -12.38 3.09 28.04
N LEU B 321 -11.57 3.99 28.51
CA LEU B 321 -11.25 4.03 29.92
C LEU B 321 -12.52 4.09 30.75
N GLU B 322 -13.43 4.99 30.37
CA GLU B 322 -14.70 5.17 31.08
C GLU B 322 -15.45 3.89 31.21
N HIS B 323 -15.51 3.13 30.16
CA HIS B 323 -16.31 1.93 30.20
C HIS B 323 -15.74 0.96 31.19
N VAL B 324 -14.43 0.87 31.29
CA VAL B 324 -13.80 -0.06 32.22
C VAL B 324 -13.96 0.44 33.65
N LEU B 325 -13.72 1.72 33.88
CA LEU B 325 -13.83 2.28 35.24
C LEU B 325 -15.25 2.25 35.82
N LYS B 326 -16.20 2.48 34.95
CA LYS B 326 -17.61 2.42 35.30
C LYS B 326 -18.10 1.06 35.81
N GLY B 327 -17.38 -0.01 35.44
CA GLY B 327 -17.74 -1.39 35.83
C GLY B 327 -17.16 -1.90 37.12
N VAL B 328 -16.45 -1.08 37.88
CA VAL B 328 -15.79 -1.59 39.07
C VAL B 328 -16.07 -0.74 40.33
N ASP B 329 -16.07 -1.34 41.52
CA ASP B 329 -16.12 -0.53 42.73
C ASP B 329 -14.70 0.01 42.91
N ASP B 330 -13.75 -0.92 43.01
CA ASP B 330 -12.41 -0.58 43.29
C ASP B 330 -11.66 -0.27 41.98
N VAL B 331 -11.16 0.95 41.88
CA VAL B 331 -10.58 1.40 40.63
C VAL B 331 -9.38 0.60 40.25
N LYS B 332 -8.75 -0.02 41.24
CA LYS B 332 -7.61 -0.87 40.92
C LYS B 332 -7.99 -2.09 40.03
N ASP B 333 -9.22 -2.55 40.15
CA ASP B 333 -9.68 -3.61 39.29
C ASP B 333 -9.84 -3.23 37.82
N ALA B 334 -9.79 -1.96 37.51
CA ALA B 334 -9.91 -1.56 36.12
C ALA B 334 -8.56 -1.49 35.42
N VAL B 335 -7.47 -1.53 36.19
CA VAL B 335 -6.13 -1.40 35.65
C VAL B 335 -5.13 -2.45 36.13
N SER B 336 -5.58 -3.67 36.34
CA SER B 336 -4.72 -4.73 36.85
C SER B 336 -3.60 -5.09 35.89
N PHE B 337 -3.92 -5.10 34.62
CA PHE B 337 -2.97 -5.51 33.59
C PHE B 337 -3.08 -4.59 32.38
N LEU B 338 -1.94 -4.24 31.81
CA LEU B 338 -1.92 -3.46 30.59
C LEU B 338 -1.18 -4.19 29.52
N SER B 339 -1.77 -4.29 28.34
CA SER B 339 -1.17 -4.95 27.21
C SER B 339 0.04 -4.19 26.71
N SER B 340 1.01 -4.92 26.16
CA SER B 340 2.19 -4.35 25.55
C SER B 340 1.94 -3.23 24.51
N ARG B 341 0.80 -3.27 23.85
CA ARG B 341 0.56 -2.20 22.86
C ARG B 341 0.04 -0.92 23.53
N HIS B 342 -0.34 -1.01 24.82
CA HIS B 342 -1.24 -0.05 25.47
C HIS B 342 -0.43 0.90 26.26
N ARG B 343 0.16 1.85 25.56
CA ARG B 343 1.13 2.75 26.16
C ARG B 343 0.68 4.20 26.26
N THR B 344 -0.65 4.42 26.31
CA THR B 344 -1.21 5.73 26.54
C THR B 344 -1.53 6.11 28.00
N LEU B 345 -1.36 5.19 28.95
CA LEU B 345 -1.67 5.40 30.35
C LEU B 345 -0.37 5.24 31.04
N PRO B 346 -0.11 6.03 32.10
CA PRO B 346 1.20 6.11 32.70
C PRO B 346 1.43 5.08 33.77
N LEU B 347 1.30 3.83 33.39
CA LEU B 347 1.68 2.67 34.20
C LEU B 347 2.20 1.57 33.30
N PRO B 348 3.09 0.76 33.82
CA PRO B 348 3.82 -0.20 32.99
C PRO B 348 2.98 -1.32 32.38
N ALA B 349 3.39 -1.73 31.20
CA ALA B 349 2.68 -2.71 30.43
C ALA B 349 3.47 -3.97 30.44
N ASN B 350 2.73 -5.07 30.32
CA ASN B 350 3.28 -6.36 30.22
C ASN B 350 4.22 -6.59 31.36
N TYR B 351 3.80 -6.19 32.55
CA TYR B 351 4.64 -6.18 33.72
C TYR B 351 4.46 -7.51 34.45
N ALA B 352 5.60 -8.09 34.78
CA ALA B 352 5.64 -9.43 35.32
C ALA B 352 6.97 -9.77 35.93
N ALA B 353 7.00 -10.86 36.71
CA ALA B 353 8.25 -11.44 37.28
C ALA B 353 8.49 -12.86 36.78
N HIS B 354 9.70 -13.08 36.26
CA HIS B 354 10.03 -14.32 35.61
C HIS B 354 10.97 -14.99 36.50
N SER B 355 10.66 -16.23 36.84
CA SER B 355 11.51 -17.06 37.69
C SER B 355 11.53 -18.46 37.11
N LEU B 356 12.51 -19.23 37.59
CA LEU B 356 12.79 -20.56 37.10
C LEU B 356 12.80 -21.53 38.29
N LEU B 357 12.01 -22.59 38.23
CA LEU B 357 11.97 -23.54 39.31
C LEU B 357 12.27 -24.99 38.91
N GLY B 358 12.99 -25.70 39.78
CA GLY B 358 13.07 -27.16 39.69
C GLY B 358 12.09 -27.95 40.59
N LEU B 359 11.53 -29.02 40.07
CA LEU B 359 10.55 -29.78 40.80
C LEU B 359 10.99 -31.24 40.69
N SER B 360 11.08 -31.95 41.83
CA SER B 360 11.47 -33.38 41.88
C SER B 360 10.27 -34.34 41.89
N GLU B 361 10.44 -35.61 41.51
CA GLU B 361 9.30 -36.58 41.45
C GLU B 361 8.42 -36.72 42.71
N ASN B 362 9.03 -36.51 43.88
CA ASN B 362 8.33 -36.54 45.19
C ASN B 362 7.75 -35.22 45.62
N GLY B 363 7.95 -34.19 44.80
CA GLY B 363 7.19 -32.95 44.93
C GLY B 363 7.91 -31.83 45.62
N ASN B 364 9.24 -31.91 45.77
CA ASN B 364 10.02 -30.79 46.34
C ASN B 364 10.35 -29.81 45.25
N MSE B 365 10.07 -28.53 45.51
CA MSE B 365 10.42 -27.41 44.64
C MSE B 365 11.70 -26.76 45.06
O MSE B 365 11.95 -26.58 46.23
CB MSE B 365 9.42 -26.31 44.85
CG MSE B 365 8.11 -26.71 44.21
SE MSE B 365 8.06 -26.18 42.31
CE MSE B 365 6.11 -26.44 42.26
N ARG B 366 12.52 -26.37 44.11
CA ARG B 366 13.66 -25.54 44.45
C ARG B 366 13.71 -24.36 43.52
N GLU B 367 14.05 -23.19 44.05
CA GLU B 367 14.22 -22.01 43.27
C GLU B 367 15.53 -22.12 42.51
N LEU B 368 15.50 -22.09 41.17
CA LEU B 368 16.72 -22.03 40.36
C LEU B 368 17.20 -20.62 40.02
N SER B 369 16.28 -19.70 40.03
CA SER B 369 16.64 -18.31 40.00
C SER B 369 15.70 -17.52 40.89
N ALA B 370 16.20 -16.43 41.42
CA ALA B 370 15.33 -15.38 41.94
C ALA B 370 14.38 -14.88 40.81
N LYS B 371 13.42 -14.07 41.26
CA LYS B 371 12.55 -13.29 40.38
C LYS B 371 13.35 -12.24 39.60
N ARG B 372 13.14 -12.25 38.27
CA ARG B 372 13.67 -11.29 37.28
C ARG B 372 12.46 -10.59 36.61
N TYR B 373 12.48 -9.26 36.67
CA TYR B 373 11.32 -8.43 36.42
C TYR B 373 11.43 -7.91 34.99
N ARG B 374 10.28 -7.83 34.35
CA ARG B 374 10.17 -7.51 32.93
C ARG B 374 8.99 -6.60 32.65
N SER B 375 9.11 -5.76 31.64
CA SER B 375 8.03 -4.88 31.24
C SER B 375 8.26 -4.36 29.83
N SER B 376 7.29 -3.68 29.29
CA SER B 376 7.48 -2.88 28.09
C SER B 376 8.35 -1.71 28.50
N HIS B 377 8.97 -1.05 27.54
CA HIS B 377 9.97 -0.04 27.84
C HIS B 377 9.35 1.05 28.69
N ILE B 378 10.11 1.57 29.65
CA ILE B 378 9.53 2.54 30.59
C ILE B 378 8.94 3.78 29.93
N ALA B 379 9.43 4.10 28.74
CA ALA B 379 9.00 5.28 28.01
C ALA B 379 8.02 4.86 26.98
N THR B 380 7.12 5.76 26.62
CA THR B 380 6.06 5.37 25.75
C THR B 380 6.25 5.88 24.35
N ARG B 381 6.34 4.97 23.38
CA ARG B 381 6.35 5.28 21.95
C ARG B 381 5.07 5.96 21.50
N ASP B 382 3.98 5.82 22.24
CA ASP B 382 2.68 6.40 21.83
C ASP B 382 2.53 7.87 22.21
N GLY B 383 3.48 8.41 22.97
CA GLY B 383 3.36 9.76 23.45
C GLY B 383 4.50 10.64 23.06
N LEU B 384 5.12 10.36 21.90
CA LEU B 384 6.32 11.12 21.45
C LEU B 384 5.97 12.52 20.94
N ASN B 385 4.69 12.74 20.68
CA ASN B 385 4.18 14.02 20.28
C ASN B 385 3.46 14.72 21.37
N TRP B 386 3.45 14.17 22.56
CA TRP B 386 2.78 14.79 23.71
C TRP B 386 3.73 15.78 24.40
N PRO B 387 3.19 16.62 25.28
CA PRO B 387 4.06 17.54 26.01
C PRO B 387 5.15 16.81 26.72
N LYS B 388 6.31 17.42 26.83
CA LYS B 388 7.38 16.82 27.59
C LYS B 388 6.94 16.38 28.96
N ALA B 389 5.98 17.06 29.58
CA ALA B 389 5.65 16.74 30.95
C ALA B 389 4.92 15.40 31.06
N VAL B 390 4.02 15.10 30.09
CA VAL B 390 3.29 13.85 30.10
C VAL B 390 4.29 12.72 29.83
N GLN B 391 5.25 13.00 29.00
CA GLN B 391 6.18 12.00 28.54
C GLN B 391 7.05 11.57 29.74
N GLN B 392 7.32 12.53 30.62
CA GLN B 392 8.03 12.27 31.84
C GLN B 392 7.15 11.70 32.95
N ARG B 393 5.87 12.01 32.95
CA ARG B 393 5.02 11.37 33.96
C ARG B 393 5.05 9.88 33.65
N HIS B 394 4.90 9.50 32.38
CA HIS B 394 5.02 8.09 32.01
C HIS B 394 6.38 7.47 32.41
N SER B 395 7.49 8.02 31.91
CA SER B 395 8.76 7.41 32.17
C SER B 395 9.04 7.43 33.64
N ASP B 396 8.77 8.51 34.37
CA ASP B 396 9.09 8.52 35.82
C ASP B 396 8.26 7.52 36.59
N SER B 397 6.96 7.61 36.41
CA SER B 397 6.05 6.74 37.14
C SER B 397 6.35 5.27 36.85
N ASN B 398 6.67 4.97 35.59
CA ASN B 398 7.05 3.60 35.20
C ASN B 398 8.38 3.16 35.77
N LEU B 399 9.36 4.04 35.75
CA LEU B 399 10.66 3.66 36.30
C LEU B 399 10.50 3.36 37.79
N ALA B 400 9.78 4.20 38.51
CA ALA B 400 9.45 3.90 39.94
C ALA B 400 8.67 2.57 40.16
N LYS B 401 7.74 2.23 39.31
CA LYS B 401 7.00 1.07 39.59
C LYS B 401 7.88 -0.18 39.37
N VAL B 402 8.81 -0.05 38.45
CA VAL B 402 9.58 -1.18 37.93
C VAL B 402 10.79 -1.43 38.83
N MSE B 403 11.11 -0.46 39.68
CA MSE B 403 12.12 -0.62 40.70
C MSE B 403 11.47 -0.89 42.03
O MSE B 403 12.15 -0.92 43.06
CB MSE B 403 12.91 0.66 40.77
CG MSE B 403 13.65 1.01 39.52
SE MSE B 403 15.22 -0.13 39.33
CE MSE B 403 15.05 -0.50 37.41
N GLU B 404 10.17 -1.17 42.08
CA GLU B 404 9.50 -1.36 43.38
C GLU B 404 10.08 -2.48 44.22
N TYR B 405 10.57 -3.55 43.61
CA TYR B 405 11.06 -4.70 44.37
C TYR B 405 12.57 -4.65 44.69
N SER B 406 13.23 -3.64 44.14
CA SER B 406 14.59 -3.33 44.55
C SER B 406 14.53 -2.73 45.94
N LYS B 407 15.70 -2.64 46.58
CA LYS B 407 15.89 -1.83 47.79
C LYS B 407 16.83 -0.74 47.37
N ASN B 408 16.68 0.45 47.95
CA ASN B 408 17.38 1.66 47.45
C ASN B 408 18.91 1.68 47.67
N ASP B 409 19.40 0.74 48.48
CA ASP B 409 20.81 0.53 48.82
C ASP B 409 21.46 -0.61 48.02
N GLN B 410 20.63 -1.50 47.46
CA GLN B 410 21.15 -2.62 46.68
C GLN B 410 21.23 -2.32 45.20
N LEU B 411 22.11 -3.02 44.51
CA LEU B 411 22.30 -2.81 43.10
C LEU B 411 21.04 -3.13 42.33
N ALA B 412 20.92 -2.49 41.16
CA ALA B 412 19.72 -2.60 40.36
C ALA B 412 20.05 -2.33 38.94
N ILE B 413 19.58 -3.17 38.05
CA ILE B 413 19.95 -2.97 36.65
C ILE B 413 18.70 -2.62 35.90
N LEU B 414 18.88 -1.69 34.96
CA LEU B 414 17.91 -1.38 33.93
C LEU B 414 18.51 -1.82 32.58
N GLN B 415 18.22 -3.04 32.16
CA GLN B 415 18.82 -3.60 30.96
C GLN B 415 17.84 -3.53 29.79
N THR B 416 18.21 -2.86 28.71
CA THR B 416 17.30 -2.74 27.62
C THR B 416 17.86 -3.35 26.36
N LEU B 417 16.96 -3.92 25.58
CA LEU B 417 17.23 -4.57 24.32
C LEU B 417 16.50 -3.81 23.21
N ILE B 418 16.98 -2.60 22.93
CA ILE B 418 16.47 -1.80 21.82
C ILE B 418 17.60 -1.28 21.02
N SER B 419 17.29 -0.70 19.87
CA SER B 419 18.31 -0.34 18.85
C SER B 419 18.07 1.03 18.26
N PRO B 420 18.51 2.05 18.97
CA PRO B 420 18.46 3.45 18.47
C PRO B 420 19.08 3.63 17.09
N ILE B 421 18.38 4.32 16.22
CA ILE B 421 18.84 4.59 14.86
C ILE B 421 18.37 6.01 14.46
N HIS B 422 19.32 6.89 14.11
CA HIS B 422 19.01 8.25 13.63
C HIS B 422 18.36 8.18 12.24
N ALA B 423 17.66 9.22 11.84
CA ALA B 423 16.96 9.22 10.55
C ALA B 423 17.93 9.20 9.36
N THR B 424 19.13 9.71 9.55
CA THR B 424 20.14 9.70 8.46
C THR B 424 20.75 8.33 8.12
N GLU B 425 20.49 7.33 8.94
CA GLU B 425 21.06 5.99 8.79
C GLU B 425 19.99 4.89 8.54
N TYR B 426 18.73 5.18 8.82
CA TYR B 426 17.68 4.15 8.86
C TYR B 426 17.28 3.64 7.46
N VAL B 427 17.48 2.34 7.24
CA VAL B 427 16.96 1.64 6.06
C VAL B 427 15.84 0.72 6.54
N PRO B 428 14.62 0.90 5.98
CA PRO B 428 13.51 -0.06 6.23
C PRO B 428 13.87 -1.46 5.73
N ASN B 429 13.78 -2.47 6.61
CA ASN B 429 14.18 -3.85 6.29
C ASN B 429 13.37 -4.88 7.12
N TRP B 430 13.68 -6.18 7.01
CA TRP B 430 12.83 -7.24 7.62
C TRP B 430 12.77 -7.21 9.16
N ILE B 431 13.76 -6.61 9.77
CA ILE B 431 13.79 -6.54 11.22
C ILE B 431 12.80 -5.52 11.78
N THR B 432 12.45 -4.50 11.00
CA THR B 432 11.52 -3.47 11.48
C THR B 432 10.15 -3.44 10.73
N ASP B 433 9.86 -4.50 9.94
CA ASP B 433 8.58 -4.72 9.22
C ASP B 433 8.38 -3.81 7.97
N TYR B 434 9.44 -3.16 7.52
CA TYR B 434 9.39 -2.12 6.46
C TYR B 434 8.60 -0.89 6.90
N LEU B 435 8.45 -0.71 8.22
CA LEU B 435 7.94 0.54 8.78
C LEU B 435 8.54 1.69 7.94
N PRO B 436 7.69 2.53 7.33
CA PRO B 436 8.31 3.68 6.64
C PRO B 436 8.80 4.75 7.65
N THR B 437 8.18 4.85 8.83
CA THR B 437 8.59 5.86 9.85
C THR B 437 9.82 5.40 10.66
N LEU B 438 10.47 6.34 11.36
CA LEU B 438 11.65 6.05 12.21
C LEU B 438 11.21 5.25 13.44
N PRO B 439 11.93 4.14 13.72
CA PRO B 439 11.60 3.42 14.92
C PRO B 439 11.78 4.31 16.15
N PRO B 440 10.97 4.10 17.17
CA PRO B 440 11.02 4.94 18.33
C PRO B 440 12.25 4.73 19.20
N ASP B 441 13.04 3.72 18.89
CA ASP B 441 14.11 3.29 19.76
C ASP B 441 14.97 4.48 20.26
N LEU B 442 15.34 5.39 19.37
CA LEU B 442 16.28 6.45 19.76
C LEU B 442 15.65 7.39 20.75
N ASP B 443 14.40 7.79 20.49
CA ASP B 443 13.64 8.54 21.50
C ASP B 443 13.47 7.80 22.84
N LEU B 444 13.15 6.51 22.80
CA LEU B 444 12.95 5.73 24.04
C LEU B 444 14.27 5.66 24.80
N TYR B 445 15.36 5.53 24.07
CA TYR B 445 16.66 5.50 24.71
C TYR B 445 16.87 6.75 25.58
N LYS B 446 16.69 7.93 24.98
CA LYS B 446 16.99 9.19 25.70
C LYS B 446 16.01 9.40 26.84
N LEU B 447 14.75 9.04 26.61
CA LEU B 447 13.73 9.21 27.64
C LEU B 447 14.06 8.46 28.91
N ALA B 448 14.67 7.29 28.74
CA ALA B 448 14.97 6.40 29.87
C ALA B 448 16.19 6.86 30.62
N ARG B 449 17.16 7.36 29.86
CA ARG B 449 18.37 8.01 30.43
C ARG B 449 18.06 9.16 31.32
N SER B 450 17.17 10.03 30.84
CA SER B 450 16.69 11.17 31.60
C SER B 450 15.97 10.76 32.86
N ALA B 451 15.08 9.78 32.74
CA ALA B 451 14.33 9.27 33.87
C ALA B 451 15.22 8.75 34.98
N VAL B 452 16.29 8.03 34.61
CA VAL B 452 17.24 7.48 35.55
C VAL B 452 18.03 8.60 36.16
N GLU B 453 18.42 9.57 35.35
CA GLU B 453 19.04 10.80 35.86
C GLU B 453 18.25 11.49 36.95
N ARG B 454 16.93 11.63 36.74
CA ARG B 454 16.07 12.34 37.70
C ARG B 454 15.90 11.56 39.00
N ARG B 455 16.14 10.25 38.92
CA ARG B 455 15.95 9.39 40.08
C ARG B 455 17.27 9.18 40.78
N LYS B 456 18.35 9.82 40.30
CA LYS B 456 19.70 9.63 40.87
C LYS B 456 19.75 9.86 42.36
N GLU B 457 19.03 10.89 42.83
CA GLU B 457 18.84 11.19 44.26
C GLU B 457 18.30 10.01 45.05
N THR B 458 17.30 9.33 44.55
CA THR B 458 16.65 8.27 45.31
C THR B 458 17.45 6.95 45.31
N GLN B 459 18.05 6.63 44.17
CA GLN B 459 18.54 5.29 43.90
C GLN B 459 19.55 5.36 42.79
N SER B 460 20.62 4.58 42.88
CA SER B 460 21.47 4.57 41.74
C SER B 460 21.21 3.29 40.90
N ILE B 461 21.22 3.46 39.59
CA ILE B 461 20.82 2.41 38.71
C ILE B 461 21.84 2.15 37.65
N LEU B 462 22.23 0.89 37.48
CA LEU B 462 23.08 0.51 36.35
C LEU B 462 22.27 0.41 35.07
N GLN B 463 22.74 1.02 33.99
CA GLN B 463 22.03 1.03 32.70
C GLN B 463 22.80 0.35 31.64
N ASN B 464 22.22 -0.67 31.02
CA ASN B 464 22.86 -1.33 29.90
C ASN B 464 21.88 -1.57 28.78
N ASN B 465 22.26 -1.10 27.60
CA ASN B 465 21.50 -1.30 26.40
C ASN B 465 22.28 -2.11 25.38
N HIS B 466 21.59 -3.05 24.72
CA HIS B 466 22.21 -3.94 23.73
C HIS B 466 21.48 -3.83 22.43
N PRO B 467 22.03 -3.01 21.54
CA PRO B 467 21.52 -2.93 20.22
C PRO B 467 21.95 -4.13 19.43
N TYR B 468 21.13 -4.48 18.45
CA TYR B 468 21.50 -5.50 17.49
C TYR B 468 20.61 -5.30 16.30
N ASN B 469 21.14 -4.56 15.33
CA ASN B 469 20.36 -4.06 14.22
C ASN B 469 21.19 -3.89 12.96
N MSE B 470 20.55 -3.98 11.81
CA MSE B 470 21.23 -3.86 10.53
C MSE B 470 20.59 -2.73 9.78
O MSE B 470 19.39 -2.72 9.63
CB MSE B 470 21.01 -5.16 9.73
CG MSE B 470 21.72 -5.14 8.39
SE MSE B 470 23.69 -5.04 8.57
CE MSE B 470 23.88 -7.01 8.54
N ALA B 471 21.39 -1.76 9.31
CA ALA B 471 20.95 -0.73 8.36
C ALA B 471 21.83 -0.48 7.13
N LYS B 472 22.88 0.34 7.30
CA LYS B 472 23.89 0.54 6.28
C LYS B 472 24.93 -0.47 6.75
N ARG B 473 25.14 -0.50 8.07
CA ARG B 473 26.10 -1.38 8.77
C ARG B 473 25.42 -2.14 9.94
N LEU B 474 26.16 -3.06 10.57
CA LEU B 474 25.68 -3.73 11.77
C LEU B 474 25.81 -2.80 12.92
N TYR B 475 24.83 -2.80 13.81
CA TYR B 475 24.91 -2.05 15.08
C TYR B 475 24.88 -3.07 16.20
N TYR B 476 25.82 -2.98 17.14
CA TYR B 476 25.97 -3.99 18.17
C TYR B 476 26.62 -3.40 19.39
N THR B 477 26.76 -4.18 20.46
CA THR B 477 27.42 -3.68 21.65
C THR B 477 28.92 -3.60 21.43
N GLN B 478 29.46 -2.40 21.56
CA GLN B 478 30.88 -2.20 21.36
C GLN B 478 31.70 -2.80 22.48
N ALA B 479 32.94 -3.16 22.15
CA ALA B 479 33.87 -3.73 23.10
C ALA B 479 34.19 -2.74 24.19
N TYR B 480 34.26 -1.48 23.81
CA TYR B 480 34.66 -0.39 24.68
C TYR B 480 33.45 0.32 25.26
N ASP B 481 32.29 -0.31 25.18
CA ASP B 481 31.05 0.33 25.58
C ASP B 481 31.18 0.81 27.01
N LYS B 482 30.77 2.05 27.23
CA LYS B 482 30.94 2.72 28.51
C LYS B 482 30.15 2.13 29.67
N ASP B 483 28.92 1.73 29.41
CA ASP B 483 28.06 1.14 30.42
C ASP B 483 28.60 -0.18 30.91
N SER B 484 29.19 -0.94 30.00
CA SER B 484 29.86 -2.19 30.33
C SER B 484 31.05 -1.98 31.28
N GLN B 485 31.84 -0.93 31.02
CA GLN B 485 32.89 -0.59 31.97
C GLN B 485 32.29 -0.32 33.35
N SER B 486 31.28 0.55 33.49
CA SER B 486 30.82 0.87 34.85
C SER B 486 30.41 -0.41 35.50
N LEU B 487 29.79 -1.31 34.73
CA LEU B 487 29.27 -2.52 35.31
C LEU B 487 30.42 -3.37 35.81
N LEU B 488 31.46 -3.56 35.00
CA LEU B 488 32.67 -4.26 35.48
C LEU B 488 33.30 -3.61 36.71
N VAL B 489 33.47 -2.30 36.67
CA VAL B 489 34.03 -1.61 37.80
C VAL B 489 33.15 -1.77 39.06
N THR B 490 31.86 -1.51 38.92
CA THR B 490 30.97 -1.67 40.06
C THR B 490 30.99 -3.08 40.59
N ALA B 491 31.02 -4.04 39.70
CA ALA B 491 30.84 -5.42 40.12
C ALA B 491 32.11 -6.03 40.70
N LYS B 492 33.27 -5.62 40.21
CA LYS B 492 34.54 -6.06 40.85
C LYS B 492 34.57 -5.76 42.36
N LYS B 493 34.09 -4.60 42.76
CA LYS B 493 34.00 -4.27 44.19
C LYS B 493 33.48 -5.45 44.99
N TYR B 494 32.64 -6.28 44.38
CA TYR B 494 31.97 -7.39 45.07
C TYR B 494 32.70 -8.76 45.05
N ALA B 495 33.75 -8.90 44.21
CA ALA B 495 34.34 -10.22 43.89
C ALA B 495 34.88 -10.98 45.09
N SER B 496 35.45 -10.28 46.04
CA SER B 496 36.16 -10.95 47.13
C SER B 496 35.25 -11.59 48.19
N PHE B 497 33.98 -11.24 48.20
CA PHE B 497 33.04 -11.80 49.18
C PHE B 497 31.77 -12.41 48.56
N THR B 498 31.71 -12.44 47.22
CA THR B 498 30.55 -12.97 46.50
C THR B 498 30.91 -14.26 45.73
N PRO B 499 30.50 -15.40 46.28
CA PRO B 499 30.95 -16.64 45.71
C PRO B 499 30.35 -16.80 44.32
N GLY B 500 31.20 -17.12 43.35
CA GLY B 500 30.81 -17.43 42.02
C GLY B 500 30.92 -16.26 41.05
N LEU B 501 31.24 -15.10 41.56
CA LEU B 501 31.16 -13.92 40.77
C LEU B 501 32.31 -13.80 39.84
N GLN B 502 33.49 -14.13 40.30
CA GLN B 502 34.66 -13.77 39.53
C GLN B 502 34.59 -14.44 38.15
N GLU B 503 34.26 -15.73 38.10
CA GLU B 503 34.22 -16.41 36.82
C GLU B 503 33.28 -15.70 35.83
N LEU B 504 32.17 -15.15 36.33
CA LEU B 504 31.25 -14.40 35.51
C LEU B 504 31.83 -13.08 35.03
N LEU B 505 32.60 -12.39 35.85
CA LEU B 505 33.25 -11.15 35.40
C LEU B 505 34.32 -11.44 34.36
N ASP B 506 35.00 -12.58 34.49
CA ASP B 506 36.04 -12.96 33.51
C ASP B 506 35.44 -13.19 32.13
N GLN B 507 34.42 -14.03 32.12
CA GLN B 507 33.64 -14.32 30.93
C GLN B 507 33.02 -13.05 30.28
N TYR B 508 32.45 -12.20 31.12
CA TYR B 508 31.84 -10.99 30.61
C TYR B 508 32.89 -10.13 29.93
N GLN B 509 34.04 -9.96 30.57
CA GLN B 509 35.17 -9.25 29.97
C GLN B 509 35.54 -9.91 28.65
N SER B 510 35.70 -11.22 28.68
CA SER B 510 36.10 -11.94 27.47
C SER B 510 35.10 -11.81 26.26
N VAL B 511 33.82 -11.94 26.55
CA VAL B 511 32.84 -11.86 25.49
C VAL B 511 32.77 -10.46 24.93
N LEU B 512 32.87 -9.47 25.79
CA LEU B 512 32.93 -8.08 25.37
C LEU B 512 34.09 -7.85 24.40
N GLU B 513 35.25 -8.41 24.72
CA GLU B 513 36.44 -8.16 23.95
C GLU B 513 36.43 -8.97 22.66
N SER B 514 35.69 -10.06 22.64
CA SER B 514 35.69 -10.96 21.47
C SER B 514 35.42 -10.30 20.13
N ALA B 515 34.80 -9.12 20.16
CA ALA B 515 34.52 -8.34 18.94
C ALA B 515 35.74 -7.71 18.26
N LEU B 516 36.81 -7.44 19.02
CA LEU B 516 37.98 -6.72 18.49
C LEU B 516 38.78 -7.55 17.50
N GLY B 517 38.97 -8.83 17.79
CA GLY B 517 39.63 -9.72 16.83
C GLY B 517 38.65 -10.00 15.71
N THR B 518 39.15 -10.31 14.53
CA THR B 518 38.23 -10.69 13.45
C THR B 518 38.58 -12.04 12.86
N ALA B 519 37.55 -12.90 12.87
CA ALA B 519 37.43 -13.96 11.93
C ALA B 519 36.53 -13.34 10.89
N THR B 520 36.43 -13.98 9.74
CA THR B 520 35.52 -13.54 8.69
C THR B 520 34.06 -13.79 9.14
N ILE B 521 33.83 -14.98 9.72
CA ILE B 521 32.52 -15.37 10.25
C ILE B 521 32.55 -15.22 11.75
N PHE B 522 31.49 -14.61 12.31
CA PHE B 522 31.41 -14.37 13.76
C PHE B 522 29.95 -14.31 14.25
N ASP B 523 29.68 -14.89 15.42
CA ASP B 523 28.28 -14.98 15.91
C ASP B 523 27.92 -13.73 16.76
N TYR B 524 27.63 -12.61 16.11
CA TYR B 524 27.26 -11.40 16.82
C TYR B 524 25.99 -11.55 17.62
N ALA B 525 25.00 -12.23 17.05
CA ALA B 525 23.74 -12.46 17.75
C ALA B 525 24.00 -13.15 19.07
N GLY B 526 24.78 -14.23 19.05
CA GLY B 526 25.12 -14.97 20.25
C GLY B 526 25.94 -14.13 21.23
N ARG B 527 26.82 -13.29 20.71
CA ARG B 527 27.59 -12.43 21.58
C ARG B 527 26.65 -11.56 22.42
N GLU B 528 25.65 -10.97 21.77
CA GLU B 528 24.62 -10.18 22.45
C GLU B 528 23.85 -10.89 23.53
N LEU B 529 23.44 -12.13 23.26
CA LEU B 529 22.69 -12.91 24.20
C LEU B 529 23.56 -13.26 25.39
N PHE B 530 24.82 -13.55 25.12
CA PHE B 530 25.74 -13.78 26.23
C PHE B 530 26.02 -12.50 27.02
N LEU B 531 26.29 -11.40 26.35
CA LEU B 531 26.45 -10.20 27.09
C LEU B 531 25.20 -9.97 27.92
N SER B 532 23.99 -10.13 27.36
CA SER B 532 22.79 -9.75 28.14
C SER B 532 22.59 -10.71 29.32
N SER B 533 22.89 -11.98 29.10
CA SER B 533 22.73 -12.98 30.13
C SER B 533 23.75 -12.84 31.23
N LEU B 534 25.00 -12.51 30.88
CA LEU B 534 26.04 -12.43 31.89
C LEU B 534 25.79 -11.30 32.86
N GLU B 535 25.36 -10.13 32.34
CA GLU B 535 24.94 -9.01 33.19
C GLU B 535 23.84 -9.41 34.20
N GLN B 536 22.83 -10.15 33.74
CA GLN B 536 21.75 -10.53 34.63
C GLN B 536 22.31 -11.45 35.66
N LEU B 537 23.20 -12.34 35.25
CA LEU B 537 23.69 -13.37 36.13
C LEU B 537 24.63 -12.74 37.17
N ILE B 538 25.36 -11.71 36.77
CA ILE B 538 26.15 -10.94 37.68
C ILE B 538 25.27 -10.30 38.74
N ILE B 539 24.26 -9.56 38.32
CA ILE B 539 23.29 -8.95 39.25
C ILE B 539 22.60 -10.02 40.11
N LEU B 540 22.19 -11.13 39.53
CA LEU B 540 21.58 -12.19 40.35
C LEU B 540 22.54 -12.81 41.37
N THR B 541 23.81 -13.05 41.04
CA THR B 541 24.66 -13.65 42.04
C THR B 541 25.05 -12.59 43.12
N ILE B 542 25.14 -11.32 42.72
CA ILE B 542 25.34 -10.27 43.69
C ILE B 542 24.15 -10.11 44.65
N GLY B 543 22.99 -10.57 44.23
CA GLY B 543 21.76 -10.34 44.95
C GLY B 543 21.08 -8.99 44.65
N GLY B 544 21.39 -8.35 43.50
CA GLY B 544 20.77 -7.07 43.14
C GLY B 544 19.39 -7.26 42.51
N HIS B 545 18.78 -6.16 42.07
CA HIS B 545 17.48 -6.22 41.43
C HIS B 545 17.63 -6.36 39.92
N SER B 546 17.04 -7.41 39.35
CA SER B 546 17.14 -7.72 37.90
C SER B 546 15.92 -7.24 37.17
N TYR B 547 16.08 -6.22 36.32
CA TYR B 547 14.97 -5.71 35.51
C TYR B 547 15.48 -5.45 34.12
N GLY B 548 14.63 -5.63 33.13
CA GLY B 548 14.98 -5.29 31.74
C GLY B 548 13.77 -5.26 30.84
N SER B 549 13.91 -4.58 29.71
CA SER B 549 12.90 -4.59 28.68
C SER B 549 13.51 -4.55 27.28
N CYS B 550 12.71 -4.97 26.29
CA CYS B 550 12.91 -4.58 24.90
C CYS B 550 11.83 -3.50 24.70
N VAL B 551 11.51 -3.09 23.48
CA VAL B 551 10.46 -2.12 23.29
C VAL B 551 9.12 -2.56 23.91
N SER B 552 8.66 -3.76 23.54
CA SER B 552 7.39 -4.30 24.01
C SER B 552 7.50 -5.24 25.19
N GLY B 553 8.68 -5.78 25.40
CA GLY B 553 8.92 -6.73 26.47
C GLY B 553 8.54 -8.16 26.15
N LYS B 554 8.03 -8.41 24.96
CA LYS B 554 7.66 -9.77 24.59
C LYS B 554 8.59 -10.46 23.62
N ASP B 555 9.60 -9.77 23.12
CA ASP B 555 10.39 -10.33 22.04
C ASP B 555 11.86 -10.55 22.36
N ARG B 556 12.65 -9.50 22.28
CA ARG B 556 14.06 -9.60 22.61
C ARG B 556 14.23 -9.99 24.07
N LYS B 557 13.35 -9.47 24.91
CA LYS B 557 13.36 -9.78 26.32
C LYS B 557 12.96 -11.21 26.56
N ALA B 558 12.11 -11.75 25.71
CA ALA B 558 11.78 -13.18 25.85
C ALA B 558 12.96 -13.98 25.52
N ILE B 559 13.63 -13.64 24.44
CA ILE B 559 14.81 -14.43 24.09
C ILE B 559 15.90 -14.26 25.14
N GLU B 560 16.06 -13.09 25.78
CA GLU B 560 17.02 -12.99 26.87
C GLU B 560 16.71 -14.00 27.97
N LEU B 561 15.45 -14.01 28.40
CA LEU B 561 15.03 -14.91 29.46
C LEU B 561 15.25 -16.38 29.11
N ILE B 562 14.99 -16.78 27.87
CA ILE B 562 15.22 -18.15 27.48
C ILE B 562 16.70 -18.43 27.58
N HIS B 563 17.50 -17.58 27.00
CA HIS B 563 18.96 -17.84 26.97
C HIS B 563 19.55 -17.88 28.40
N THR B 564 19.15 -16.94 29.25
CA THR B 564 19.58 -16.97 30.62
C THR B 564 19.07 -18.23 31.36
N ASP B 565 17.81 -18.58 31.22
CA ASP B 565 17.28 -19.81 31.81
C ASP B 565 18.11 -21.00 31.36
N ALA B 566 18.48 -21.02 30.09
CA ALA B 566 19.26 -22.15 29.60
C ALA B 566 20.66 -22.22 30.24
N MSE B 567 21.30 -21.07 30.51
CA MSE B 567 22.62 -21.06 31.13
C MSE B 567 22.54 -21.55 32.52
O MSE B 567 23.31 -22.38 32.91
CB MSE B 567 23.13 -19.67 31.16
CG MSE B 567 23.45 -19.27 29.75
SE MSE B 567 24.42 -17.57 29.78
CE MSE B 567 26.07 -18.05 30.76
N ILE B 568 21.53 -21.08 33.25
CA ILE B 568 21.22 -21.60 34.60
C ILE B 568 20.95 -23.12 34.54
N LEU B 569 20.14 -23.61 33.59
CA LEU B 569 19.93 -25.07 33.53
C LEU B 569 21.17 -25.84 33.14
N TYR B 570 21.97 -25.27 32.27
CA TYR B 570 23.23 -25.93 31.93
C TYR B 570 24.14 -26.08 33.18
N LYS B 571 24.34 -24.99 33.93
CA LYS B 571 25.16 -25.01 35.12
C LYS B 571 24.67 -26.07 36.09
N GLU B 572 23.38 -26.09 36.29
CA GLU B 572 22.76 -27.00 37.20
C GLU B 572 23.06 -28.44 36.74
N CYS B 573 23.05 -28.69 35.43
CA CYS B 573 23.22 -30.02 34.92
C CYS B 573 24.71 -30.42 34.84
N TYR B 574 25.59 -29.58 34.34
CA TYR B 574 26.93 -30.04 34.05
C TYR B 574 27.99 -29.45 34.96
N GLY B 575 27.57 -28.61 35.89
CA GLY B 575 28.46 -28.09 36.91
C GLY B 575 29.20 -26.80 36.55
N THR B 576 29.14 -26.36 35.31
CA THR B 576 29.77 -25.09 35.02
C THR B 576 28.90 -24.31 34.04
N TRP B 577 29.12 -23.01 33.96
CA TRP B 577 28.44 -22.17 32.93
C TRP B 577 28.82 -22.63 31.55
N PRO B 578 27.92 -22.50 30.57
CA PRO B 578 28.33 -22.58 29.20
C PRO B 578 28.93 -21.26 28.79
N VAL B 579 29.72 -21.26 27.74
CA VAL B 579 30.50 -20.09 27.38
C VAL B 579 30.39 -19.78 25.89
N PHE B 580 30.52 -18.50 25.58
CA PHE B 580 30.39 -18.06 24.21
C PHE B 580 31.34 -18.77 23.28
N ASP B 581 32.60 -18.88 23.72
CA ASP B 581 33.71 -19.27 22.89
C ASP B 581 33.79 -20.79 22.85
N GLU B 582 33.08 -21.37 21.92
CA GLU B 582 32.90 -22.79 21.89
C GLU B 582 32.69 -23.10 20.41
N LEU B 583 33.26 -24.20 19.89
CA LEU B 583 32.99 -24.53 18.48
C LEU B 583 31.63 -25.23 18.46
N PRO B 584 30.85 -25.02 17.39
CA PRO B 584 29.50 -25.64 17.29
C PRO B 584 29.51 -27.17 17.20
N ASP B 585 30.64 -27.74 16.76
CA ASP B 585 30.81 -29.17 16.62
C ASP B 585 30.71 -29.84 17.97
N LYS B 586 31.11 -29.09 19.00
CA LYS B 586 31.47 -29.63 20.32
C LYS B 586 30.29 -29.96 21.24
N GLU B 587 30.54 -30.94 22.09
CA GLU B 587 29.55 -31.53 22.96
C GLU B 587 28.96 -30.46 23.92
N ASN B 588 29.80 -29.58 24.43
CA ASN B 588 29.33 -28.48 25.26
C ASN B 588 28.32 -27.54 24.58
N ARG B 589 28.57 -27.18 23.33
CA ARG B 589 27.72 -26.25 22.65
C ARG B 589 26.42 -26.93 22.24
N ILE B 590 26.52 -28.20 21.85
CA ILE B 590 25.37 -28.97 21.42
C ILE B 590 24.41 -29.10 22.56
N ARG B 591 24.92 -29.35 23.75
CA ARG B 591 24.10 -29.49 24.94
C ARG B 591 23.46 -28.25 25.40
N PHE B 592 24.15 -27.15 25.20
CA PHE B 592 23.55 -25.86 25.46
C PHE B 592 22.45 -25.53 24.47
N VAL B 593 22.71 -25.80 23.21
CA VAL B 593 21.73 -25.61 22.13
C VAL B 593 20.49 -26.39 22.42
N SER B 594 20.69 -27.59 22.94
CA SER B 594 19.56 -28.45 23.24
C SER B 594 18.62 -27.85 24.30
N LEU B 595 19.21 -27.28 25.33
CA LEU B 595 18.43 -26.57 26.34
C LEU B 595 17.70 -25.34 25.79
N VAL B 596 18.39 -24.53 25.00
CA VAL B 596 17.71 -23.34 24.45
C VAL B 596 16.58 -23.81 23.58
N ALA B 597 16.92 -24.74 22.71
CA ALA B 597 15.91 -25.22 21.80
C ALA B 597 14.69 -25.78 22.57
N ASP B 598 14.95 -26.51 23.66
CA ASP B 598 13.86 -27.03 24.51
C ASP B 598 12.94 -25.97 25.12
N LEU B 599 13.55 -24.90 25.64
CA LEU B 599 12.83 -23.87 26.30
C LEU B 599 12.05 -23.08 25.28
N TYR B 600 12.70 -22.74 24.17
CA TYR B 600 12.04 -21.97 23.10
C TYR B 600 10.86 -22.79 22.62
N MSE B 601 11.03 -24.09 22.42
CA MSE B 601 9.93 -24.93 21.93
C MSE B 601 8.85 -25.19 22.92
O MSE B 601 7.77 -25.59 22.54
CB MSE B 601 10.45 -26.23 21.34
CG MSE B 601 11.23 -25.87 20.07
SE MSE B 601 12.05 -27.40 19.13
CE MSE B 601 10.45 -28.53 19.07
N SER B 602 9.10 -25.02 24.23
CA SER B 602 8.03 -25.19 25.20
C SER B 602 6.97 -24.14 24.89
N ARG B 603 7.42 -23.04 24.31
CA ARG B 603 6.58 -21.96 23.85
C ARG B 603 6.07 -21.16 25.03
N HIS B 604 6.63 -21.37 26.18
CA HIS B 604 6.25 -20.55 27.29
C HIS B 604 6.29 -19.07 27.01
N GLN B 605 7.38 -18.55 26.48
CA GLN B 605 7.45 -17.13 26.20
C GLN B 605 6.48 -16.71 25.11
N HIS B 606 6.21 -17.61 24.18
CA HIS B 606 5.31 -17.29 23.07
C HIS B 606 3.90 -17.03 23.63
N GLU B 607 3.52 -17.89 24.55
CA GLU B 607 2.24 -17.84 25.23
C GLU B 607 2.08 -16.59 26.04
N HIS B 608 3.17 -16.17 26.68
CA HIS B 608 3.19 -14.95 27.46
C HIS B 608 2.94 -13.76 26.55
N ALA B 609 3.54 -13.77 25.38
CA ALA B 609 3.35 -12.72 24.39
C ALA B 609 1.91 -12.69 23.89
N GLY B 610 1.31 -13.85 23.75
CA GLY B 610 -0.05 -13.99 23.29
C GLY B 610 -1.06 -13.32 24.19
N GLN B 611 -0.79 -13.33 25.49
CA GLN B 611 -1.69 -12.78 26.47
C GLN B 611 -1.94 -11.32 26.20
N ASN B 612 -0.91 -10.63 25.71
CA ASN B 612 -1.01 -9.24 25.30
C ASN B 612 -1.98 -8.98 24.15
N ALA B 613 -2.00 -9.88 23.17
CA ALA B 613 -3.01 -9.86 22.12
C ALA B 613 -3.38 -11.28 21.79
N PRO B 614 -4.51 -11.79 22.45
CA PRO B 614 -4.68 -13.24 22.28
C PRO B 614 -4.77 -13.69 20.83
N GLY B 615 -4.10 -14.78 20.52
CA GLY B 615 -3.86 -15.24 19.17
C GLY B 615 -2.55 -14.83 18.52
N SER B 616 -1.73 -14.07 19.23
CA SER B 616 -0.44 -13.63 18.69
C SER B 616 0.70 -14.27 19.42
N GLU B 617 0.53 -15.55 19.69
CA GLU B 617 1.54 -16.35 20.32
C GLU B 617 2.65 -16.62 19.36
N GLY B 618 3.68 -15.81 19.46
CA GLY B 618 4.91 -16.05 18.75
C GLY B 618 5.99 -15.11 19.24
N ILE B 619 7.12 -15.12 18.55
CA ILE B 619 8.23 -14.25 18.88
C ILE B 619 8.68 -13.54 17.65
N LYS B 620 9.01 -12.28 17.79
CA LYS B 620 9.42 -11.46 16.69
C LYS B 620 10.79 -11.81 16.18
N THR B 621 10.86 -12.02 14.87
CA THR B 621 12.12 -12.11 14.15
C THR B 621 13.15 -13.00 14.86
N PRO B 622 12.79 -14.22 15.25
CA PRO B 622 13.74 -15.09 15.90
C PRO B 622 15.03 -15.36 15.10
N GLU B 623 14.88 -15.52 13.78
CA GLU B 623 16.03 -15.83 12.95
C GLU B 623 17.06 -14.68 12.91
N TRP B 624 16.66 -13.48 13.28
CA TRP B 624 17.64 -12.42 13.42
C TRP B 624 18.32 -12.50 14.75
N TYR B 625 17.56 -12.75 15.82
CA TYR B 625 18.08 -12.62 17.19
C TYR B 625 18.75 -13.88 17.69
N LEU B 626 18.40 -15.02 17.11
CA LEU B 626 19.01 -16.30 17.52
C LEU B 626 20.24 -16.57 16.68
N PRO B 627 21.23 -17.20 17.28
CA PRO B 627 22.38 -17.80 16.61
C PRO B 627 22.03 -18.90 15.61
N GLU B 628 22.82 -19.08 14.58
CA GLU B 628 22.44 -19.95 13.50
C GLU B 628 22.21 -21.36 13.98
N ASP B 629 23.04 -21.85 14.88
CA ASP B 629 22.93 -23.28 15.22
C ASP B 629 21.69 -23.59 16.07
N ILE B 630 21.24 -22.61 16.88
CA ILE B 630 20.02 -22.78 17.67
C ILE B 630 18.80 -22.72 16.76
N ALA B 631 18.83 -21.78 15.83
CA ALA B 631 17.72 -21.58 14.93
C ALA B 631 17.57 -22.84 14.09
N ALA B 632 18.69 -23.35 13.62
CA ALA B 632 18.74 -24.59 12.82
C ALA B 632 18.29 -25.82 13.57
N GLU B 633 18.66 -25.91 14.84
CA GLU B 633 18.22 -27.04 15.63
C GLU B 633 16.70 -27.00 15.82
N ILE B 634 16.11 -25.81 15.99
CA ILE B 634 14.66 -25.70 16.13
C ILE B 634 13.93 -26.06 14.84
N ARG B 635 14.34 -25.44 13.76
CA ARG B 635 13.82 -25.72 12.43
C ARG B 635 13.83 -27.25 12.10
N LYS B 636 14.93 -27.93 12.40
CA LYS B 636 15.05 -29.32 12.04
C LYS B 636 14.19 -30.12 12.96
N ARG B 637 14.21 -29.84 14.27
CA ARG B 637 13.31 -30.54 15.19
C ARG B 637 11.85 -30.43 14.75
N LEU B 638 11.43 -29.29 14.20
CA LEU B 638 10.06 -29.16 13.72
C LEU B 638 9.83 -29.60 12.26
N ASP B 639 10.91 -29.99 11.60
CA ASP B 639 10.99 -30.39 10.20
C ASP B 639 10.55 -29.27 9.23
N SER B 640 10.73 -28.01 9.59
CA SER B 640 10.20 -26.90 8.77
C SER B 640 11.19 -25.74 8.67
N GLU B 641 11.52 -25.31 7.46
CA GLU B 641 12.36 -24.12 7.27
C GLU B 641 11.60 -22.90 7.66
N ARG B 642 10.28 -22.96 7.55
CA ARG B 642 9.39 -21.87 7.89
C ARG B 642 9.18 -21.67 9.40
N SER B 643 9.66 -22.54 10.28
CA SER B 643 9.05 -22.53 11.66
C SER B 643 9.29 -21.24 12.44
N LEU B 644 10.50 -20.69 12.41
CA LEU B 644 10.75 -19.36 13.02
C LEU B 644 10.06 -18.19 12.29
N LYS B 645 9.83 -18.33 11.00
CA LYS B 645 9.05 -17.31 10.28
C LYS B 645 7.59 -17.32 10.67
N ASP B 646 7.03 -18.49 10.98
CA ASP B 646 5.68 -18.57 11.47
C ASP B 646 5.55 -17.96 12.86
N ASP B 647 6.59 -18.13 13.69
CA ASP B 647 6.58 -17.50 14.98
C ASP B 647 6.49 -16.02 14.75
N ASP B 648 7.20 -15.51 13.76
CA ASP B 648 7.19 -14.08 13.57
C ASP B 648 5.82 -13.62 13.02
N ARG B 649 5.21 -14.39 12.13
CA ARG B 649 3.89 -14.08 11.60
C ARG B 649 2.86 -13.95 12.75
N ALA B 650 2.93 -14.89 13.70
CA ALA B 650 1.99 -14.86 14.77
C ALA B 650 2.24 -13.62 15.65
N ALA B 651 3.50 -13.27 15.84
CA ALA B 651 3.79 -12.17 16.70
C ALA B 651 3.25 -10.92 16.05
N THR B 652 3.47 -10.80 14.78
CA THR B 652 3.12 -9.62 14.04
C THR B 652 1.61 -9.35 14.05
N ASP B 653 0.81 -10.43 14.19
CA ASP B 653 -0.65 -10.34 14.30
C ASP B 653 -1.23 -9.62 15.51
N ASN B 654 -0.39 -9.10 16.41
CA ASN B 654 -0.87 -8.50 17.63
C ASN B 654 -1.48 -7.16 17.33
N GLU B 655 -0.94 -6.46 16.34
CA GLU B 655 -1.42 -5.14 15.94
C GLU B 655 -2.41 -5.43 14.79
N VAL B 656 -3.68 -5.03 14.90
CA VAL B 656 -4.70 -5.20 13.79
C VAL B 656 -4.23 -4.64 12.41
N LYS B 657 -3.52 -3.53 12.39
CA LYS B 657 -3.06 -3.01 11.11
C LYS B 657 -2.11 -3.98 10.43
N ASN B 658 -1.34 -4.75 11.21
CA ASN B 658 -0.38 -5.63 10.60
C ASN B 658 -0.94 -7.00 10.30
N ILE B 659 -2.22 -7.22 10.56
CA ILE B 659 -2.87 -8.41 10.07
C ILE B 659 -2.89 -8.33 8.54
N PHE B 660 -2.94 -7.13 7.98
CA PHE B 660 -2.73 -6.86 6.50
C PHE B 660 -1.26 -6.62 5.96
N ILE B 661 -0.27 -6.89 6.80
CA ILE B 661 1.13 -6.85 6.42
C ILE B 661 1.42 -8.20 5.74
N TYR B 670 -9.95 -6.78 0.16
CA TYR B 670 -11.03 -7.41 0.98
C TYR B 670 -12.34 -6.62 1.15
N LEU B 671 -12.25 -5.29 1.23
CA LEU B 671 -13.44 -4.44 1.46
C LEU B 671 -14.53 -4.65 0.38
N LEU B 672 -15.81 -4.66 0.79
CA LEU B 672 -16.92 -4.75 -0.17
C LEU B 672 -17.07 -3.40 -0.91
N PRO B 673 -17.61 -3.42 -2.16
CA PRO B 673 -17.88 -2.22 -3.01
C PRO B 673 -18.79 -1.09 -2.41
N GLU B 674 -19.04 -0.03 -3.20
CA GLU B 674 -19.49 1.31 -2.69
C GLU B 674 -20.54 1.29 -1.57
N LYS B 675 -21.69 0.65 -1.77
CA LYS B 675 -22.71 0.60 -0.71
C LYS B 675 -23.18 -0.81 -0.35
N LYS B 676 -22.42 -1.81 -0.73
CA LYS B 676 -22.91 -3.17 -0.71
C LYS B 676 -23.16 -3.71 0.68
N LEU B 677 -22.34 -3.26 1.64
CA LEU B 677 -22.45 -3.74 3.00
C LEU B 677 -23.70 -3.12 3.68
N LEU B 678 -23.86 -1.82 3.52
CA LEU B 678 -25.04 -1.15 4.04
C LEU B 678 -26.32 -1.81 3.54
N CYS B 679 -26.37 -2.14 2.27
CA CYS B 679 -27.54 -2.75 1.69
C CYS B 679 -27.75 -4.13 2.25
N ARG B 680 -26.65 -4.87 2.43
CA ARG B 680 -26.73 -6.27 2.93
C ARG B 680 -27.35 -6.28 4.30
N LEU B 681 -26.85 -5.37 5.11
CA LEU B 681 -27.29 -5.22 6.47
C LEU B 681 -28.71 -4.65 6.53
N VAL B 682 -29.01 -3.66 5.67
CA VAL B 682 -30.37 -3.10 5.68
C VAL B 682 -31.41 -4.19 5.36
N ALA B 683 -31.06 -5.10 4.46
CA ALA B 683 -31.96 -6.17 4.11
C ALA B 683 -32.10 -7.21 5.21
N ARG B 684 -31.04 -7.41 5.97
CA ARG B 684 -31.06 -8.37 7.06
C ARG B 684 -31.83 -7.79 8.26
N GLN B 685 -31.62 -6.52 8.59
CA GLN B 685 -32.47 -5.88 9.58
C GLN B 685 -33.95 -5.89 9.16
N LEU B 686 -34.26 -5.71 7.89
CA LEU B 686 -35.66 -5.78 7.44
C LEU B 686 -36.23 -7.14 7.75
N GLY B 687 -35.44 -8.17 7.52
CA GLY B 687 -35.83 -9.54 7.87
C GLY B 687 -36.79 -10.08 6.84
N GLU B 688 -37.05 -11.39 6.92
CA GLU B 688 -37.77 -12.12 5.87
C GLU B 688 -39.17 -11.56 5.65
N SER B 689 -39.90 -11.37 6.73
CA SER B 689 -41.32 -11.01 6.62
C SER B 689 -41.48 -9.71 5.89
N ASN B 690 -40.70 -8.70 6.28
CA ASN B 690 -40.75 -7.40 5.62
C ASN B 690 -40.23 -7.38 4.18
N CYS B 691 -39.12 -8.06 3.95
CA CYS B 691 -38.60 -8.16 2.60
C CYS B 691 -39.64 -8.77 1.67
N THR B 692 -40.38 -9.76 2.16
CA THR B 692 -41.38 -10.43 1.30
C THR B 692 -42.54 -9.45 0.94
N LYS B 693 -42.97 -8.67 1.91
CA LYS B 693 -44.03 -7.67 1.68
C LYS B 693 -43.61 -6.66 0.65
N LEU B 694 -42.39 -6.14 0.83
CA LEU B 694 -41.80 -5.20 -0.12
C LEU B 694 -41.67 -5.84 -1.48
N TYR B 695 -41.21 -7.07 -1.51
CA TYR B 695 -41.03 -7.77 -2.78
C TYR B 695 -42.35 -7.95 -3.56
N ASP B 696 -43.37 -8.48 -2.91
CA ASP B 696 -44.67 -8.73 -3.57
C ASP B 696 -45.27 -7.44 -4.14
N ALA B 697 -45.44 -6.42 -3.30
CA ALA B 697 -45.90 -5.11 -3.76
C ALA B 697 -45.12 -4.63 -4.99
N LEU B 698 -43.78 -4.60 -4.89
CA LEU B 698 -42.93 -4.19 -5.99
C LEU B 698 -43.01 -5.11 -7.20
N HIS B 699 -43.22 -6.40 -6.98
CA HIS B 699 -43.44 -7.30 -8.13
C HIS B 699 -44.67 -6.83 -8.98
N SER B 700 -45.79 -6.53 -8.33
CA SER B 700 -46.95 -6.07 -9.10
C SER B 700 -46.67 -4.73 -9.74
N LEU B 701 -46.22 -3.77 -8.94
CA LEU B 701 -46.05 -2.40 -9.40
C LEU B 701 -45.07 -2.28 -10.56
N ILE B 702 -43.92 -2.92 -10.46
CA ILE B 702 -42.89 -2.78 -11.47
C ILE B 702 -43.33 -3.38 -12.80
N ASN B 703 -44.23 -4.39 -12.73
CA ASN B 703 -44.76 -5.09 -13.93
C ASN B 703 -45.91 -4.36 -14.65
N GLU B 704 -46.34 -3.22 -14.11
CA GLU B 704 -47.07 -2.20 -14.86
C GLU B 704 -46.06 -1.20 -15.47
N ARG B 705 -45.34 -1.63 -16.48
CA ARG B 705 -44.13 -0.95 -16.97
C ARG B 705 -44.36 0.43 -17.58
N ASN B 706 -45.62 0.70 -17.95
CA ASN B 706 -46.02 2.00 -18.47
C ASN B 706 -45.89 3.13 -17.50
N LEU B 707 -45.98 2.84 -16.21
CA LEU B 707 -45.96 3.85 -15.18
C LEU B 707 -44.64 4.53 -15.03
N PHE B 708 -43.63 3.99 -15.70
CA PHE B 708 -42.24 4.43 -15.53
C PHE B 708 -41.74 5.22 -16.70
N THR B 709 -42.49 5.19 -17.80
CA THR B 709 -42.22 5.95 -19.02
C THR B 709 -42.58 7.44 -18.85
N PRO B 710 -41.55 8.34 -18.92
CA PRO B 710 -41.74 9.79 -18.68
C PRO B 710 -42.38 10.48 -19.88
N GLN B 711 -42.58 11.78 -19.82
CA GLN B 711 -43.07 12.51 -20.98
C GLN B 711 -41.96 12.60 -22.03
N GLU B 712 -42.35 12.79 -23.28
CA GLU B 712 -41.39 12.90 -24.39
C GLU B 712 -40.99 14.38 -24.39
N GLN B 713 -39.71 14.66 -24.10
CA GLN B 713 -39.25 16.02 -23.73
C GLN B 713 -38.43 16.69 -24.85
N SER B 714 -39.02 16.83 -26.03
CA SER B 714 -38.34 17.32 -27.24
C SER B 714 -37.27 18.42 -27.01
N SER B 715 -37.60 19.45 -26.22
CA SER B 715 -36.66 20.57 -25.93
C SER B 715 -35.30 20.16 -25.32
N ARG B 716 -35.23 18.95 -24.76
CA ARG B 716 -34.04 18.41 -24.07
C ARG B 716 -33.14 17.51 -24.94
N TRP B 717 -33.71 16.94 -26.02
CA TRP B 717 -33.03 15.95 -26.90
C TRP B 717 -32.64 16.57 -28.23
N THR B 718 -31.45 16.23 -28.69
CA THR B 718 -30.97 16.70 -30.00
C THR B 718 -30.82 15.45 -30.89
N SER B 719 -30.12 14.43 -30.41
CA SER B 719 -30.09 13.14 -31.09
C SER B 719 -31.26 12.25 -30.65
N SER B 720 -31.98 11.73 -31.62
CA SER B 720 -33.03 10.73 -31.39
C SER B 720 -32.49 9.53 -30.62
N PHE B 721 -31.20 9.29 -30.75
CA PHE B 721 -30.66 8.07 -30.21
C PHE B 721 -30.73 8.07 -28.68
N PHE B 722 -30.52 9.24 -28.11
CA PHE B 722 -30.51 9.46 -26.68
C PHE B 722 -31.81 10.10 -26.17
N SER B 723 -32.85 10.08 -27.01
CA SER B 723 -34.20 10.54 -26.62
C SER B 723 -34.91 9.53 -25.70
N SER B 724 -35.86 10.03 -24.90
CA SER B 724 -36.72 9.20 -24.04
C SER B 724 -37.69 8.34 -24.86
N GLU B 725 -38.13 8.85 -26.01
CA GLU B 725 -38.85 8.03 -27.00
C GLU B 725 -38.11 6.71 -27.25
N SER B 726 -36.79 6.78 -27.50
CA SER B 726 -36.04 5.56 -27.82
C SER B 726 -35.65 4.73 -26.56
N ASN B 727 -35.62 5.36 -25.37
CA ASN B 727 -35.13 4.74 -24.12
C ASN B 727 -36.16 4.92 -22.99
N PRO B 728 -37.38 4.37 -23.18
CA PRO B 728 -38.54 4.78 -22.36
C PRO B 728 -38.39 4.44 -20.87
N THR B 729 -37.92 3.23 -20.57
CA THR B 729 -37.86 2.80 -19.19
C THR B 729 -36.54 3.17 -18.56
N PRO B 730 -36.56 3.86 -17.42
CA PRO B 730 -35.26 4.14 -16.77
C PRO B 730 -34.44 2.85 -16.48
N ASP B 731 -33.12 2.94 -16.61
CA ASP B 731 -32.27 1.80 -16.48
C ASP B 731 -32.37 1.11 -15.11
N GLY B 732 -32.44 1.88 -14.03
CA GLY B 732 -32.67 1.31 -12.71
C GLY B 732 -33.91 0.43 -12.63
N ILE B 733 -35.00 0.89 -13.23
CA ILE B 733 -36.21 0.09 -13.31
C ILE B 733 -36.02 -1.19 -14.14
N LYS B 734 -35.31 -1.09 -15.25
CA LYS B 734 -35.00 -2.27 -16.11
C LYS B 734 -34.21 -3.34 -15.36
N GLN B 735 -33.29 -2.89 -14.51
CA GLN B 735 -32.46 -3.74 -13.69
C GLN B 735 -33.24 -4.43 -12.59
N ILE B 736 -34.22 -3.73 -12.04
CA ILE B 736 -35.05 -4.30 -11.03
C ILE B 736 -35.96 -5.30 -11.67
N LEU B 737 -36.51 -5.06 -12.85
CA LEU B 737 -37.16 -6.16 -13.56
C LEU B 737 -36.21 -7.36 -13.76
N GLU B 738 -35.01 -7.12 -14.31
CA GLU B 738 -34.02 -8.20 -14.56
C GLU B 738 -33.83 -9.08 -13.30
N LEU B 739 -33.81 -8.43 -12.13
CA LEU B 739 -33.54 -9.08 -10.87
C LEU B 739 -34.72 -9.88 -10.42
N MSE B 740 -35.91 -9.48 -10.85
CA MSE B 740 -37.14 -10.17 -10.50
C MSE B 740 -37.59 -11.14 -11.53
O MSE B 740 -38.68 -11.69 -11.41
CB MSE B 740 -38.22 -9.12 -10.32
CG MSE B 740 -37.98 -8.60 -8.93
SE MSE B 740 -39.11 -7.07 -8.59
CE MSE B 740 -40.15 -7.86 -7.14
N LEU B 741 -36.78 -11.39 -12.57
CA LEU B 741 -37.21 -12.27 -13.68
C LEU B 741 -37.19 -13.75 -13.26
N SER B 742 -36.16 -14.21 -12.55
CA SER B 742 -36.19 -15.52 -11.85
C SER B 742 -37.29 -15.48 -10.77
N PRO B 743 -37.98 -16.63 -10.51
CA PRO B 743 -38.88 -16.58 -9.35
C PRO B 743 -38.12 -16.86 -8.04
N SER B 744 -38.59 -16.29 -6.92
CA SER B 744 -37.88 -16.37 -5.62
C SER B 744 -38.86 -16.36 -4.45
N SER B 745 -38.49 -17.07 -3.37
CA SER B 745 -39.34 -17.11 -2.17
C SER B 745 -38.54 -17.12 -0.85
N GLY B 746 -39.12 -16.50 0.17
CA GLY B 746 -38.67 -16.66 1.55
C GLY B 746 -37.34 -16.01 1.94
N LYS B 747 -36.33 -16.85 2.20
CA LYS B 747 -34.94 -16.39 2.45
C LYS B 747 -34.43 -15.65 1.23
N ASP B 748 -34.76 -16.17 0.06
CA ASP B 748 -34.29 -15.62 -1.20
C ASP B 748 -34.63 -14.12 -1.32
N ASN B 749 -35.81 -13.74 -0.85
CA ASN B 749 -36.29 -12.34 -0.88
C ASN B 749 -35.39 -11.35 -0.14
N ILE B 750 -34.67 -11.82 0.87
CA ILE B 750 -33.71 -10.97 1.55
C ILE B 750 -32.57 -10.58 0.61
N ILE B 751 -32.01 -11.52 -0.15
CA ILE B 751 -30.91 -11.19 -1.08
C ILE B 751 -31.46 -10.29 -2.21
N ARG B 752 -32.61 -10.65 -2.76
CA ARG B 752 -33.23 -9.81 -3.78
C ARG B 752 -33.37 -8.35 -3.31
N ILE B 753 -33.79 -8.15 -2.08
CA ILE B 753 -33.96 -6.79 -1.60
C ILE B 753 -32.58 -6.13 -1.42
N GLU B 754 -31.60 -6.90 -0.95
CA GLU B 754 -30.19 -6.46 -0.87
C GLU B 754 -29.80 -5.90 -2.23
N LYS B 755 -30.03 -6.71 -3.26
CA LYS B 755 -29.62 -6.38 -4.58
C LYS B 755 -30.37 -5.21 -5.16
N ILE B 756 -31.67 -5.19 -4.94
CA ILE B 756 -32.51 -4.10 -5.42
C ILE B 756 -32.15 -2.79 -4.74
N LEU B 757 -31.79 -2.86 -3.46
CA LEU B 757 -31.27 -1.67 -2.78
C LEU B 757 -29.89 -1.24 -3.28
N GLN B 758 -29.08 -2.17 -3.79
CA GLN B 758 -27.82 -1.78 -4.49
C GLN B 758 -28.10 -0.91 -5.72
N VAL B 759 -29.07 -1.32 -6.54
CA VAL B 759 -29.50 -0.52 -7.69
C VAL B 759 -29.99 0.88 -7.32
N VAL B 760 -30.95 0.93 -6.42
CA VAL B 760 -31.46 2.19 -5.95
C VAL B 760 -30.35 3.09 -5.43
N SER B 761 -29.43 2.53 -4.64
CA SER B 761 -28.41 3.35 -3.99
C SER B 761 -27.55 4.08 -4.99
N GLU B 762 -27.47 3.54 -6.22
CA GLU B 762 -26.75 4.19 -7.34
C GLU B 762 -27.53 5.26 -8.13
N ARG B 763 -28.83 5.39 -7.89
CA ARG B 763 -29.65 6.34 -8.63
C ARG B 763 -29.42 7.78 -8.15
N PRO B 764 -29.64 8.75 -9.06
CA PRO B 764 -29.56 10.16 -8.64
C PRO B 764 -30.66 10.50 -7.65
N GLU B 765 -30.39 11.39 -6.70
CA GLU B 765 -31.33 11.74 -5.64
C GLU B 765 -32.62 12.28 -6.23
N ILE B 766 -32.43 13.36 -7.00
CA ILE B 766 -33.47 14.15 -7.62
C ILE B 766 -33.36 14.02 -9.14
N ASP B 767 -34.50 13.80 -9.78
CA ASP B 767 -34.60 13.88 -11.23
C ASP B 767 -36.01 14.25 -11.62
N GLY B 768 -36.21 15.54 -11.91
CA GLY B 768 -37.53 16.14 -12.17
C GLY B 768 -38.32 15.50 -13.29
N SER B 769 -37.68 14.70 -14.17
CA SER B 769 -38.42 14.06 -15.29
C SER B 769 -39.02 12.66 -14.97
N ARG B 770 -38.69 12.13 -13.79
CA ARG B 770 -39.25 10.83 -13.39
C ARG B 770 -40.72 10.91 -13.17
N THR B 771 -41.43 9.83 -13.49
CA THR B 771 -42.86 9.72 -13.15
C THR B 771 -43.10 9.46 -11.66
N GLU B 772 -44.36 9.59 -11.24
CA GLU B 772 -44.79 9.38 -9.86
C GLU B 772 -44.38 7.99 -9.35
N ALA B 773 -44.51 6.97 -10.19
CA ALA B 773 -44.16 5.61 -9.80
C ALA B 773 -42.64 5.36 -9.61
N THR B 774 -41.84 5.79 -10.59
CA THR B 774 -40.40 5.78 -10.46
C THR B 774 -40.03 6.45 -9.14
N ASN B 775 -40.54 7.67 -8.87
CA ASN B 775 -40.21 8.34 -7.60
C ASN B 775 -40.60 7.59 -6.34
N SER B 776 -41.70 6.87 -6.40
CA SER B 776 -42.11 6.11 -5.23
C SER B 776 -41.16 4.90 -5.07
N VAL B 777 -40.86 4.21 -6.16
CA VAL B 777 -39.99 3.06 -6.06
C VAL B 777 -38.58 3.41 -5.56
N TYR B 778 -37.93 4.36 -6.24
CA TYR B 778 -36.63 4.81 -5.82
C TYR B 778 -36.65 5.49 -4.46
N GLY B 779 -37.58 6.40 -4.28
CA GLY B 779 -37.66 7.19 -3.06
C GLY B 779 -37.91 6.39 -1.81
N ARG B 780 -38.82 5.43 -1.85
CA ARG B 780 -39.16 4.68 -0.64
C ARG B 780 -38.06 3.72 -0.29
N LEU B 781 -37.61 2.98 -1.30
CA LEU B 781 -36.49 2.06 -1.12
C LEU B 781 -35.30 2.78 -0.58
N ARG B 782 -35.02 3.95 -1.11
CA ARG B 782 -33.86 4.65 -0.67
C ARG B 782 -34.01 5.01 0.79
N SER B 783 -35.24 5.29 1.22
CA SER B 783 -35.51 5.72 2.61
C SER B 783 -35.14 4.63 3.64
N PHE B 784 -34.97 3.38 3.21
CA PHE B 784 -34.39 2.36 4.08
C PHE B 784 -32.88 2.46 4.28
N LEU B 785 -32.20 3.26 3.45
CA LEU B 785 -30.76 3.39 3.47
C LEU B 785 -30.29 4.60 4.26
N ASN B 786 -31.19 5.53 4.53
CA ASN B 786 -30.88 6.64 5.44
C ASN B 786 -31.64 6.43 6.73
N CYS B 787 -31.32 7.24 7.73
CA CYS B 787 -32.15 7.27 8.94
C CYS B 787 -33.22 8.31 8.69
N SER B 788 -34.41 8.14 9.27
CA SER B 788 -35.53 9.06 9.03
C SER B 788 -35.40 10.29 9.92
N GLU B 789 -36.17 11.33 9.62
CA GLU B 789 -36.18 12.55 10.44
C GLU B 789 -36.74 12.22 11.84
N LYS B 790 -38.04 11.92 11.94
CA LYS B 790 -38.60 11.42 13.20
C LYS B 790 -38.45 9.90 13.16
N ALA B 791 -37.66 9.35 14.08
CA ALA B 791 -37.31 7.93 14.00
C ALA B 791 -38.58 7.10 13.91
N THR B 792 -38.70 6.32 12.83
CA THR B 792 -39.86 5.45 12.59
C THR B 792 -39.38 4.02 12.22
N THR B 793 -40.07 2.96 12.65
CA THR B 793 -39.54 1.61 12.42
C THR B 793 -39.48 1.34 10.92
N PHE B 794 -38.50 0.52 10.56
CA PHE B 794 -38.49 -0.16 9.29
C PHE B 794 -39.89 -0.72 8.95
N SER B 795 -40.51 -1.34 9.94
CA SER B 795 -41.82 -1.94 9.77
C SER B 795 -42.91 -0.93 9.44
N GLU B 796 -42.80 0.26 10.02
CA GLU B 796 -43.73 1.36 9.69
C GLU B 796 -43.52 1.89 8.25
N ILE B 797 -42.26 1.99 7.83
CA ILE B 797 -41.93 2.42 6.46
C ILE B 797 -42.38 1.34 5.48
N VAL B 798 -42.22 0.08 5.83
CA VAL B 798 -42.73 -0.97 4.96
C VAL B 798 -44.22 -0.84 4.72
N SER B 799 -44.95 -0.69 5.82
CA SER B 799 -46.39 -0.47 5.86
C SER B 799 -46.80 0.60 4.86
N THR B 800 -46.27 1.81 5.06
CA THR B 800 -46.54 2.97 4.22
C THR B 800 -46.18 2.72 2.76
N THR B 801 -45.05 2.04 2.55
CA THR B 801 -44.53 1.79 1.20
C THR B 801 -45.40 0.78 0.51
N VAL B 802 -45.75 -0.28 1.21
CA VAL B 802 -46.62 -1.24 0.58
C VAL B 802 -47.98 -0.63 0.23
N GLU B 803 -48.52 0.22 1.10
CA GLU B 803 -49.78 0.89 0.76
C GLU B 803 -49.59 1.71 -0.49
N GLU B 804 -48.59 2.58 -0.48
CA GLU B 804 -48.36 3.51 -1.60
C GLU B 804 -48.26 2.73 -2.89
N TRP B 805 -47.42 1.71 -2.91
CA TRP B 805 -47.20 0.96 -4.16
C TRP B 805 -48.47 0.24 -4.61
N THR B 806 -49.17 -0.33 -3.64
CA THR B 806 -50.37 -1.07 -3.93
C THR B 806 -51.39 -0.15 -4.60
N LYS B 807 -51.50 1.08 -4.06
CA LYS B 807 -52.37 2.09 -4.63
C LYS B 807 -52.01 2.39 -6.08
N LEU B 808 -50.77 2.81 -6.32
CA LEU B 808 -50.27 3.03 -7.69
C LEU B 808 -50.58 1.84 -8.64
N PHE B 809 -50.42 0.63 -8.12
CA PHE B 809 -50.71 -0.59 -8.87
C PHE B 809 -52.22 -0.66 -9.22
N GLU B 810 -53.09 -0.48 -8.23
CA GLU B 810 -54.55 -0.52 -8.46
C GLU B 810 -55.04 0.56 -9.43
N GLU B 811 -54.56 1.79 -9.25
CA GLU B 811 -54.94 2.89 -10.17
C GLU B 811 -54.60 2.54 -11.59
N SER B 812 -53.41 1.98 -11.77
CA SER B 812 -52.95 1.59 -13.10
C SER B 812 -53.80 0.46 -13.68
N LYS B 813 -54.15 -0.50 -12.82
CA LYS B 813 -54.96 -1.64 -13.21
C LYS B 813 -56.35 -1.22 -13.65
N ARG B 814 -56.91 -0.25 -12.95
CA ARG B 814 -58.20 0.29 -13.32
C ARG B 814 -58.18 1.16 -14.57
N ALA B 815 -57.14 1.97 -14.72
CA ALA B 815 -57.00 2.85 -15.89
C ALA B 815 -56.77 2.09 -17.20
N HIS B 816 -56.06 0.97 -17.16
CA HIS B 816 -55.89 0.14 -18.36
C HIS B 816 -57.20 -0.58 -18.71
N VAL B 817 -57.97 -0.93 -17.68
CA VAL B 817 -59.30 -1.53 -17.84
C VAL B 817 -60.41 -0.52 -18.26
N LYS B 818 -60.17 0.78 -18.07
CA LYS B 818 -61.06 1.84 -18.60
C LYS B 818 -60.58 2.43 -19.92
N GLU B 819 -59.42 2.02 -20.42
CA GLU B 819 -58.96 2.34 -21.78
C GLU B 819 -59.13 1.10 -22.69
N PHE B 820 -59.48 -0.03 -22.07
CA PHE B 820 -59.92 -1.27 -22.75
C PHE B 820 -61.47 -1.28 -22.88
N GLU B 821 -62.16 -0.34 -22.20
CA GLU B 821 -63.58 0.03 -22.50
C GLU B 821 -63.66 1.03 -23.65
N SER B 822 -62.61 1.84 -23.82
CA SER B 822 -62.43 2.69 -25.03
C SER B 822 -62.47 1.86 -26.30
N SER B 823 -61.95 0.64 -26.21
CA SER B 823 -61.96 -0.31 -27.31
C SER B 823 -63.42 -0.58 -27.80
N HIS B 824 -64.42 -0.47 -26.90
CA HIS B 824 -65.88 -0.42 -27.27
C HIS B 824 -66.10 0.62 -28.37
#